data_3NWA
#
_entry.id   3NWA
#
_cell.length_a   117.090
_cell.length_b   117.090
_cell.length_c   321.378
_cell.angle_alpha   90.00
_cell.angle_beta   90.00
_cell.angle_gamma   120.00
#
_symmetry.space_group_name_H-M   'P 3'
#
loop_
_entity.id
_entity.type
_entity.pdbx_description
1 polymer 'Envelope glycoprotein B'
2 non-polymer 2-acetamido-2-deoxy-beta-D-glucopyranose
3 non-polymer MESO-ERYTHRITOL
4 water water
#
_entity_poly.entity_id   1
_entity_poly.type   'polypeptide(L)'
_entity_poly.pdbx_seq_one_letter_code
;DPAAPTSPGTPGVAAATQAANGGPATPAPPALGAAPTGDPKPKKNKKPKNPTPPRPAGDNATVAAGHATLREHLRDIKAE
NTDANFYVCPPPTGATVVQFEQPRRCPTRPEGQNYTEGIAVVFKENIAPYKFKATMYYKDVTVSQVRFGHRYSQFMGIFE
DRAPVPFEEVIDKINAKGVCRSTAKYVRNNLETTAFHRDDHETDMELKPANAATRTSRGWHTTDLKYNPSRVEAFHRYGT
TVNCIVEEVDARSVYPYDEFVLATGDFVYMSPFYGYREGSHTEHTSYAADRFKQVDGFYARDLTTKARATAPTTRNLLTT
PKFTVAWDWVPKRPSVCTMTKWQEVDEMLRSEYGGSFRFSSDAISTTFTTNLTEYPLSRVDLGDCIGKDARDAMDRIFAR
RYNATHIKVGQPQYYLANGGFLIAYQPLLSNTLAELYVREHLREQSRKPPNPTPPPPGASANASVERIKTTSSIEFARLQ
FTYNHIQRHVNDMLGRVAIAWCELQNHELTLWNEARKLNPNAIASVTVGRRVSARMLGDVMAVSTCVPVAADNVIVQNSM
RISSRPGACYSRPLVSFRYEDQGPLVEGQLGENNELRLTRDAIEPCTVGHRRYFTFGGGYVYFEEYAYSHQLSRADITTV
STFIDLNITMLEDHEFVPLEVYTRHEIKDSGLLDYTEVQRRNQLHDLRFADIDTVIHADANAA
;
_entity_poly.pdbx_strand_id   B,A,C,D
#
loop_
_chem_comp.id
_chem_comp.type
_chem_comp.name
_chem_comp.formula
MRY non-polymer MESO-ERYTHRITOL 'C4 H10 O4'
NAG D-saccharide, beta linking 2-acetamido-2-deoxy-beta-D-glucopyranose 'C8 H15 N O6'
#
# COMPACT_ATOMS: atom_id res chain seq x y z
N ASP A 76 42.90 70.55 101.09
CA ASP A 76 42.34 69.51 101.95
C ASP A 76 41.33 68.63 101.21
N ILE A 77 40.19 69.22 100.82
CA ILE A 77 39.11 68.43 100.20
C ILE A 77 39.38 68.04 98.75
N LYS A 78 39.81 66.81 98.55
CA LYS A 78 39.99 66.26 97.21
C LYS A 78 38.88 65.27 96.91
N ALA A 79 38.67 65.00 95.62
CA ALA A 79 37.58 64.14 95.18
C ALA A 79 37.76 62.68 95.63
N GLU A 80 36.68 62.11 96.17
CA GLU A 80 36.70 60.73 96.65
C GLU A 80 36.57 59.72 95.49
N ASN A 81 35.86 60.12 94.43
CA ASN A 81 35.77 59.30 93.22
C ASN A 81 36.92 59.60 92.28
N THR A 82 38.10 59.10 92.65
CA THR A 82 39.32 59.33 91.90
C THR A 82 39.18 59.05 90.41
N ASP A 83 38.19 58.25 90.04
CA ASP A 83 38.14 57.65 88.71
C ASP A 83 37.57 58.57 87.62
N ALA A 84 37.97 59.83 87.61
CA ALA A 84 37.48 60.79 86.62
C ALA A 84 38.53 61.76 86.07
N ASN A 85 38.09 62.65 85.19
CA ASN A 85 38.98 63.58 84.51
C ASN A 85 38.49 65.03 84.56
N PHE A 86 39.40 65.97 84.74
CA PHE A 86 39.03 67.38 84.71
C PHE A 86 39.63 68.08 83.51
N TYR A 87 38.95 69.12 83.05
CA TYR A 87 39.38 69.80 81.84
C TYR A 87 39.48 71.30 82.03
N VAL A 88 40.67 71.84 81.84
CA VAL A 88 40.82 73.27 81.81
C VAL A 88 40.53 73.73 80.39
N CYS A 89 39.45 74.47 80.21
CA CYS A 89 39.04 74.87 78.89
C CYS A 89 39.37 76.32 78.59
N PRO A 90 40.39 76.53 77.75
CA PRO A 90 40.86 77.85 77.33
C PRO A 90 39.71 78.64 76.73
N PRO A 91 39.72 79.97 76.92
CA PRO A 91 38.72 80.80 76.24
C PRO A 91 38.99 80.68 74.76
N PRO A 92 38.00 80.26 73.99
CA PRO A 92 38.22 80.07 72.55
C PRO A 92 38.84 81.34 71.99
N THR A 93 40.13 81.30 71.66
CA THR A 93 40.81 82.50 71.19
C THR A 93 40.09 83.16 70.01
N GLY A 94 39.34 82.35 69.26
CA GLY A 94 38.68 82.81 68.05
C GLY A 94 39.49 82.43 66.83
N ALA A 95 40.64 81.79 67.09
CA ALA A 95 41.56 81.43 66.03
C ALA A 95 40.98 80.33 65.16
N THR A 96 40.17 79.45 65.76
CA THR A 96 39.63 78.30 65.05
C THR A 96 38.12 78.33 65.00
N VAL A 97 37.60 78.39 63.77
CA VAL A 97 36.17 78.48 63.55
C VAL A 97 35.64 77.29 62.73
N VAL A 98 34.51 76.74 63.16
CA VAL A 98 33.85 75.65 62.43
C VAL A 98 32.38 75.98 62.18
N GLN A 99 31.78 75.23 61.28
CA GLN A 99 30.37 75.39 61.00
C GLN A 99 29.75 74.00 61.07
N PHE A 100 28.47 73.91 61.43
CA PHE A 100 27.75 72.65 61.34
C PHE A 100 27.51 72.32 59.89
N GLU A 101 27.49 71.03 59.58
CA GLU A 101 27.08 70.59 58.26
C GLU A 101 25.59 70.77 58.10
N GLN A 102 25.18 71.22 56.92
CA GLN A 102 23.77 71.49 56.69
C GLN A 102 23.00 70.30 56.07
N PRO A 103 21.66 70.37 56.08
CA PRO A 103 20.85 69.19 55.73
C PRO A 103 21.31 68.50 54.44
N ARG A 104 21.54 67.19 54.52
CA ARG A 104 21.98 66.39 53.38
C ARG A 104 20.81 66.12 52.45
N ARG A 105 21.10 65.86 51.19
CA ARG A 105 20.07 65.39 50.27
C ARG A 105 19.74 63.98 50.69
N CYS A 106 18.45 63.71 50.90
CA CYS A 106 18.01 62.39 51.30
C CYS A 106 17.47 61.63 50.10
N PRO A 107 17.76 60.32 50.03
CA PRO A 107 17.36 59.44 48.94
C PRO A 107 15.86 59.37 48.79
N THR A 108 15.39 58.67 47.76
CA THR A 108 13.96 58.57 47.51
C THR A 108 13.58 57.11 47.38
N ARG A 109 12.33 56.80 47.70
CA ARG A 109 11.82 55.45 47.46
C ARG A 109 12.00 55.12 45.99
N PRO A 110 12.62 53.98 45.69
CA PRO A 110 12.84 53.56 44.30
C PRO A 110 11.56 53.59 43.48
N GLU A 111 11.71 53.83 42.18
CA GLU A 111 10.58 53.78 41.25
C GLU A 111 9.92 52.41 41.33
N GLY A 112 8.62 52.39 41.62
CA GLY A 112 7.87 51.15 41.73
C GLY A 112 7.75 50.35 40.45
N GLN A 113 8.16 49.07 40.52
CA GLN A 113 8.12 48.17 39.38
C GLN A 113 6.68 47.80 39.05
N ASN A 114 6.32 47.84 37.77
CA ASN A 114 4.97 47.50 37.33
C ASN A 114 4.81 46.01 37.07
N TYR A 115 3.71 45.43 37.55
CA TYR A 115 3.42 44.04 37.29
C TYR A 115 2.25 43.91 36.32
N THR A 116 2.41 43.04 35.33
CA THR A 116 1.30 42.71 34.45
C THR A 116 0.61 41.51 35.06
N GLU A 117 -0.71 41.62 35.24
CA GLU A 117 -1.51 40.46 35.63
C GLU A 117 -1.75 39.57 34.42
N GLY A 118 -1.86 38.26 34.66
CA GLY A 118 -2.10 37.32 33.59
C GLY A 118 -2.55 35.94 34.03
N ILE A 119 -3.09 35.20 33.07
CA ILE A 119 -3.32 33.76 33.22
C ILE A 119 -2.14 33.09 32.56
N ALA A 120 -1.68 31.97 33.13
CA ALA A 120 -0.54 31.29 32.53
C ALA A 120 -0.71 29.78 32.49
N VAL A 121 -0.18 29.16 31.45
CA VAL A 121 -0.09 27.70 31.36
C VAL A 121 1.37 27.29 31.11
N VAL A 122 1.92 26.47 32.00
CA VAL A 122 3.30 26.08 31.88
C VAL A 122 3.42 24.66 31.33
N PHE A 123 4.33 24.45 30.38
CA PHE A 123 4.53 23.14 29.74
C PHE A 123 5.92 22.56 30.00
N LYS A 124 5.98 21.23 30.06
CA LYS A 124 7.22 20.50 30.26
C LYS A 124 7.48 19.53 29.11
N GLU A 125 8.74 19.17 28.90
CA GLU A 125 9.09 18.11 27.96
C GLU A 125 8.19 16.91 28.24
N ASN A 126 7.62 16.33 27.18
CA ASN A 126 6.81 15.12 27.32
C ASN A 126 7.69 13.87 27.41
N ILE A 127 7.50 13.08 28.46
CA ILE A 127 8.35 11.92 28.67
C ILE A 127 7.54 10.61 28.73
N ALA A 128 6.24 10.74 28.53
CA ALA A 128 5.37 9.57 28.44
C ALA A 128 5.33 9.11 27.00
N PRO A 129 5.24 7.78 26.77
CA PRO A 129 5.13 7.26 25.42
C PRO A 129 3.75 7.56 24.81
N TYR A 130 3.69 7.71 23.50
CA TYR A 130 2.42 7.72 22.81
C TYR A 130 1.76 6.37 23.03
N LYS A 131 0.53 6.36 23.50
CA LYS A 131 -0.12 5.12 23.89
C LYS A 131 -1.37 4.89 23.05
N PHE A 132 -1.56 3.66 22.58
CA PHE A 132 -2.74 3.38 21.79
C PHE A 132 -3.19 1.92 21.86
N LYS A 133 -4.38 1.67 21.34
CA LYS A 133 -4.95 0.33 21.37
C LYS A 133 -4.65 -0.43 20.08
N ALA A 134 -4.35 -1.71 20.24
CA ALA A 134 -4.08 -2.59 19.11
C ALA A 134 -4.75 -3.94 19.35
N THR A 135 -4.73 -4.82 18.34
CA THR A 135 -5.24 -6.17 18.51
C THR A 135 -4.34 -7.12 17.78
N MET A 136 -3.89 -8.17 18.47
CA MET A 136 -3.01 -9.16 17.87
C MET A 136 -3.81 -10.35 17.37
N TYR A 137 -3.33 -10.94 16.29
CA TYR A 137 -3.91 -12.18 15.80
C TYR A 137 -2.80 -13.14 15.46
N TYR A 138 -2.74 -14.23 16.22
CA TYR A 138 -1.77 -15.27 15.98
C TYR A 138 -2.34 -16.56 16.52
N LYS A 139 -1.76 -17.68 16.11
CA LYS A 139 -2.12 -18.98 16.66
C LYS A 139 -0.93 -19.64 17.37
N ASP A 140 -1.20 -20.20 18.55
CA ASP A 140 -0.24 -21.04 19.22
C ASP A 140 -0.22 -22.41 18.54
N VAL A 141 0.90 -22.72 17.90
CA VAL A 141 1.12 -24.03 17.29
C VAL A 141 2.10 -24.86 18.12
N THR A 142 1.67 -26.06 18.52
CA THR A 142 2.52 -26.98 19.27
C THR A 142 2.57 -28.30 18.53
N VAL A 143 3.77 -28.83 18.33
CA VAL A 143 3.92 -30.17 17.80
C VAL A 143 4.74 -30.96 18.79
N SER A 144 4.10 -31.94 19.45
CA SER A 144 4.82 -32.77 20.39
C SER A 144 5.32 -34.05 19.72
N GLN A 145 6.46 -34.54 20.19
CA GLN A 145 6.94 -35.86 19.83
C GLN A 145 6.89 -36.73 21.07
N VAL A 146 6.18 -37.85 20.97
CA VAL A 146 5.92 -38.70 22.13
C VAL A 146 6.53 -40.08 21.97
N ARG A 147 6.68 -40.77 23.09
CA ARG A 147 7.18 -42.12 23.06
C ARG A 147 6.65 -42.86 24.28
N PHE A 148 6.31 -44.13 24.11
CA PHE A 148 5.68 -44.88 25.19
C PHE A 148 6.52 -46.03 25.69
N GLY A 149 6.65 -46.12 27.00
CA GLY A 149 7.26 -47.27 27.64
C GLY A 149 6.16 -48.02 28.34
N HIS A 150 6.48 -49.14 28.95
CA HIS A 150 5.46 -49.90 29.65
C HIS A 150 4.98 -49.12 30.85
N ARG A 151 3.73 -48.66 30.80
CA ARG A 151 3.15 -47.88 31.89
C ARG A 151 3.88 -46.55 32.11
N TYR A 152 4.18 -45.86 31.02
CA TYR A 152 4.75 -44.51 31.10
C TYR A 152 5.05 -43.96 29.72
N SER A 153 5.01 -42.65 29.61
CA SER A 153 5.29 -41.97 28.36
C SER A 153 6.17 -40.77 28.65
N GLN A 154 6.97 -40.37 27.67
CA GLN A 154 7.92 -39.30 27.86
C GLN A 154 7.87 -38.38 26.66
N PHE A 155 8.03 -37.08 26.91
CA PHE A 155 8.20 -36.13 25.83
C PHE A 155 9.62 -36.20 25.34
N MET A 156 9.77 -36.46 24.04
CA MET A 156 11.06 -36.48 23.38
C MET A 156 11.36 -35.08 22.85
N GLY A 157 10.30 -34.31 22.63
CA GLY A 157 10.42 -32.95 22.16
C GLY A 157 9.08 -32.27 22.22
N ILE A 158 9.10 -30.95 22.26
CA ILE A 158 7.88 -30.15 22.08
C ILE A 158 8.20 -28.93 21.23
N PHE A 159 7.69 -28.91 20.01
CA PHE A 159 7.84 -27.78 19.14
C PHE A 159 6.76 -26.78 19.47
N GLU A 160 7.18 -25.54 19.69
CA GLU A 160 6.23 -24.46 19.92
C GLU A 160 6.56 -23.30 18.99
N ASP A 161 5.52 -22.70 18.44
CA ASP A 161 5.73 -21.55 17.57
C ASP A 161 4.49 -20.67 17.62
N ARG A 162 4.65 -19.43 17.20
CA ARG A 162 3.53 -18.53 17.02
C ARG A 162 3.44 -18.25 15.55
N ALA A 163 2.23 -18.28 15.03
CA ALA A 163 2.00 -18.03 13.61
C ALA A 163 0.98 -16.91 13.46
N PRO A 164 1.22 -16.04 12.47
CA PRO A 164 0.29 -14.93 12.16
C PRO A 164 -1.02 -15.45 11.59
N VAL A 165 -2.12 -14.79 11.90
CA VAL A 165 -3.38 -15.02 11.18
C VAL A 165 -3.33 -14.17 9.91
N PRO A 166 -3.65 -14.77 8.75
CA PRO A 166 -3.61 -13.94 7.56
C PRO A 166 -4.65 -12.85 7.62
N PHE A 167 -4.31 -11.72 7.04
CA PHE A 167 -5.23 -10.62 6.76
C PHE A 167 -6.62 -11.17 6.47
N GLU A 168 -6.69 -11.99 5.43
CA GLU A 168 -7.96 -12.47 4.91
C GLU A 168 -8.82 -13.24 5.94
N GLU A 169 -8.18 -14.06 6.75
CA GLU A 169 -8.93 -14.77 7.79
C GLU A 169 -9.41 -13.82 8.89
N VAL A 170 -8.59 -12.83 9.23
CA VAL A 170 -8.98 -11.83 10.22
C VAL A 170 -10.29 -11.13 9.84
N ILE A 171 -10.36 -10.65 8.61
CA ILE A 171 -11.56 -10.01 8.10
C ILE A 171 -12.72 -10.99 7.88
N ASP A 172 -12.53 -11.95 6.99
CA ASP A 172 -13.59 -12.90 6.62
C ASP A 172 -14.12 -13.77 7.76
N LYS A 173 -13.21 -14.48 8.43
CA LYS A 173 -13.59 -15.40 9.49
C LYS A 173 -13.92 -14.71 10.81
N ILE A 174 -12.91 -14.03 11.36
CA ILE A 174 -12.94 -13.53 12.73
C ILE A 174 -13.84 -12.33 12.90
N ASN A 175 -13.42 -11.20 12.32
CA ASN A 175 -14.18 -9.96 12.44
C ASN A 175 -15.61 -10.15 12.00
N ALA A 176 -15.79 -10.94 10.94
CA ALA A 176 -17.12 -11.17 10.40
C ALA A 176 -17.93 -12.11 11.28
N LYS A 177 -17.35 -13.26 11.64
CA LYS A 177 -18.13 -14.32 12.24
C LYS A 177 -17.66 -14.74 13.62
N GLY A 178 -16.54 -14.18 14.08
CA GLY A 178 -15.94 -14.62 15.32
C GLY A 178 -15.40 -16.05 15.25
N VAL A 179 -14.84 -16.43 14.11
CA VAL A 179 -14.28 -17.77 13.97
C VAL A 179 -12.88 -17.74 13.39
N CYS A 180 -12.16 -18.83 13.62
CA CYS A 180 -10.78 -19.03 13.22
C CYS A 180 -10.70 -20.35 12.52
N ARG A 181 -9.75 -20.51 11.60
CA ARG A 181 -9.47 -21.81 10.98
C ARG A 181 -8.64 -22.68 11.90
N SER A 182 -8.82 -24.00 11.83
CA SER A 182 -8.15 -24.91 12.75
C SER A 182 -6.74 -25.27 12.28
N THR A 183 -6.37 -24.79 11.10
CA THR A 183 -5.05 -25.02 10.56
C THR A 183 -4.27 -23.72 10.61
N ALA A 184 -2.94 -23.82 10.62
CA ALA A 184 -2.10 -22.64 10.56
C ALA A 184 -1.16 -22.73 9.38
N LYS A 185 -1.13 -21.68 8.57
CA LYS A 185 -0.27 -21.65 7.40
C LYS A 185 0.38 -20.27 7.29
N TYR A 186 1.70 -20.25 7.41
CA TYR A 186 2.46 -19.02 7.43
C TYR A 186 3.85 -19.32 6.92
N VAL A 187 4.68 -18.30 6.79
CA VAL A 187 6.05 -18.56 6.41
C VAL A 187 6.96 -18.60 7.64
N ARG A 188 7.77 -19.64 7.74
CA ARG A 188 8.76 -19.74 8.81
C ARG A 188 10.04 -20.33 8.24
N ASN A 189 11.18 -19.81 8.67
CA ASN A 189 12.48 -20.23 8.16
C ASN A 189 12.46 -20.50 6.65
N ASN A 190 11.89 -19.55 5.91
CA ASN A 190 11.91 -19.59 4.46
C ASN A 190 11.09 -20.74 3.88
N LEU A 191 10.20 -21.30 4.68
CA LEU A 191 9.33 -22.38 4.22
C LEU A 191 7.87 -22.01 4.45
N GLU A 192 7.01 -22.43 3.54
CA GLU A 192 5.58 -22.26 3.78
C GLU A 192 5.07 -23.52 4.46
N THR A 193 4.58 -23.36 5.68
CA THR A 193 4.31 -24.50 6.55
C THR A 193 2.84 -24.51 7.01
N THR A 194 2.33 -25.71 7.34
CA THR A 194 0.90 -25.90 7.66
C THR A 194 0.74 -26.84 8.85
N ALA A 195 -0.03 -26.43 9.85
CA ALA A 195 -0.25 -27.28 11.02
C ALA A 195 -1.73 -27.58 11.22
N PHE A 196 -2.04 -28.82 11.61
CA PHE A 196 -3.43 -29.24 11.75
C PHE A 196 -3.74 -29.58 13.19
N HIS A 197 -4.70 -28.87 13.77
CA HIS A 197 -5.11 -29.21 15.11
C HIS A 197 -5.51 -30.70 15.08
N ARG A 198 -4.95 -31.48 16.01
CA ARG A 198 -5.26 -32.92 16.06
C ARG A 198 -4.86 -33.63 14.77
N ASP A 199 -4.11 -32.94 13.93
CA ASP A 199 -3.68 -33.49 12.65
C ASP A 199 -4.88 -33.97 11.84
N ASP A 200 -6.04 -33.39 12.16
CA ASP A 200 -7.31 -33.77 11.57
C ASP A 200 -7.62 -32.78 10.46
N HIS A 201 -8.81 -32.87 9.84
CA HIS A 201 -9.21 -31.97 8.76
C HIS A 201 -9.62 -30.59 9.27
N GLU A 202 -9.47 -29.58 8.40
CA GLU A 202 -9.77 -28.20 8.76
C GLU A 202 -11.24 -27.92 9.02
N THR A 203 -11.49 -27.17 10.09
CA THR A 203 -12.80 -26.61 10.33
C THR A 203 -12.62 -25.16 10.76
N ASP A 204 -13.71 -24.54 11.14
CA ASP A 204 -13.66 -23.22 11.74
C ASP A 204 -14.09 -23.43 13.17
N MET A 205 -13.46 -22.72 14.11
CA MET A 205 -13.79 -22.92 15.52
C MET A 205 -14.21 -21.60 16.15
N GLU A 206 -15.15 -21.67 17.10
CA GLU A 206 -15.68 -20.48 17.75
C GLU A 206 -14.68 -19.88 18.76
N LEU A 207 -14.66 -18.56 18.88
CA LEU A 207 -13.72 -17.92 19.79
C LEU A 207 -14.33 -17.61 21.15
N LYS A 208 -13.71 -18.09 22.22
CA LYS A 208 -14.21 -17.86 23.58
C LYS A 208 -13.27 -16.94 24.36
N PRO A 209 -13.80 -16.23 25.37
CA PRO A 209 -12.89 -15.40 26.15
C PRO A 209 -11.81 -16.25 26.79
N ALA A 210 -10.65 -15.66 27.00
CA ALA A 210 -9.62 -16.33 27.77
C ALA A 210 -10.13 -16.41 29.18
N ASN A 211 -9.71 -17.43 29.91
CA ASN A 211 -10.05 -17.52 31.32
C ASN A 211 -9.73 -16.22 32.05
N ALA A 212 -10.68 -15.75 32.84
CA ALA A 212 -10.52 -14.49 33.54
C ALA A 212 -9.19 -14.40 34.27
N ALA A 213 -8.51 -13.27 34.13
CA ALA A 213 -7.27 -13.02 34.86
C ALA A 213 -7.33 -11.59 35.38
N THR A 214 -6.79 -11.39 36.57
CA THR A 214 -6.80 -10.07 37.18
C THR A 214 -5.90 -9.10 36.42
N ARG A 215 -6.43 -7.91 36.21
CA ARG A 215 -5.68 -6.84 35.55
C ARG A 215 -5.00 -7.30 34.28
N THR A 216 -5.80 -7.74 33.29
CA THR A 216 -5.30 -7.89 31.93
C THR A 216 -6.38 -7.44 30.97
N SER A 217 -5.94 -6.96 29.81
CA SER A 217 -6.85 -6.62 28.72
C SER A 217 -7.49 -7.90 28.16
N ARG A 218 -8.39 -7.77 27.18
CA ARG A 218 -9.21 -8.90 26.72
C ARG A 218 -8.51 -9.88 25.78
N GLY A 219 -8.87 -11.15 25.89
CA GLY A 219 -8.35 -12.18 25.02
C GLY A 219 -9.41 -13.19 24.62
N TRP A 220 -9.16 -13.93 23.54
CA TRP A 220 -10.05 -15.00 23.10
C TRP A 220 -9.21 -16.11 22.49
N HIS A 221 -9.68 -17.35 22.59
CA HIS A 221 -8.94 -18.46 22.01
C HIS A 221 -9.92 -19.51 21.52
N THR A 222 -9.45 -20.45 20.69
CA THR A 222 -10.31 -21.50 20.15
C THR A 222 -10.06 -22.82 20.87
N THR A 223 -8.80 -23.09 21.17
CA THR A 223 -8.40 -24.36 21.73
C THR A 223 -7.98 -24.24 23.18
N ASP A 224 -8.41 -25.16 24.02
CA ASP A 224 -7.96 -25.15 25.42
C ASP A 224 -7.02 -26.30 25.82
N LEU A 225 -6.96 -27.35 25.00
CA LEU A 225 -6.11 -28.50 25.29
C LEU A 225 -4.98 -28.69 24.30
N LYS A 226 -3.91 -29.34 24.74
CA LYS A 226 -2.83 -29.71 23.84
C LYS A 226 -3.09 -31.13 23.30
N TYR A 227 -3.15 -31.28 21.98
CA TYR A 227 -3.35 -32.61 21.42
C TYR A 227 -2.08 -33.45 21.44
N ASN A 228 -2.18 -34.61 22.08
CA ASN A 228 -1.10 -35.59 22.03
C ASN A 228 -1.63 -36.94 21.55
N PRO A 229 -0.85 -37.61 20.68
CA PRO A 229 -1.20 -38.93 20.13
C PRO A 229 -1.30 -39.99 21.23
N SER A 230 -2.29 -40.86 21.12
CA SER A 230 -2.47 -41.92 22.10
C SER A 230 -1.45 -43.06 21.93
N ARG A 231 -1.34 -43.89 22.97
CA ARG A 231 -0.36 -44.97 23.01
C ARG A 231 -0.43 -45.97 21.85
N VAL A 232 -1.63 -46.27 21.37
CA VAL A 232 -1.81 -47.27 20.32
C VAL A 232 -1.50 -46.78 18.90
N GLU A 233 -1.57 -45.46 18.69
CA GLU A 233 -1.42 -44.90 17.34
C GLU A 233 0.01 -45.01 16.81
N ALA A 234 0.46 -46.23 16.51
CA ALA A 234 1.86 -46.45 16.22
C ALA A 234 2.34 -45.79 14.91
N PHE A 235 1.42 -45.29 14.11
CA PHE A 235 1.80 -44.61 12.87
C PHE A 235 1.70 -43.09 13.01
N HIS A 236 1.52 -42.62 14.25
CA HIS A 236 1.26 -41.21 14.53
C HIS A 236 1.87 -40.89 15.89
N ARG A 237 3.19 -40.69 15.90
CA ARG A 237 3.90 -40.43 17.16
C ARG A 237 4.17 -38.94 17.44
N TYR A 238 3.67 -38.08 16.55
CA TYR A 238 3.71 -36.64 16.73
C TYR A 238 2.28 -36.16 16.92
N GLY A 239 2.08 -35.06 17.65
CA GLY A 239 0.75 -34.53 17.87
C GLY A 239 0.73 -33.02 17.74
N THR A 240 -0.02 -32.53 16.75
CA THR A 240 -0.09 -31.10 16.48
C THR A 240 -1.31 -30.43 17.10
N THR A 241 -1.06 -29.36 17.84
CA THR A 241 -2.12 -28.52 18.39
C THR A 241 -2.13 -27.14 17.73
N VAL A 242 -3.31 -26.56 17.62
CA VAL A 242 -3.43 -25.21 17.13
C VAL A 242 -4.41 -24.54 18.07
N ASN A 243 -4.06 -23.35 18.54
CA ASN A 243 -4.92 -22.54 19.37
C ASN A 243 -4.87 -21.14 18.83
N CYS A 244 -5.90 -20.73 18.11
CA CYS A 244 -5.92 -19.39 17.56
C CYS A 244 -6.17 -18.39 18.67
N ILE A 245 -5.36 -17.34 18.72
CA ILE A 245 -5.46 -16.34 19.79
C ILE A 245 -5.62 -14.91 19.25
N VAL A 246 -6.65 -14.23 19.75
CA VAL A 246 -6.76 -12.79 19.56
C VAL A 246 -6.60 -12.12 20.92
N GLU A 247 -5.86 -11.02 20.97
CA GLU A 247 -5.73 -10.26 22.21
C GLU A 247 -5.90 -8.77 21.93
N GLU A 248 -6.54 -8.06 22.86
CA GLU A 248 -6.47 -6.60 22.90
C GLU A 248 -5.29 -6.18 23.77
N VAL A 249 -4.34 -5.46 23.20
CA VAL A 249 -3.12 -5.10 23.92
C VAL A 249 -2.87 -3.60 23.88
N ASP A 250 -2.18 -3.08 24.89
CA ASP A 250 -1.68 -1.71 24.83
C ASP A 250 -0.44 -1.69 23.94
N ALA A 251 -0.29 -0.63 23.17
CA ALA A 251 0.93 -0.41 22.40
C ALA A 251 1.50 0.94 22.74
N ARG A 252 2.82 1.07 22.70
CA ARG A 252 3.50 2.32 23.09
C ARG A 252 4.56 2.64 22.06
N SER A 253 4.82 3.93 21.86
CA SER A 253 5.82 4.34 20.89
C SER A 253 6.58 5.55 21.39
N VAL A 254 7.90 5.47 21.38
CA VAL A 254 8.70 6.61 21.77
C VAL A 254 8.92 7.54 20.57
N TYR A 255 9.17 8.80 20.88
CA TYR A 255 9.56 9.78 19.88
C TYR A 255 10.82 9.30 19.19
N PRO A 256 10.87 9.38 17.85
CA PRO A 256 9.96 10.01 16.88
C PRO A 256 8.93 9.07 16.29
N TYR A 257 8.59 8.00 16.99
CA TYR A 257 7.45 7.21 16.59
C TYR A 257 7.70 6.55 15.24
N ASP A 258 8.77 5.75 15.20
CA ASP A 258 9.23 5.06 14.01
C ASP A 258 8.97 3.56 14.14
N GLU A 259 8.75 3.13 15.38
CA GLU A 259 8.46 1.74 15.65
C GLU A 259 7.68 1.74 16.94
N PHE A 260 7.20 0.58 17.38
CA PHE A 260 6.48 0.54 18.65
C PHE A 260 6.46 -0.83 19.28
N VAL A 261 5.97 -0.92 20.51
CA VAL A 261 5.87 -2.19 21.23
C VAL A 261 4.45 -2.53 21.65
N LEU A 262 4.23 -3.80 21.94
CA LEU A 262 2.93 -4.28 22.40
C LEU A 262 3.10 -4.67 23.85
N ALA A 263 2.00 -4.94 24.55
CA ALA A 263 2.07 -5.29 25.97
C ALA A 263 2.72 -6.64 26.20
N THR A 264 2.82 -7.43 25.14
CA THR A 264 3.39 -8.76 25.22
C THR A 264 4.91 -8.72 25.28
N GLY A 265 5.48 -7.58 24.88
CA GLY A 265 6.92 -7.43 24.85
C GLY A 265 7.42 -7.48 23.43
N ASP A 266 6.50 -7.51 22.50
CA ASP A 266 6.87 -7.70 21.10
C ASP A 266 7.09 -6.35 20.46
N PHE A 267 8.25 -6.18 19.83
CA PHE A 267 8.53 -4.99 19.02
C PHE A 267 7.85 -5.07 17.66
N VAL A 268 7.19 -4.01 17.25
CA VAL A 268 6.66 -3.90 15.90
C VAL A 268 7.43 -2.78 15.24
N TYR A 269 8.23 -3.12 14.24
CA TYR A 269 9.20 -2.16 13.69
C TYR A 269 8.60 -1.34 12.57
N MET A 270 7.44 -0.76 12.85
CA MET A 270 6.76 0.12 11.93
C MET A 270 6.14 1.25 12.74
N SER A 271 6.20 2.47 12.20
CA SER A 271 5.54 3.62 12.81
C SER A 271 4.05 3.35 13.08
N PRO A 272 3.56 3.73 14.27
CA PRO A 272 2.10 3.63 14.47
C PRO A 272 1.35 4.48 13.45
N PHE A 273 2.04 5.44 12.86
CA PHE A 273 1.40 6.42 11.97
C PHE A 273 1.61 6.09 10.51
N TYR A 274 2.26 4.96 10.26
CA TYR A 274 2.47 4.47 8.91
C TYR A 274 1.14 4.07 8.29
N GLY A 275 1.03 4.33 6.98
CA GLY A 275 -0.16 3.99 6.23
C GLY A 275 -0.02 4.42 4.78
N TYR A 276 -1.13 4.42 4.05
CA TYR A 276 -1.12 4.74 2.63
C TYR A 276 -1.55 6.17 2.35
N ARG A 277 -2.56 6.65 3.10
CA ARG A 277 -3.18 7.94 2.85
C ARG A 277 -2.51 9.18 3.46
N GLU A 278 -2.51 10.27 2.69
CA GLU A 278 -2.15 11.59 3.20
C GLU A 278 -0.72 11.71 3.71
N GLY A 279 0.23 11.10 3.00
CA GLY A 279 1.61 11.13 3.45
C GLY A 279 1.87 10.34 4.72
N SER A 280 1.20 9.20 4.86
CA SER A 280 1.53 8.18 5.86
C SER A 280 2.69 7.38 5.35
N HIS A 281 2.68 7.12 4.05
CA HIS A 281 3.70 6.32 3.39
C HIS A 281 5.07 6.96 3.55
N THR A 282 5.09 8.11 4.19
CA THR A 282 6.32 8.81 4.55
C THR A 282 7.00 8.05 5.67
N GLU A 283 6.21 7.72 6.68
CA GLU A 283 6.70 7.13 7.91
C GLU A 283 7.50 5.86 7.64
N HIS A 284 8.15 5.36 8.69
CA HIS A 284 9.03 4.22 8.59
C HIS A 284 8.31 2.87 8.65
N THR A 285 8.78 1.96 7.80
CA THR A 285 8.45 0.54 7.88
C THR A 285 9.70 -0.27 7.54
N SER A 286 9.90 -1.36 8.27
CA SER A 286 11.03 -2.26 8.00
C SER A 286 10.57 -3.50 7.24
N TYR A 287 9.28 -3.54 6.91
CA TYR A 287 8.69 -4.75 6.38
C TYR A 287 8.55 -4.70 4.87
N ALA A 288 8.20 -5.83 4.27
CA ALA A 288 7.84 -5.87 2.86
C ALA A 288 6.41 -5.37 2.71
N ALA A 289 6.11 -4.78 1.56
CA ALA A 289 4.85 -4.11 1.33
C ALA A 289 3.61 -4.95 1.59
N ASP A 290 3.69 -6.24 1.26
CA ASP A 290 2.54 -7.12 1.33
C ASP A 290 2.24 -7.58 2.74
N ARG A 291 3.08 -7.19 3.69
CA ARG A 291 2.84 -7.52 5.08
C ARG A 291 1.86 -6.55 5.68
N PHE A 292 1.63 -5.44 4.98
CA PHE A 292 0.80 -4.35 5.47
C PHE A 292 -0.41 -4.09 4.58
N LYS A 293 -1.58 -4.08 5.22
CA LYS A 293 -2.84 -3.75 4.55
C LYS A 293 -3.49 -2.58 5.28
N GLN A 294 -4.12 -1.68 4.54
CA GLN A 294 -4.91 -0.62 5.16
C GLN A 294 -6.37 -0.74 4.70
N VAL A 295 -7.23 -1.25 5.58
CA VAL A 295 -8.63 -1.48 5.24
C VAL A 295 -9.50 -0.25 5.47
N ASP A 296 -10.08 0.27 4.40
CA ASP A 296 -10.88 1.47 4.50
C ASP A 296 -12.32 1.14 4.91
N GLY A 297 -12.98 2.06 5.60
CA GLY A 297 -14.36 1.86 6.01
C GLY A 297 -14.58 0.60 6.82
N PHE A 298 -13.69 0.36 7.78
CA PHE A 298 -13.70 -0.88 8.54
C PHE A 298 -14.65 -0.85 9.74
N TYR A 299 -15.52 -1.84 9.84
CA TYR A 299 -16.42 -1.97 10.99
C TYR A 299 -16.03 -3.15 11.85
N ALA A 300 -15.58 -2.88 13.07
CA ALA A 300 -15.22 -3.98 13.97
C ALA A 300 -16.47 -4.63 14.53
N ARG A 301 -16.28 -5.83 15.06
CA ARG A 301 -17.38 -6.60 15.63
C ARG A 301 -16.88 -7.20 16.94
N ASP A 302 -17.40 -6.69 18.05
CA ASP A 302 -16.97 -7.15 19.36
C ASP A 302 -17.09 -8.67 19.32
N LEU A 303 -16.07 -9.36 19.82
CA LEU A 303 -16.07 -10.81 19.76
C LEU A 303 -16.81 -11.42 20.94
N THR A 304 -17.17 -10.59 21.90
CA THR A 304 -18.02 -11.05 23.00
C THR A 304 -19.47 -10.61 22.83
N THR A 305 -19.70 -9.32 22.59
CA THR A 305 -21.08 -8.84 22.41
C THR A 305 -21.59 -9.18 21.02
N LYS A 306 -20.66 -9.46 20.11
CA LYS A 306 -21.01 -9.79 18.72
C LYS A 306 -21.59 -8.58 18.00
N ALA A 307 -21.46 -7.41 18.62
CA ALA A 307 -22.00 -6.17 18.07
C ALA A 307 -20.95 -5.42 17.27
N ARG A 308 -21.32 -4.96 16.09
CA ARG A 308 -20.39 -4.22 15.26
C ARG A 308 -20.45 -2.71 15.56
N ALA A 309 -19.28 -2.06 15.53
CA ALA A 309 -19.14 -0.64 15.86
C ALA A 309 -20.12 0.24 15.09
N THR A 310 -20.41 1.43 15.63
CA THR A 310 -21.39 2.29 14.98
C THR A 310 -20.78 3.09 13.83
N ALA A 311 -19.55 3.57 14.04
CA ALA A 311 -18.78 4.22 12.99
C ALA A 311 -17.65 3.30 12.54
N PRO A 312 -16.97 3.65 11.42
CA PRO A 312 -15.92 2.80 10.87
C PRO A 312 -14.55 3.44 11.05
N THR A 313 -13.51 2.63 10.92
CA THR A 313 -12.17 3.18 11.01
C THR A 313 -11.33 2.88 9.78
N THR A 314 -10.13 3.43 9.75
CA THR A 314 -9.14 3.04 8.75
C THR A 314 -8.28 2.00 9.45
N ARG A 315 -8.53 0.73 9.16
CA ARG A 315 -7.90 -0.34 9.91
C ARG A 315 -6.55 -0.76 9.34
N ASN A 316 -5.49 -0.60 10.14
CA ASN A 316 -4.16 -1.05 9.75
C ASN A 316 -3.92 -2.49 10.18
N LEU A 317 -3.27 -3.26 9.31
CA LEU A 317 -2.86 -4.61 9.65
C LEU A 317 -1.44 -4.84 9.18
N LEU A 318 -0.60 -5.30 10.09
CA LEU A 318 0.72 -5.77 9.68
C LEU A 318 0.95 -7.19 10.15
N THR A 319 1.30 -8.07 9.21
CA THR A 319 1.70 -9.42 9.52
C THR A 319 3.20 -9.49 9.78
N THR A 320 3.58 -9.84 11.01
CA THR A 320 4.98 -10.13 11.31
C THR A 320 5.20 -11.64 11.18
N PRO A 321 6.45 -12.08 11.37
CA PRO A 321 6.67 -13.53 11.37
C PRO A 321 5.95 -14.28 12.50
N LYS A 322 5.59 -13.62 13.59
CA LYS A 322 4.97 -14.34 14.71
C LYS A 322 3.56 -13.89 15.08
N PHE A 323 3.07 -12.85 14.42
CA PHE A 323 1.70 -12.37 14.67
C PHE A 323 1.28 -11.26 13.71
N THR A 324 -0.04 -11.10 13.55
CA THR A 324 -0.61 -10.03 12.76
C THR A 324 -1.24 -9.02 13.71
N VAL A 325 -0.91 -7.74 13.54
CA VAL A 325 -1.35 -6.73 14.50
C VAL A 325 -2.14 -5.61 13.82
N ALA A 326 -3.34 -5.34 14.32
CA ALA A 326 -4.19 -4.33 13.73
C ALA A 326 -4.24 -3.13 14.64
N TRP A 327 -4.57 -1.98 14.07
CA TRP A 327 -4.87 -0.79 14.86
C TRP A 327 -5.51 0.29 13.99
N ASP A 328 -6.30 1.16 14.60
CA ASP A 328 -6.99 2.21 13.86
C ASP A 328 -6.00 3.29 13.50
N TRP A 329 -5.91 3.61 12.21
CA TRP A 329 -4.97 4.64 11.79
C TRP A 329 -5.45 6.05 12.14
N VAL A 330 -4.58 6.80 12.83
CA VAL A 330 -4.81 8.21 13.12
C VAL A 330 -3.55 8.99 12.77
N PRO A 331 -3.72 10.25 12.36
CA PRO A 331 -2.66 11.19 11.94
C PRO A 331 -1.59 11.47 13.02
N LYS A 332 -0.34 11.60 12.61
CA LYS A 332 0.76 11.85 13.54
C LYS A 332 0.60 13.16 14.31
N ARG A 333 0.59 14.27 13.60
CA ARG A 333 0.61 15.59 14.23
C ARG A 333 -0.55 15.88 15.21
N PRO A 334 -1.73 15.31 14.99
CA PRO A 334 -2.80 15.58 15.95
C PRO A 334 -2.86 14.55 17.07
N SER A 335 -1.87 13.66 17.12
CA SER A 335 -1.93 12.57 18.09
C SER A 335 -0.79 12.58 19.09
N VAL A 336 0.36 13.07 18.65
CA VAL A 336 1.52 13.17 19.54
C VAL A 336 1.88 14.64 19.78
N CYS A 337 2.43 14.91 20.96
CA CYS A 337 3.01 16.23 21.23
C CYS A 337 4.26 16.10 22.11
N THR A 338 5.29 16.86 21.75
CA THR A 338 6.55 16.77 22.46
C THR A 338 6.52 17.49 23.81
N MET A 339 5.43 18.20 24.08
CA MET A 339 5.27 18.93 25.34
C MET A 339 4.00 18.52 26.03
N THR A 340 4.00 18.69 27.35
CA THR A 340 2.91 18.27 28.22
C THR A 340 2.56 19.46 29.10
N LYS A 341 1.29 19.72 29.29
CA LYS A 341 0.86 20.78 30.19
C LYS A 341 1.15 20.31 31.60
N TRP A 342 1.70 21.20 32.42
CA TRP A 342 2.10 20.84 33.78
C TRP A 342 1.36 21.67 34.81
N GLN A 343 1.22 22.96 34.58
CA GLN A 343 0.57 23.85 35.54
C GLN A 343 -0.37 24.86 34.90
N GLU A 344 -1.55 25.02 35.49
CA GLU A 344 -2.40 26.16 35.20
C GLU A 344 -2.29 27.21 36.32
N VAL A 345 -1.98 28.45 35.95
CA VAL A 345 -1.81 29.53 36.94
C VAL A 345 -2.77 30.70 36.65
N ASP A 346 -3.64 30.99 37.62
CA ASP A 346 -4.62 32.07 37.47
C ASP A 346 -3.91 33.41 37.34
N GLU A 347 -3.07 33.72 38.33
CA GLU A 347 -2.31 34.96 38.32
C GLU A 347 -0.83 34.71 38.15
N MET A 348 -0.33 34.88 36.93
CA MET A 348 1.09 34.84 36.75
C MET A 348 1.53 36.27 36.53
N LEU A 349 2.42 36.76 37.38
CA LEU A 349 2.79 38.17 37.30
C LEU A 349 4.00 38.39 36.41
N ARG A 350 3.82 39.26 35.43
CA ARG A 350 4.87 39.53 34.48
C ARG A 350 5.49 40.92 34.71
N SER A 351 6.80 40.92 34.97
CA SER A 351 7.52 42.14 35.22
C SER A 351 8.82 42.10 34.47
N GLU A 352 9.03 43.11 33.63
CA GLU A 352 10.18 43.17 32.76
C GLU A 352 11.36 43.77 33.48
N TYR A 353 12.48 43.06 33.53
CA TYR A 353 13.72 43.68 33.99
C TYR A 353 14.97 42.85 33.74
N GLY A 354 16.07 43.53 33.46
CA GLY A 354 17.34 42.87 33.22
C GLY A 354 17.52 42.27 31.83
N GLY A 355 16.69 42.71 30.87
CA GLY A 355 16.73 42.16 29.53
C GLY A 355 15.97 40.84 29.43
N SER A 356 15.49 40.38 30.58
CA SER A 356 14.65 39.20 30.66
C SER A 356 13.31 39.58 31.25
N PHE A 357 12.28 38.80 30.97
CA PHE A 357 11.05 38.89 31.74
C PHE A 357 11.21 37.99 32.94
N ARG A 358 10.36 38.19 33.95
CA ARG A 358 10.26 37.25 35.05
C ARG A 358 8.79 36.92 35.24
N PHE A 359 8.49 35.66 35.53
CA PHE A 359 7.11 35.26 35.75
C PHE A 359 6.97 34.64 37.12
N SER A 360 6.11 35.23 37.94
CA SER A 360 5.96 34.77 39.32
C SER A 360 4.57 34.28 39.61
N SER A 361 4.52 33.22 40.40
CA SER A 361 3.26 32.67 40.84
C SER A 361 3.35 32.44 42.34
N ASP A 362 2.50 33.11 43.09
CA ASP A 362 2.52 32.95 44.53
C ASP A 362 1.74 31.70 44.89
N ALA A 363 0.82 31.33 44.01
CA ALA A 363 0.04 30.11 44.15
C ALA A 363 1.00 28.93 44.26
N ILE A 364 1.98 28.87 43.37
CA ILE A 364 2.95 27.78 43.41
C ILE A 364 4.34 28.22 43.84
N SER A 365 4.48 29.49 44.20
CA SER A 365 5.75 30.00 44.71
C SER A 365 6.88 29.69 43.74
N THR A 366 6.68 29.97 42.46
CA THR A 366 7.70 29.71 41.45
C THR A 366 7.95 30.95 40.60
N THR A 367 9.23 31.23 40.29
CA THR A 367 9.61 32.36 39.44
C THR A 367 10.50 31.94 38.26
N PHE A 368 10.00 32.12 37.04
CA PHE A 368 10.74 31.75 35.83
C PHE A 368 11.26 32.97 35.11
N THR A 369 12.28 32.77 34.28
CA THR A 369 12.99 33.88 33.64
C THR A 369 13.22 33.64 32.15
N THR A 370 12.58 34.45 31.31
CA THR A 370 12.66 34.28 29.85
C THR A 370 13.25 35.52 29.16
N ASN A 371 13.70 35.36 27.91
CA ASN A 371 14.19 36.50 27.13
C ASN A 371 13.05 37.45 26.83
N LEU A 372 13.36 38.68 26.44
CA LEU A 372 12.32 39.68 26.20
C LEU A 372 11.50 39.42 24.94
N THR A 373 11.90 38.43 24.16
CA THR A 373 11.19 38.13 22.92
C THR A 373 10.41 36.82 23.02
N GLU A 374 9.27 36.78 22.34
CA GLU A 374 8.42 35.60 22.32
C GLU A 374 9.09 34.41 21.65
N TYR A 375 8.64 33.22 22.03
CA TYR A 375 9.15 31.97 21.44
C TYR A 375 8.10 31.35 20.53
N PRO A 376 8.39 31.29 19.22
CA PRO A 376 7.45 30.86 18.18
C PRO A 376 7.02 29.42 18.40
N LEU A 377 5.72 29.21 18.49
CA LEU A 377 5.16 27.89 18.67
C LEU A 377 5.41 27.01 17.44
N SER A 378 5.76 27.67 16.35
CA SER A 378 6.03 27.01 15.09
C SER A 378 7.45 26.49 15.06
N ARG A 379 8.18 26.72 16.14
CA ARG A 379 9.58 26.37 16.19
C ARG A 379 9.75 24.97 16.77
N VAL A 380 8.66 24.41 17.27
CA VAL A 380 8.71 23.11 17.94
C VAL A 380 8.31 21.99 16.99
N ASP A 381 8.89 20.81 17.21
CA ASP A 381 8.51 19.65 16.43
C ASP A 381 7.33 18.93 17.06
N LEU A 382 6.31 18.67 16.27
CA LEU A 382 5.11 18.04 16.81
C LEU A 382 4.66 18.74 18.09
N GLY A 383 4.65 20.06 18.06
CA GLY A 383 4.12 20.82 19.17
C GLY A 383 2.79 21.45 18.84
N ASP A 384 1.84 20.66 18.37
CA ASP A 384 0.52 21.22 18.05
C ASP A 384 -0.55 20.86 19.07
N CYS A 385 -0.12 20.41 20.24
CA CYS A 385 -1.01 20.29 21.38
C CYS A 385 -0.95 21.59 22.21
N ILE A 386 0.18 22.28 22.12
CA ILE A 386 0.44 23.46 22.93
C ILE A 386 -0.52 24.60 22.66
N GLY A 387 -0.53 25.08 21.42
CA GLY A 387 -1.42 26.16 21.04
C GLY A 387 -2.80 25.95 21.62
N LYS A 388 -3.40 24.79 21.33
CA LYS A 388 -4.77 24.51 21.71
C LYS A 388 -4.98 24.23 23.20
N ASP A 389 -3.99 23.62 23.84
CA ASP A 389 -4.07 23.28 25.27
C ASP A 389 -4.10 24.53 26.13
N ALA A 390 -3.30 25.51 25.72
CA ALA A 390 -3.26 26.82 26.38
C ALA A 390 -4.66 27.45 26.47
N ARG A 391 -5.21 27.76 25.30
CA ARG A 391 -6.49 28.46 25.20
C ARG A 391 -7.63 27.77 25.97
N ASP A 392 -7.77 26.46 25.81
CA ASP A 392 -8.88 25.79 26.47
C ASP A 392 -8.92 26.15 27.95
N ALA A 393 -7.79 26.03 28.62
CA ALA A 393 -7.72 26.28 30.05
C ALA A 393 -7.89 27.76 30.37
N MET A 394 -7.27 28.61 29.55
CA MET A 394 -7.35 30.05 29.75
C MET A 394 -8.77 30.56 29.65
N ASP A 395 -9.36 30.46 28.47
CA ASP A 395 -10.75 30.80 28.31
C ASP A 395 -11.49 30.29 29.53
N ARG A 396 -11.19 29.05 29.91
CA ARG A 396 -11.82 28.44 31.07
C ARG A 396 -11.58 29.26 32.34
N ILE A 397 -10.33 29.66 32.57
CA ILE A 397 -9.95 30.43 33.77
C ILE A 397 -10.47 31.86 33.73
N PHE A 398 -10.19 32.55 32.62
CA PHE A 398 -10.68 33.90 32.41
C PHE A 398 -12.17 34.03 32.73
N ALA A 399 -12.94 33.03 32.32
CA ALA A 399 -14.35 33.00 32.63
C ALA A 399 -14.54 33.01 34.13
N ARG A 400 -14.06 31.96 34.77
CA ARG A 400 -14.24 31.76 36.20
C ARG A 400 -13.57 32.80 37.09
N ARG A 401 -12.99 33.84 36.50
CA ARG A 401 -12.21 34.75 37.34
C ARG A 401 -12.02 36.18 36.83
N TYR A 402 -12.16 36.37 35.53
CA TYR A 402 -11.80 37.66 34.97
C TYR A 402 -12.85 38.30 34.08
N ASN A 403 -13.79 37.50 33.58
CA ASN A 403 -14.79 37.99 32.62
C ASN A 403 -15.53 39.24 33.12
N ALA A 404 -15.53 39.45 34.43
CA ALA A 404 -16.28 40.54 35.04
C ALA A 404 -15.39 41.73 35.39
N THR A 405 -14.37 41.45 36.21
CA THR A 405 -13.47 42.46 36.75
C THR A 405 -12.40 42.82 35.74
N HIS A 406 -12.29 42.02 34.68
CA HIS A 406 -11.17 42.14 33.76
C HIS A 406 -11.53 41.84 32.33
N ILE A 407 -10.56 42.06 31.44
CA ILE A 407 -10.63 41.59 30.07
C ILE A 407 -9.24 41.13 29.62
N LYS A 408 -9.18 40.40 28.51
CA LYS A 408 -7.91 39.96 27.95
C LYS A 408 -7.21 41.14 27.29
N VAL A 409 -5.95 40.94 26.90
CA VAL A 409 -5.19 41.95 26.19
C VAL A 409 -4.26 41.28 25.19
N GLY A 410 -4.62 41.34 23.91
CA GLY A 410 -3.81 40.74 22.87
C GLY A 410 -3.97 39.23 22.78
N GLN A 411 -3.34 38.62 21.79
CA GLN A 411 -3.43 37.17 21.61
C GLN A 411 -2.28 36.44 22.31
N PRO A 412 -2.59 35.27 22.91
CA PRO A 412 -1.63 34.52 23.73
C PRO A 412 -0.21 34.56 23.20
N GLN A 413 0.76 34.57 24.11
CA GLN A 413 2.17 34.62 23.76
C GLN A 413 2.87 33.42 24.36
N TYR A 414 4.09 33.14 23.90
CA TYR A 414 4.84 31.98 24.36
C TYR A 414 6.30 32.36 24.55
N TYR A 415 6.87 31.95 25.68
CA TYR A 415 8.26 32.24 26.00
C TYR A 415 8.97 31.01 26.54
N LEU A 416 10.27 30.94 26.36
CA LEU A 416 11.06 29.81 26.83
C LEU A 416 11.88 30.14 28.07
N ALA A 417 11.46 29.60 29.21
CA ALA A 417 12.13 29.82 30.47
C ALA A 417 13.39 28.98 30.57
N ASN A 418 14.32 29.38 31.42
CA ASN A 418 15.42 28.49 31.74
C ASN A 418 14.86 27.34 32.51
N GLY A 419 15.48 26.18 32.37
CA GLY A 419 14.92 24.94 32.85
C GLY A 419 14.13 24.23 31.76
N GLY A 420 13.97 24.89 30.62
CA GLY A 420 13.23 24.34 29.50
C GLY A 420 11.75 24.27 29.79
N PHE A 421 11.19 25.34 30.35
CA PHE A 421 9.74 25.40 30.52
C PHE A 421 9.16 26.31 29.46
N LEU A 422 7.93 26.03 29.05
CA LEU A 422 7.26 26.84 28.07
C LEU A 422 5.98 27.37 28.66
N ILE A 423 5.91 28.69 28.73
CA ILE A 423 4.82 29.38 29.36
C ILE A 423 3.89 30.01 28.32
N ALA A 424 2.63 29.61 28.38
CA ALA A 424 1.58 30.33 27.67
C ALA A 424 1.02 31.35 28.64
N TYR A 425 0.90 32.60 28.19
CA TYR A 425 0.48 33.70 29.06
C TYR A 425 -0.63 34.51 28.41
N GLN A 426 -1.73 34.69 29.13
CA GLN A 426 -2.80 35.55 28.66
C GLN A 426 -2.86 36.83 29.51
N PRO A 427 -2.31 37.94 28.98
CA PRO A 427 -2.38 39.24 29.68
C PRO A 427 -3.81 39.67 29.97
N LEU A 428 -4.05 40.11 31.21
CA LEU A 428 -5.37 40.53 31.64
C LEU A 428 -5.39 42.04 31.85
N LEU A 429 -6.56 42.56 32.20
CA LEU A 429 -6.71 43.98 32.54
C LEU A 429 -8.02 44.25 33.27
N SER A 430 -7.91 44.90 34.43
CA SER A 430 -9.08 45.32 35.17
C SER A 430 -9.71 46.48 34.44
N ASN A 431 -11.03 46.44 34.33
CA ASN A 431 -11.79 47.53 33.74
C ASN A 431 -11.39 48.86 34.35
N THR A 432 -10.89 48.81 35.58
CA THR A 432 -10.42 50.00 36.29
C THR A 432 -9.37 50.77 35.51
N LEU A 433 -8.38 50.06 35.01
CA LEU A 433 -7.29 50.70 34.27
C LEU A 433 -7.56 50.64 32.78
N ALA A 434 -8.84 50.43 32.43
CA ALA A 434 -9.25 50.29 31.04
C ALA A 434 -8.70 51.41 30.16
N GLU A 435 -8.28 52.51 30.77
CA GLU A 435 -7.77 53.66 30.04
C GLU A 435 -6.55 53.35 29.19
N LEU A 436 -5.76 52.36 29.59
CA LEU A 436 -4.57 52.02 28.83
C LEU A 436 -4.84 50.87 27.87
N TYR A 437 -6.07 50.36 27.87
CA TYR A 437 -6.41 49.26 26.98
C TYR A 437 -5.80 49.55 25.62
N VAL A 438 -6.02 50.76 25.14
CA VAL A 438 -5.52 51.16 23.84
C VAL A 438 -3.99 51.20 23.86
N ARG A 439 -3.43 51.75 24.92
CA ARG A 439 -1.98 51.80 25.06
C ARG A 439 -1.38 50.40 25.09
N GLU A 440 -1.75 49.64 26.11
CA GLU A 440 -1.20 48.32 26.35
C GLU A 440 -1.36 47.38 25.15
N HIS A 441 -2.51 47.47 24.49
CA HIS A 441 -2.83 46.56 23.39
C HIS A 441 -1.74 46.52 22.31
N LEU A 442 -0.84 47.49 22.34
CA LEU A 442 0.26 47.54 21.39
C LEU A 442 1.50 46.89 21.97
N ARG A 443 1.84 47.27 23.19
CA ARG A 443 3.04 46.77 23.86
C ARG A 443 3.06 45.25 23.87
N GLU A 444 1.89 44.66 24.10
CA GLU A 444 1.75 43.21 24.21
C GLU A 444 1.90 42.52 22.87
N GLN A 445 2.55 43.19 21.93
CA GLN A 445 2.73 42.65 20.58
C GLN A 445 4.11 42.98 20.03
N SER A 446 4.98 43.52 20.87
CA SER A 446 6.33 43.87 20.46
C SER A 446 7.31 42.70 20.53
N ARG A 447 7.13 41.82 21.51
CA ARG A 447 7.98 40.64 21.65
C ARG A 447 7.60 39.57 20.66
N LYS A 448 6.37 39.67 20.13
CA LYS A 448 5.83 38.70 19.18
C LYS A 448 6.85 38.26 18.14
N PRO A 449 6.74 37.00 17.68
CA PRO A 449 7.60 36.44 16.63
C PRO A 449 7.65 37.33 15.39
N VAL A 465 13.38 23.60 13.67
CA VAL A 465 12.52 22.84 14.57
C VAL A 465 13.34 22.07 15.61
N GLU A 466 12.86 22.05 16.86
CA GLU A 466 13.63 21.41 17.94
C GLU A 466 12.78 20.85 19.09
N ARG A 467 13.38 19.96 19.87
CA ARG A 467 12.73 19.43 21.06
C ARG A 467 13.36 19.95 22.35
N ILE A 468 12.49 20.35 23.28
CA ILE A 468 12.92 20.97 24.53
C ILE A 468 13.17 19.96 25.65
N LYS A 469 14.37 20.01 26.21
CA LYS A 469 14.69 19.24 27.41
C LYS A 469 14.36 20.06 28.64
N THR A 470 13.41 19.55 29.43
CA THR A 470 13.06 20.20 30.68
C THR A 470 13.82 19.53 31.81
N THR A 471 14.21 20.33 32.80
CA THR A 471 14.94 19.84 33.96
C THR A 471 13.97 19.14 34.89
N SER A 472 14.46 18.23 35.70
CA SER A 472 13.59 17.55 36.66
C SER A 472 13.37 18.36 37.94
N SER A 473 14.25 19.34 38.19
CA SER A 473 14.17 20.08 39.44
C SER A 473 13.74 21.53 39.27
N ILE A 474 12.73 21.91 40.04
CA ILE A 474 12.15 23.23 39.94
C ILE A 474 12.63 24.09 41.09
N GLU A 475 13.46 23.54 41.96
CA GLU A 475 13.86 24.22 43.18
C GLU A 475 14.47 25.58 42.84
N PHE A 476 15.26 25.64 41.79
CA PHE A 476 15.85 26.91 41.37
C PHE A 476 14.82 28.05 41.25
N ALA A 477 13.74 27.82 40.50
CA ALA A 477 12.72 28.83 40.30
C ALA A 477 11.98 29.14 41.59
N ARG A 478 11.98 28.19 42.51
CA ARG A 478 11.33 28.38 43.81
C ARG A 478 12.27 29.09 44.80
N LEU A 479 13.57 28.80 44.72
CA LEU A 479 14.55 29.59 45.43
C LEU A 479 14.47 31.01 44.90
N GLN A 480 14.57 31.13 43.58
CA GLN A 480 14.47 32.43 42.95
C GLN A 480 13.29 33.21 43.50
N PHE A 481 12.13 32.55 43.61
CA PHE A 481 10.91 33.23 44.03
C PHE A 481 11.05 33.68 45.46
N THR A 482 11.64 32.84 46.28
CA THR A 482 11.66 33.10 47.69
C THR A 482 12.67 34.18 48.00
N TYR A 483 13.87 34.06 47.43
CA TYR A 483 14.91 35.07 47.61
C TYR A 483 14.40 36.42 47.14
N ASN A 484 13.78 36.43 45.97
CA ASN A 484 13.29 37.67 45.42
C ASN A 484 12.30 38.31 46.36
N HIS A 485 11.34 37.53 46.86
CA HIS A 485 10.32 38.11 47.71
C HIS A 485 10.91 38.64 49.01
N ILE A 486 11.91 37.94 49.51
CA ILE A 486 12.55 38.38 50.73
C ILE A 486 13.50 39.52 50.44
N GLN A 487 14.21 39.44 49.33
CA GLN A 487 15.10 40.53 48.92
C GLN A 487 14.35 41.86 48.81
N ARG A 488 13.28 41.91 48.03
CA ARG A 488 12.58 43.16 47.77
C ARG A 488 12.02 43.76 49.03
N HIS A 489 11.66 42.90 49.97
CA HIS A 489 11.01 43.37 51.17
C HIS A 489 11.98 44.10 52.08
N VAL A 490 13.16 43.55 52.28
CA VAL A 490 14.07 44.22 53.18
C VAL A 490 14.66 45.46 52.51
N ASN A 491 14.95 45.36 51.22
CA ASN A 491 15.42 46.52 50.49
C ASN A 491 14.45 47.68 50.66
N ASP A 492 13.17 47.35 50.63
CA ASP A 492 12.14 48.35 50.78
C ASP A 492 12.05 48.93 52.19
N MET A 493 11.90 48.10 53.22
CA MET A 493 11.76 48.59 54.59
C MET A 493 13.05 49.23 55.14
N LEU A 494 14.20 48.70 54.75
CA LEU A 494 15.47 49.32 55.09
C LEU A 494 15.70 50.58 54.26
N GLY A 495 15.16 50.61 53.04
CA GLY A 495 15.19 51.81 52.27
C GLY A 495 14.40 52.89 52.99
N ARG A 496 13.20 52.54 53.42
CA ARG A 496 12.32 53.48 54.09
C ARG A 496 12.95 53.94 55.38
N VAL A 497 13.53 52.99 56.10
CA VAL A 497 14.23 53.33 57.32
C VAL A 497 15.29 54.38 57.03
N ALA A 498 16.21 54.05 56.11
CA ALA A 498 17.30 54.96 55.77
C ALA A 498 16.78 56.35 55.46
N ILE A 499 15.68 56.41 54.71
CA ILE A 499 15.12 57.69 54.31
C ILE A 499 14.72 58.52 55.54
N ALA A 500 14.08 57.87 56.51
CA ALA A 500 13.66 58.54 57.73
C ALA A 500 14.87 59.00 58.54
N TRP A 501 15.84 58.10 58.71
CA TRP A 501 17.01 58.44 59.47
C TRP A 501 17.58 59.74 58.97
N CYS A 502 17.78 59.86 57.66
CA CYS A 502 18.32 61.08 57.11
C CYS A 502 17.39 62.26 57.42
N GLU A 503 16.11 62.07 57.17
CA GLU A 503 15.15 63.13 57.43
C GLU A 503 15.21 63.57 58.88
N LEU A 504 15.55 62.63 59.75
CA LEU A 504 15.62 62.90 61.18
C LEU A 504 16.91 63.59 61.57
N GLN A 505 17.99 63.34 60.84
CA GLN A 505 19.23 64.06 61.11
C GLN A 505 19.06 65.50 60.68
N ASN A 506 18.45 65.69 59.53
CA ASN A 506 18.20 67.03 59.01
C ASN A 506 17.40 67.87 59.98
N HIS A 507 16.39 67.27 60.62
CA HIS A 507 15.49 68.04 61.47
C HIS A 507 16.08 68.35 62.84
N GLU A 508 16.91 67.45 63.34
CA GLU A 508 17.43 67.62 64.68
C GLU A 508 18.52 68.66 64.70
N LEU A 509 19.14 68.88 63.55
CA LEU A 509 20.13 69.94 63.43
C LEU A 509 19.54 71.22 64.03
N THR A 510 18.33 71.55 63.59
CA THR A 510 17.61 72.69 64.09
C THR A 510 17.57 72.72 65.62
N LEU A 511 17.47 71.55 66.24
CA LEU A 511 17.55 71.48 67.69
C LEU A 511 18.95 71.81 68.19
N TRP A 512 19.97 71.34 67.47
CA TRP A 512 21.35 71.65 67.84
C TRP A 512 21.67 73.13 67.65
N ASN A 513 21.07 73.74 66.64
CA ASN A 513 21.29 75.14 66.38
C ASN A 513 20.82 76.05 67.51
N GLU A 514 19.84 75.59 68.28
CA GLU A 514 19.37 76.36 69.42
C GLU A 514 20.13 75.97 70.68
N ALA A 515 20.53 74.70 70.76
CA ALA A 515 21.26 74.21 71.89
C ALA A 515 22.72 74.71 71.91
N ARG A 516 23.25 75.05 70.74
CA ARG A 516 24.62 75.54 70.68
C ARG A 516 24.74 76.81 71.50
N LYS A 517 23.73 77.66 71.35
CA LYS A 517 23.71 78.97 71.99
C LYS A 517 23.54 78.86 73.49
N LEU A 518 22.79 77.85 73.94
CA LEU A 518 22.56 77.68 75.36
C LEU A 518 23.80 77.19 76.09
N ASN A 519 24.51 76.29 75.43
CA ASN A 519 25.68 75.66 76.04
C ASN A 519 26.68 75.28 74.99
N PRO A 520 27.56 76.22 74.64
CA PRO A 520 28.48 76.05 73.51
C PRO A 520 29.56 75.03 73.79
N ASN A 521 30.01 74.92 75.04
CA ASN A 521 31.10 74.03 75.35
C ASN A 521 30.70 72.58 75.19
N ALA A 522 29.49 72.28 75.63
CA ALA A 522 28.98 70.92 75.60
C ALA A 522 28.59 70.46 74.19
N ILE A 523 27.92 71.34 73.45
CA ILE A 523 27.49 70.98 72.11
C ILE A 523 28.72 70.89 71.25
N ALA A 524 29.64 71.81 71.46
CA ALA A 524 30.91 71.74 70.75
C ALA A 524 31.60 70.42 71.08
N SER A 525 31.82 70.17 72.36
CA SER A 525 32.54 68.98 72.79
C SER A 525 32.00 67.71 72.15
N VAL A 526 30.67 67.62 72.02
CA VAL A 526 30.06 66.40 71.51
C VAL A 526 30.16 66.32 70.00
N THR A 527 29.76 67.39 69.32
CA THR A 527 29.82 67.44 67.86
C THR A 527 31.24 67.18 67.41
N VAL A 528 32.12 68.10 67.77
CA VAL A 528 33.54 68.01 67.45
C VAL A 528 34.14 66.66 67.81
N GLY A 529 33.67 66.06 68.90
CA GLY A 529 34.16 64.77 69.33
C GLY A 529 35.42 64.81 70.18
N ARG A 530 35.56 65.86 70.99
CA ARG A 530 36.63 65.93 71.98
C ARG A 530 36.31 67.11 72.87
N ARG A 531 36.75 67.08 74.12
CA ARG A 531 36.47 68.17 75.04
C ARG A 531 37.07 69.46 74.52
N VAL A 532 36.20 70.40 74.21
CA VAL A 532 36.64 71.70 73.72
C VAL A 532 35.99 72.80 74.53
N SER A 533 36.50 74.02 74.35
CA SER A 533 35.84 75.21 74.84
C SER A 533 35.32 75.95 73.62
N ALA A 534 34.10 76.45 73.70
CA ALA A 534 33.51 77.10 72.52
C ALA A 534 32.69 78.34 72.88
N ARG A 535 32.38 79.12 71.85
CA ARG A 535 31.52 80.29 72.00
C ARG A 535 31.13 80.76 70.61
N MET A 536 29.94 81.33 70.47
CA MET A 536 29.49 81.83 69.18
C MET A 536 30.25 83.09 68.82
N LEU A 537 30.72 83.14 67.58
CA LEU A 537 31.24 84.38 66.99
C LEU A 537 30.29 84.80 65.89
N GLY A 538 29.05 85.03 66.29
CA GLY A 538 28.01 85.37 65.35
C GLY A 538 27.31 84.11 64.89
N ASP A 539 27.66 83.64 63.70
CA ASP A 539 26.97 82.50 63.13
C ASP A 539 27.83 81.24 63.08
N VAL A 540 29.14 81.41 63.31
CA VAL A 540 30.04 80.26 63.45
C VAL A 540 30.49 80.12 64.90
N MET A 541 31.17 79.03 65.18
CA MET A 541 31.54 78.70 66.55
C MET A 541 33.05 78.64 66.66
N ALA A 542 33.58 79.21 67.74
CA ALA A 542 35.02 79.10 67.99
C ALA A 542 35.25 78.00 69.01
N VAL A 543 36.35 77.27 68.81
CA VAL A 543 36.68 76.15 69.67
C VAL A 543 38.17 76.10 69.99
N SER A 544 38.49 75.88 71.25
CA SER A 544 39.86 75.66 71.65
C SER A 544 39.87 74.33 72.39
N THR A 545 40.95 73.57 72.27
CA THR A 545 40.99 72.25 72.89
C THR A 545 41.39 72.33 74.36
N CYS A 546 40.61 71.67 75.21
CA CYS A 546 40.80 71.70 76.65
C CYS A 546 42.10 71.04 77.13
N VAL A 547 42.29 71.06 78.44
CA VAL A 547 43.49 70.49 79.06
C VAL A 547 43.10 69.64 80.26
N PRO A 548 43.65 68.43 80.35
CA PRO A 548 43.31 67.51 81.44
C PRO A 548 44.00 67.89 82.74
N VAL A 549 43.31 67.68 83.85
CA VAL A 549 43.92 67.83 85.15
C VAL A 549 43.48 66.64 85.99
N ALA A 550 44.36 66.18 86.87
CA ALA A 550 44.12 64.98 87.65
C ALA A 550 43.07 65.23 88.74
N ALA A 551 42.96 64.31 89.69
CA ALA A 551 42.02 64.47 90.79
C ALA A 551 42.72 64.76 92.10
N ASP A 552 43.90 64.15 92.28
CA ASP A 552 44.76 64.48 93.42
C ASP A 552 45.29 65.88 93.17
N ASN A 553 45.21 66.31 91.91
CA ASN A 553 45.61 67.65 91.53
C ASN A 553 44.44 68.62 91.61
N VAL A 554 43.39 68.22 92.32
CA VAL A 554 42.20 69.06 92.42
C VAL A 554 41.58 69.01 93.80
N ILE A 555 41.48 70.20 94.41
CA ILE A 555 40.94 70.38 95.76
C ILE A 555 39.71 71.26 95.68
N VAL A 556 38.81 71.13 96.65
CA VAL A 556 37.61 71.96 96.70
C VAL A 556 37.51 72.82 97.95
N GLN A 557 36.99 74.03 97.77
CA GLN A 557 36.72 74.94 98.88
C GLN A 557 35.32 74.72 99.45
N ASN A 558 35.22 74.73 100.77
CA ASN A 558 33.98 74.38 101.44
C ASN A 558 33.06 75.56 101.71
N SER A 559 33.34 76.71 101.10
CA SER A 559 32.44 77.85 101.18
C SER A 559 32.17 78.46 99.82
N MET A 560 30.90 78.60 99.48
CA MET A 560 30.49 79.36 98.30
C MET A 560 30.04 80.77 98.69
N ARG A 561 29.95 81.02 100.00
CA ARG A 561 29.62 82.35 100.52
C ARG A 561 30.81 83.30 100.42
N ILE A 562 30.61 84.38 99.68
CA ILE A 562 31.60 85.44 99.60
C ILE A 562 31.56 86.24 100.91
N SER A 563 32.61 86.08 101.70
CA SER A 563 32.70 86.70 103.03
C SER A 563 32.67 88.23 102.95
N SER A 564 33.51 88.80 102.08
CA SER A 564 33.59 90.25 101.97
C SER A 564 32.33 90.87 101.39
N ARG A 565 31.65 90.16 100.49
CA ARG A 565 30.41 90.68 99.93
C ARG A 565 29.22 89.86 100.37
N PRO A 566 28.84 89.95 101.66
CA PRO A 566 27.63 89.24 102.07
C PRO A 566 26.47 89.67 101.19
N GLY A 567 25.49 88.79 101.00
CA GLY A 567 24.41 89.04 100.06
C GLY A 567 24.76 88.53 98.67
N ALA A 568 26.05 88.37 98.40
CA ALA A 568 26.52 87.82 97.14
C ALA A 568 27.25 86.48 97.33
N CYS A 569 26.92 85.52 96.46
CA CYS A 569 27.44 84.16 96.59
C CYS A 569 27.73 83.51 95.26
N TYR A 570 28.75 82.65 95.24
CA TYR A 570 29.02 81.82 94.08
C TYR A 570 27.85 80.87 93.86
N SER A 571 27.40 80.76 92.62
CA SER A 571 26.34 79.82 92.29
C SER A 571 26.84 78.38 92.39
N ARG A 572 28.04 78.15 91.87
CA ARG A 572 28.70 76.84 91.90
C ARG A 572 29.87 76.91 92.88
N PRO A 573 30.69 75.84 92.97
CA PRO A 573 31.81 75.87 93.92
C PRO A 573 33.09 76.48 93.39
N LEU A 574 33.97 76.89 94.29
CA LEU A 574 35.30 77.36 93.96
C LEU A 574 36.25 76.18 94.13
N VAL A 575 37.37 76.20 93.43
CA VAL A 575 38.33 75.10 93.51
C VAL A 575 39.76 75.57 93.37
N SER A 576 40.68 74.72 93.82
CA SER A 576 42.10 74.92 93.57
C SER A 576 42.62 73.68 92.89
N PHE A 577 43.64 73.85 92.04
CA PHE A 577 44.17 72.70 91.31
C PHE A 577 45.58 72.94 90.80
N ARG A 578 46.23 71.85 90.43
CA ARG A 578 47.55 71.91 89.81
C ARG A 578 47.52 71.14 88.51
N TYR A 579 48.12 71.73 87.47
CA TYR A 579 48.14 71.10 86.16
C TYR A 579 48.91 69.78 86.21
N GLU A 580 50.00 69.78 86.97
CA GLU A 580 50.78 68.57 87.22
C GLU A 580 50.81 68.25 88.72
N ASP A 581 51.04 66.98 89.05
CA ASP A 581 50.95 66.50 90.44
C ASP A 581 51.66 67.37 91.48
N GLN A 582 52.72 68.04 91.05
CA GLN A 582 53.47 68.90 91.97
C GLN A 582 53.78 70.22 91.29
N GLY A 583 52.91 71.21 91.52
CA GLY A 583 53.02 72.50 90.87
C GLY A 583 52.18 73.55 91.57
N PRO A 584 52.31 74.81 91.12
CA PRO A 584 51.58 75.91 91.76
C PRO A 584 50.08 75.67 91.73
N LEU A 585 49.46 75.75 92.91
CA LEU A 585 48.03 75.52 93.04
C LEU A 585 47.24 76.73 92.56
N VAL A 586 46.35 76.49 91.60
CA VAL A 586 45.63 77.56 90.91
C VAL A 586 44.25 77.80 91.50
N GLU A 587 43.69 78.97 91.18
CA GLU A 587 42.42 79.39 91.73
C GLU A 587 41.39 79.53 90.61
N GLY A 588 40.21 78.96 90.83
CA GLY A 588 39.15 79.02 89.87
C GLY A 588 37.91 78.36 90.44
N GLN A 589 36.90 78.14 89.60
CA GLN A 589 35.70 77.47 90.08
C GLN A 589 35.24 76.30 89.20
N LEU A 590 34.38 75.47 89.77
CA LEU A 590 33.94 74.23 89.14
C LEU A 590 32.77 74.47 88.17
N GLY A 591 33.08 74.45 86.88
CA GLY A 591 32.06 74.47 85.85
C GLY A 591 31.33 73.14 85.85
N GLU A 592 30.56 72.87 84.81
CA GLU A 592 29.85 71.61 84.72
C GLU A 592 30.76 70.55 84.09
N ASN A 593 30.37 69.29 84.24
CA ASN A 593 31.13 68.18 83.67
C ASN A 593 32.61 68.21 84.04
N ASN A 594 32.92 68.52 85.29
CA ASN A 594 34.31 68.56 85.75
C ASN A 594 35.21 69.46 84.91
N GLU A 595 34.62 70.50 84.31
CA GLU A 595 35.44 71.50 83.68
C GLU A 595 35.95 72.47 84.72
N LEU A 596 37.27 72.68 84.72
CA LEU A 596 37.89 73.63 85.63
C LEU A 596 37.89 75.02 85.01
N ARG A 597 37.05 75.90 85.54
CA ARG A 597 36.95 77.25 85.01
C ARG A 597 37.86 78.23 85.76
N LEU A 598 38.64 78.99 85.00
CA LEU A 598 39.69 79.85 85.56
C LEU A 598 39.18 81.08 86.32
N THR A 599 38.29 81.83 85.70
CA THR A 599 37.79 83.04 86.34
C THR A 599 36.70 82.68 87.32
N ARG A 600 36.85 83.13 88.56
CA ARG A 600 35.84 82.88 89.57
C ARG A 600 34.74 83.93 89.44
N ASP A 601 34.28 84.13 88.22
CA ASP A 601 33.33 85.20 87.90
C ASP A 601 31.84 84.87 87.95
N ALA A 602 31.47 83.62 88.21
CA ALA A 602 30.05 83.24 88.23
C ALA A 602 29.41 83.35 89.62
N ILE A 603 28.65 84.42 89.82
CA ILE A 603 28.07 84.74 91.13
C ILE A 603 26.56 85.04 91.07
N GLU A 604 25.89 84.82 92.19
CA GLU A 604 24.47 85.09 92.33
C GLU A 604 24.25 85.85 93.63
N PRO A 605 23.06 86.42 93.82
CA PRO A 605 22.63 86.91 95.13
C PRO A 605 22.31 85.72 96.06
N CYS A 606 22.98 85.66 97.21
CA CYS A 606 22.78 84.55 98.15
C CYS A 606 21.31 84.33 98.45
N THR A 607 21.02 83.23 99.12
CA THR A 607 19.63 82.88 99.41
C THR A 607 19.54 81.78 100.45
N VAL A 608 18.31 81.39 100.79
CA VAL A 608 18.10 80.43 101.87
C VAL A 608 17.58 79.08 101.38
N GLY A 609 17.92 78.03 102.13
CA GLY A 609 17.55 76.68 101.77
C GLY A 609 18.55 76.07 100.82
N HIS A 610 19.45 76.90 100.30
CA HIS A 610 20.46 76.46 99.34
C HIS A 610 20.84 74.99 99.53
N ARG A 611 20.41 74.17 98.58
CA ARG A 611 20.89 72.81 98.41
C ARG A 611 21.43 72.77 96.99
N ARG A 612 22.54 72.07 96.79
CA ARG A 612 23.10 71.90 95.46
C ARG A 612 23.84 70.57 95.40
N TYR A 613 23.95 70.04 94.18
CA TYR A 613 24.78 68.88 93.90
C TYR A 613 25.64 69.23 92.71
N PHE A 614 26.95 69.11 92.82
CA PHE A 614 27.80 69.49 91.71
C PHE A 614 28.67 68.32 91.27
N THR A 615 28.51 67.93 90.01
CA THR A 615 29.37 66.91 89.40
C THR A 615 30.80 67.08 89.89
N PHE A 616 31.30 66.07 90.60
CA PHE A 616 32.64 66.14 91.12
C PHE A 616 33.29 64.77 90.94
N GLY A 617 34.25 64.70 90.03
CA GLY A 617 34.91 63.45 89.71
C GLY A 617 33.94 62.40 89.18
N GLY A 618 34.02 61.20 89.74
CA GLY A 618 33.13 60.13 89.35
C GLY A 618 31.77 60.24 89.99
N GLY A 619 31.57 61.30 90.75
CA GLY A 619 30.32 61.49 91.46
C GLY A 619 29.87 62.94 91.61
N TYR A 620 29.24 63.22 92.74
CA TYR A 620 28.74 64.55 93.02
C TYR A 620 29.27 65.07 94.33
N VAL A 621 29.41 66.40 94.38
CA VAL A 621 29.73 67.08 95.61
C VAL A 621 28.48 67.82 96.05
N TYR A 622 28.22 67.82 97.35
CA TYR A 622 26.98 68.38 97.86
C TYR A 622 27.20 69.62 98.75
N PHE A 623 26.24 70.54 98.70
CA PHE A 623 26.37 71.82 99.38
C PHE A 623 25.02 72.23 99.97
N GLU A 624 25.03 72.62 101.24
CA GLU A 624 23.88 73.27 101.87
C GLU A 624 24.29 74.66 102.31
N GLU A 625 23.52 75.65 101.91
CA GLU A 625 23.82 77.03 102.29
C GLU A 625 25.29 77.37 102.02
N TYR A 626 25.75 77.09 100.80
CA TYR A 626 27.07 77.52 100.34
C TYR A 626 28.21 76.96 101.19
N ALA A 627 27.88 75.98 102.01
CA ALA A 627 28.86 75.27 102.81
C ALA A 627 28.97 73.83 102.34
N TYR A 628 30.19 73.45 101.97
CA TYR A 628 30.49 72.05 101.66
C TYR A 628 29.95 71.13 102.74
N SER A 629 29.16 70.14 102.34
CA SER A 629 28.62 69.16 103.28
C SER A 629 29.38 67.83 103.20
N HIS A 630 29.21 67.11 102.09
CA HIS A 630 29.84 65.79 101.91
C HIS A 630 29.93 65.37 100.44
N GLN A 631 30.43 64.15 100.19
CA GLN A 631 30.50 63.62 98.82
C GLN A 631 29.60 62.42 98.61
N LEU A 632 29.38 62.08 97.34
CA LEU A 632 28.50 60.98 96.95
C LEU A 632 29.02 60.29 95.69
N SER A 633 28.36 59.19 95.32
CA SER A 633 28.64 58.52 94.05
C SER A 633 27.35 58.48 93.23
N ARG A 634 27.46 58.34 91.91
CA ARG A 634 26.26 58.27 91.06
C ARG A 634 25.28 57.21 91.58
N ALA A 635 25.83 56.12 92.10
CA ALA A 635 25.01 55.03 92.61
C ALA A 635 24.15 55.55 93.73
N ASP A 636 24.70 56.48 94.48
CA ASP A 636 24.00 57.07 95.61
C ASP A 636 22.76 57.84 95.16
N ILE A 637 22.64 58.03 93.85
CA ILE A 637 21.46 58.69 93.26
C ILE A 637 20.75 57.79 92.26
N THR A 638 19.42 57.80 92.34
CA THR A 638 18.59 57.07 91.40
C THR A 638 18.77 57.61 90.00
N THR A 639 18.68 56.71 89.02
CA THR A 639 18.93 57.06 87.63
C THR A 639 17.71 56.83 86.78
N VAL A 640 17.38 57.82 85.96
CA VAL A 640 16.35 57.71 84.93
C VAL A 640 17.05 57.89 83.59
N SER A 641 16.37 57.58 82.49
CA SER A 641 17.05 57.52 81.21
C SER A 641 16.47 58.43 80.12
N THR A 642 17.35 59.04 79.35
CA THR A 642 16.96 59.88 78.23
C THR A 642 17.07 59.09 76.92
N PHE A 643 17.11 57.76 77.04
CA PHE A 643 17.35 56.88 75.91
C PHE A 643 16.07 56.17 75.48
N ILE A 644 15.81 56.09 74.17
CA ILE A 644 14.79 55.17 73.68
C ILE A 644 15.42 53.80 73.44
N ASP A 645 14.70 52.76 73.86
CA ASP A 645 15.21 51.39 73.79
C ASP A 645 15.07 50.77 72.40
N LEU A 646 16.00 49.88 72.07
CA LEU A 646 15.88 49.03 70.89
C LEU A 646 16.79 47.80 70.98
N ASN A 647 16.19 46.62 71.20
CA ASN A 647 16.96 45.37 71.20
C ASN A 647 16.85 44.58 69.89
N ILE A 648 17.90 44.68 69.09
CA ILE A 648 18.08 43.88 67.88
C ILE A 648 18.85 42.64 68.30
N THR A 649 18.41 41.48 67.83
CA THR A 649 19.16 40.24 67.97
C THR A 649 19.45 39.72 66.58
N MET A 650 20.60 39.06 66.41
CA MET A 650 20.98 38.61 65.09
CA MET A 650 21.01 38.58 65.10
C MET A 650 20.23 37.33 64.72
N LEU A 651 20.07 37.11 63.42
CA LEU A 651 19.52 35.85 62.95
C LEU A 651 20.54 34.74 63.18
N GLU A 652 20.13 33.69 63.90
CA GLU A 652 21.02 32.61 64.25
C GLU A 652 21.55 31.89 63.01
N ASP A 653 22.73 31.28 63.17
CA ASP A 653 23.29 30.42 62.14
C ASP A 653 22.46 29.16 62.10
N HIS A 654 22.26 28.63 60.91
CA HIS A 654 21.48 27.41 60.78
C HIS A 654 22.08 26.49 59.74
N GLU A 655 22.12 25.20 60.06
CA GLU A 655 22.72 24.26 59.15
C GLU A 655 21.67 23.35 58.53
N PHE A 656 21.63 23.36 57.19
CA PHE A 656 20.70 22.54 56.42
C PHE A 656 21.34 21.23 56.03
N VAL A 657 20.91 20.14 56.66
CA VAL A 657 21.46 18.83 56.38
C VAL A 657 20.77 18.22 55.18
N PRO A 658 21.51 17.41 54.40
CA PRO A 658 20.89 16.66 53.30
C PRO A 658 19.65 15.90 53.80
N LEU A 659 18.65 15.81 52.95
CA LEU A 659 17.43 15.13 53.30
C LEU A 659 16.75 14.73 52.00
N GLU A 660 16.38 13.46 51.89
CA GLU A 660 15.71 12.95 50.71
C GLU A 660 14.61 12.03 51.19
N VAL A 661 13.43 12.14 50.59
CA VAL A 661 12.29 11.30 50.96
C VAL A 661 12.59 9.81 50.70
N TYR A 662 13.17 9.54 49.53
CA TYR A 662 13.62 8.21 49.14
C TYR A 662 14.98 8.39 48.48
N THR A 663 15.98 7.60 48.91
CA THR A 663 17.31 7.65 48.30
C THR A 663 17.34 6.97 46.94
N ARG A 664 18.42 7.18 46.20
CA ARG A 664 18.52 6.70 44.83
C ARG A 664 18.35 5.18 44.81
N HIS A 665 18.84 4.50 45.84
CA HIS A 665 18.68 3.05 45.92
C HIS A 665 17.26 2.58 46.29
N GLU A 666 16.57 3.34 47.11
CA GLU A 666 15.20 2.96 47.48
C GLU A 666 14.35 2.85 46.24
N ILE A 667 14.51 3.80 45.33
CA ILE A 667 13.79 3.78 44.06
C ILE A 667 14.27 2.66 43.11
N LYS A 668 15.56 2.44 43.11
CA LYS A 668 16.15 1.32 42.37
C LYS A 668 15.61 -0.01 42.90
N ASP A 669 15.12 -0.01 44.15
CA ASP A 669 14.60 -1.22 44.77
C ASP A 669 13.07 -1.27 44.82
N SER A 670 12.41 -0.31 44.20
CA SER A 670 10.96 -0.26 44.25
C SER A 670 10.26 -1.15 43.21
N GLY A 671 10.84 -1.27 42.01
CA GLY A 671 10.30 -2.14 40.97
C GLY A 671 10.32 -3.63 41.33
N LEU A 672 9.21 -4.32 41.09
CA LEU A 672 9.05 -5.72 41.53
C LEU A 672 10.14 -6.65 41.01
N LEU A 673 10.29 -6.69 39.68
CA LEU A 673 11.35 -7.47 39.03
C LEU A 673 12.46 -6.57 38.49
N ASP A 674 13.69 -7.00 38.70
CA ASP A 674 14.86 -6.31 38.16
C ASP A 674 15.52 -7.14 37.06
N TYR A 675 15.56 -6.56 35.87
CA TYR A 675 16.02 -7.23 34.67
C TYR A 675 17.49 -7.67 34.74
N THR A 676 18.35 -6.73 35.13
CA THR A 676 19.77 -6.98 35.21
C THR A 676 20.02 -8.14 36.16
N GLU A 677 19.46 -8.02 37.36
CA GLU A 677 19.58 -9.04 38.38
C GLU A 677 19.13 -10.42 37.89
N VAL A 678 17.96 -10.47 37.28
CA VAL A 678 17.41 -11.73 36.80
C VAL A 678 18.31 -12.32 35.75
N GLN A 679 18.66 -11.52 34.74
CA GLN A 679 19.58 -11.95 33.72
C GLN A 679 20.89 -12.50 34.30
N ARG A 680 21.52 -11.74 35.20
CA ARG A 680 22.75 -12.22 35.81
C ARG A 680 22.53 -13.60 36.38
N ARG A 681 21.49 -13.75 37.20
CA ARG A 681 21.24 -15.01 37.91
C ARG A 681 21.00 -16.17 36.96
N ASN A 682 20.00 -16.01 36.11
CA ASN A 682 19.71 -16.98 35.07
C ASN A 682 20.96 -17.46 34.36
N GLN A 683 21.82 -16.54 33.95
CA GLN A 683 22.96 -16.93 33.13
C GLN A 683 24.08 -17.48 33.98
N LEU A 684 23.74 -17.81 35.22
CA LEU A 684 24.63 -18.56 36.09
C LEU A 684 24.21 -20.03 36.23
N HIS A 685 23.06 -20.39 35.65
CA HIS A 685 22.50 -21.71 35.88
C HIS A 685 23.47 -22.86 35.62
N ASP A 686 24.21 -22.81 34.51
CA ASP A 686 25.08 -23.92 34.15
C ASP A 686 26.43 -23.88 34.88
N LEU A 687 26.88 -22.71 35.26
CA LEU A 687 28.11 -22.63 36.03
C LEU A 687 27.86 -23.11 37.44
N ARG A 688 26.65 -22.88 37.92
CA ARG A 688 26.29 -23.25 39.27
C ARG A 688 25.94 -24.74 39.36
N PHE A 689 25.04 -25.18 38.49
CA PHE A 689 24.42 -26.49 38.62
C PHE A 689 24.90 -27.60 37.69
N ALA A 690 25.58 -27.26 36.59
CA ALA A 690 25.97 -28.26 35.61
C ALA A 690 27.44 -28.16 35.24
N ASP A 691 27.82 -28.82 34.16
CA ASP A 691 29.21 -28.88 33.73
C ASP A 691 29.34 -28.48 32.26
N ILE A 692 29.95 -27.32 32.00
CA ILE A 692 29.97 -26.74 30.66
C ILE A 692 31.25 -27.05 29.85
N ASP A 693 32.15 -27.85 30.43
CA ASP A 693 33.47 -28.05 29.84
C ASP A 693 33.78 -29.48 29.42
N THR A 694 33.17 -30.45 30.08
CA THR A 694 33.58 -31.83 29.90
C THR A 694 33.06 -32.42 28.61
N VAL A 695 33.97 -33.06 27.87
CA VAL A 695 33.61 -33.75 26.64
C VAL A 695 33.64 -35.25 26.86
N ILE A 696 32.52 -35.88 26.54
CA ILE A 696 32.37 -37.31 26.63
C ILE A 696 32.47 -37.84 25.20
N HIS A 697 33.01 -39.05 25.03
CA HIS A 697 32.91 -39.82 23.77
C HIS A 697 34.04 -40.85 23.61
N ASP B 76 -10.52 -66.41 -112.41
CA ASP B 76 -11.95 -66.13 -112.32
C ASP B 76 -12.32 -65.19 -111.17
N ILE B 77 -12.64 -65.74 -110.00
CA ILE B 77 -13.26 -64.97 -108.90
C ILE B 77 -12.31 -64.30 -107.89
N LYS B 78 -12.30 -62.96 -107.88
CA LYS B 78 -11.56 -62.22 -106.86
C LYS B 78 -12.51 -61.73 -105.78
N ALA B 79 -12.03 -60.80 -104.98
CA ALA B 79 -12.79 -60.29 -103.83
C ALA B 79 -13.48 -58.95 -104.10
N GLU B 80 -14.77 -58.88 -103.80
CA GLU B 80 -15.49 -57.62 -103.73
C GLU B 80 -14.75 -56.65 -102.82
N ASN B 81 -14.55 -57.09 -101.59
CA ASN B 81 -14.06 -56.23 -100.51
C ASN B 81 -12.56 -56.38 -100.31
N THR B 82 -11.85 -55.28 -100.51
CA THR B 82 -10.39 -55.26 -100.44
C THR B 82 -9.92 -54.76 -99.08
N ASP B 83 -10.87 -54.34 -98.25
CA ASP B 83 -10.56 -53.76 -96.95
C ASP B 83 -10.00 -54.78 -95.94
N ALA B 84 -9.01 -55.56 -96.37
CA ALA B 84 -8.37 -56.58 -95.54
C ALA B 84 -7.06 -57.07 -96.17
N ASN B 85 -6.71 -58.33 -95.93
CA ASN B 85 -5.42 -58.87 -96.36
C ASN B 85 -5.29 -60.37 -96.04
N PHE B 86 -4.82 -61.17 -96.99
CA PHE B 86 -4.70 -62.61 -96.75
C PHE B 86 -3.34 -62.97 -96.18
N TYR B 87 -3.23 -64.17 -95.62
CA TYR B 87 -1.97 -64.62 -95.03
C TYR B 87 -1.80 -66.10 -95.26
N VAL B 88 -0.58 -66.51 -95.58
CA VAL B 88 -0.26 -67.92 -95.67
C VAL B 88 0.53 -68.34 -94.43
N CYS B 89 0.22 -69.52 -93.91
CA CYS B 89 0.75 -69.94 -92.61
C CYS B 89 1.37 -71.32 -92.60
N PRO B 90 2.66 -71.40 -92.93
CA PRO B 90 3.44 -72.63 -92.80
C PRO B 90 3.46 -73.08 -91.34
N PRO B 91 2.86 -74.25 -91.03
CA PRO B 91 2.88 -74.81 -89.68
C PRO B 91 4.25 -74.70 -89.00
N PRO B 92 4.25 -74.59 -87.66
CA PRO B 92 5.50 -74.39 -86.94
C PRO B 92 6.19 -75.72 -86.68
N THR B 93 7.38 -75.86 -87.25
CA THR B 93 8.20 -77.05 -87.06
C THR B 93 8.68 -77.18 -85.62
N GLY B 94 8.82 -76.03 -84.95
CA GLY B 94 9.35 -75.98 -83.60
C GLY B 94 10.57 -75.09 -83.51
N ALA B 95 10.85 -74.36 -84.59
CA ALA B 95 11.96 -73.44 -84.59
C ALA B 95 11.77 -72.41 -83.48
N THR B 96 10.55 -71.88 -83.41
CA THR B 96 10.19 -70.86 -82.45
C THR B 96 9.11 -71.37 -81.51
N VAL B 97 9.35 -71.25 -80.21
CA VAL B 97 8.43 -71.75 -79.21
C VAL B 97 8.23 -70.79 -78.03
N VAL B 98 7.04 -70.80 -77.45
CA VAL B 98 6.71 -69.89 -76.37
C VAL B 98 5.83 -70.54 -75.32
N GLN B 99 5.74 -69.91 -74.17
CA GLN B 99 4.89 -70.40 -73.11
C GLN B 99 4.00 -69.26 -72.66
N PHE B 100 2.97 -69.57 -71.89
CA PHE B 100 2.11 -68.54 -71.32
C PHE B 100 2.60 -68.08 -69.95
N GLU B 101 2.48 -66.78 -69.69
CA GLU B 101 2.81 -66.24 -68.39
C GLU B 101 1.90 -66.84 -67.32
N GLN B 102 2.52 -67.25 -66.21
CA GLN B 102 1.79 -67.78 -65.06
C GLN B 102 1.11 -66.69 -64.24
N PRO B 103 0.20 -67.08 -63.33
CA PRO B 103 -0.54 -66.12 -62.50
C PRO B 103 0.35 -65.18 -61.69
N ARG B 104 0.09 -63.89 -61.84
CA ARG B 104 0.77 -62.86 -61.06
C ARG B 104 0.27 -62.85 -59.63
N ARG B 105 1.18 -62.56 -58.71
CA ARG B 105 0.79 -62.35 -57.33
C ARG B 105 -0.04 -61.08 -57.29
N CYS B 106 -1.30 -61.18 -56.90
CA CYS B 106 -2.14 -59.99 -56.86
C CYS B 106 -1.66 -59.12 -55.72
N PRO B 107 -2.11 -57.86 -55.69
CA PRO B 107 -1.86 -56.98 -54.55
C PRO B 107 -2.83 -57.33 -53.44
N THR B 108 -2.60 -56.81 -52.24
CA THR B 108 -3.44 -57.12 -51.09
C THR B 108 -3.94 -55.87 -50.42
N ARG B 109 -5.18 -55.90 -49.92
CA ARG B 109 -5.74 -54.74 -49.26
C ARG B 109 -5.04 -54.50 -47.92
N PRO B 110 -4.52 -53.28 -47.73
CA PRO B 110 -3.88 -52.83 -46.49
C PRO B 110 -4.79 -53.09 -45.27
N GLU B 111 -4.17 -53.34 -44.12
CA GLU B 111 -4.88 -53.80 -42.91
C GLU B 111 -6.01 -52.87 -42.44
N GLY B 112 -6.01 -51.64 -42.94
CA GLY B 112 -7.05 -50.68 -42.60
C GLY B 112 -6.61 -49.64 -41.57
N GLN B 113 -6.96 -48.38 -41.81
CA GLN B 113 -6.56 -47.30 -40.91
C GLN B 113 -7.26 -47.42 -39.58
N ASN B 114 -6.48 -47.37 -38.50
CA ASN B 114 -6.99 -47.54 -37.15
C ASN B 114 -7.37 -46.21 -36.49
N TYR B 115 -8.66 -46.03 -36.20
CA TYR B 115 -9.15 -44.77 -35.69
C TYR B 115 -9.59 -44.87 -34.23
N THR B 116 -9.20 -43.89 -33.43
CA THR B 116 -9.65 -43.79 -32.04
C THR B 116 -10.88 -42.89 -31.93
N GLU B 117 -11.88 -43.32 -31.18
CA GLU B 117 -13.02 -42.47 -30.88
C GLU B 117 -12.67 -41.59 -29.68
N GLY B 118 -12.99 -40.31 -29.77
CA GLY B 118 -12.72 -39.38 -28.69
C GLY B 118 -13.53 -38.10 -28.76
N ILE B 119 -13.86 -37.57 -27.59
CA ILE B 119 -14.57 -36.31 -27.46
C ILE B 119 -13.53 -35.20 -27.45
N ALA B 120 -13.82 -34.08 -28.11
CA ALA B 120 -12.83 -33.03 -28.24
C ALA B 120 -13.41 -31.65 -27.96
N VAL B 121 -12.63 -30.82 -27.27
CA VAL B 121 -12.94 -29.39 -27.19
C VAL B 121 -11.73 -28.65 -27.75
N VAL B 122 -11.96 -27.81 -28.75
CA VAL B 122 -10.87 -27.08 -29.38
C VAL B 122 -10.86 -25.63 -28.93
N PHE B 123 -9.69 -25.14 -28.55
CA PHE B 123 -9.54 -23.75 -28.13
C PHE B 123 -8.72 -22.99 -29.13
N LYS B 124 -8.85 -21.66 -29.06
CA LYS B 124 -8.17 -20.75 -29.95
C LYS B 124 -7.64 -19.61 -29.10
N GLU B 125 -6.63 -18.90 -29.62
CA GLU B 125 -6.13 -17.68 -29.00
C GLU B 125 -7.30 -16.78 -28.64
N ASN B 126 -7.31 -16.29 -27.41
CA ASN B 126 -8.32 -15.32 -26.99
C ASN B 126 -7.98 -13.89 -27.39
N ILE B 127 -8.80 -13.31 -28.24
CA ILE B 127 -8.60 -11.94 -28.71
C ILE B 127 -9.59 -10.95 -28.08
N ALA B 128 -10.54 -11.47 -27.33
CA ALA B 128 -11.57 -10.67 -26.70
C ALA B 128 -11.03 -9.99 -25.44
N PRO B 129 -11.39 -8.70 -25.24
CA PRO B 129 -10.91 -7.98 -24.06
C PRO B 129 -11.62 -8.48 -22.82
N TYR B 130 -10.98 -8.37 -21.66
CA TYR B 130 -11.67 -8.58 -20.40
C TYR B 130 -12.65 -7.44 -20.18
N LYS B 131 -13.83 -7.75 -19.67
CA LYS B 131 -14.93 -6.78 -19.58
C LYS B 131 -15.54 -6.76 -18.19
N PHE B 132 -15.82 -5.57 -17.67
CA PHE B 132 -16.42 -5.42 -16.34
C PHE B 132 -17.13 -4.09 -16.11
N LYS B 133 -17.88 -4.03 -15.02
CA LYS B 133 -18.73 -2.87 -14.73
C LYS B 133 -18.08 -1.95 -13.72
N ALA B 134 -18.00 -0.67 -14.07
CA ALA B 134 -17.42 0.33 -13.17
C ALA B 134 -18.40 1.48 -12.97
N THR B 135 -18.15 2.28 -11.95
CA THR B 135 -18.86 3.53 -11.77
C THR B 135 -17.86 4.67 -11.59
N MET B 136 -18.09 5.78 -12.27
CA MET B 136 -17.26 6.98 -12.12
C MET B 136 -17.93 7.98 -11.21
N TYR B 137 -17.13 8.67 -10.41
CA TYR B 137 -17.62 9.80 -9.63
C TYR B 137 -16.75 11.02 -9.88
N TYR B 138 -17.33 12.05 -10.49
CA TYR B 138 -16.59 13.27 -10.76
C TYR B 138 -17.53 14.45 -10.83
N LYS B 139 -16.96 15.63 -10.98
CA LYS B 139 -17.77 16.82 -11.14
C LYS B 139 -17.28 17.65 -12.31
N ASP B 140 -18.22 18.14 -13.12
CA ASP B 140 -17.92 19.18 -14.09
C ASP B 140 -17.84 20.52 -13.38
N VAL B 141 -16.68 21.16 -13.49
CA VAL B 141 -16.43 22.43 -12.83
C VAL B 141 -16.14 23.50 -13.89
N THR B 142 -17.06 24.45 -14.05
CA THR B 142 -16.92 25.47 -15.08
C THR B 142 -16.83 26.86 -14.46
N VAL B 143 -15.88 27.66 -14.91
CA VAL B 143 -15.88 29.08 -14.56
C VAL B 143 -15.81 29.91 -15.83
N SER B 144 -16.89 30.64 -16.07
CA SER B 144 -17.00 31.50 -17.23
C SER B 144 -16.64 32.93 -16.86
N GLN B 145 -16.24 33.71 -17.87
CA GLN B 145 -16.00 35.13 -17.69
C GLN B 145 -16.81 35.86 -18.75
N VAL B 146 -17.62 36.81 -18.31
CA VAL B 146 -18.51 37.52 -19.22
C VAL B 146 -18.21 39.04 -19.27
N ARG B 147 -18.22 39.57 -20.50
CA ARG B 147 -18.05 41.01 -20.73
C ARG B 147 -19.40 41.58 -21.16
N PHE B 148 -19.76 42.73 -20.58
CA PHE B 148 -21.06 43.35 -20.84
C PHE B 148 -20.93 44.63 -21.65
N GLY B 149 -21.90 44.87 -22.52
CA GLY B 149 -21.91 46.07 -23.34
C GLY B 149 -23.34 46.38 -23.73
N HIS B 150 -23.53 47.34 -24.62
CA HIS B 150 -24.89 47.76 -24.95
C HIS B 150 -25.36 47.30 -26.32
N ARG B 151 -26.28 46.37 -26.32
CA ARG B 151 -26.63 45.69 -25.09
C ARG B 151 -26.62 44.18 -25.32
N TYR B 152 -25.57 43.55 -24.80
CA TYR B 152 -25.32 42.14 -25.05
C TYR B 152 -24.41 41.65 -23.94
N SER B 153 -24.11 40.35 -23.97
CA SER B 153 -23.10 39.79 -23.09
C SER B 153 -22.19 38.95 -23.97
N GLN B 154 -20.93 38.82 -23.58
CA GLN B 154 -19.99 38.01 -24.35
C GLN B 154 -19.06 37.30 -23.42
N PHE B 155 -18.84 36.01 -23.65
CA PHE B 155 -17.90 35.24 -22.88
C PHE B 155 -16.49 35.71 -23.24
N MET B 156 -15.64 35.84 -22.25
CA MET B 156 -14.24 36.20 -22.47
C MET B 156 -13.39 34.95 -22.38
N GLY B 157 -13.89 33.98 -21.63
CA GLY B 157 -13.23 32.70 -21.47
C GLY B 157 -14.18 31.71 -20.84
N ILE B 158 -13.92 30.42 -21.04
CA ILE B 158 -14.61 29.37 -20.30
C ILE B 158 -13.65 28.25 -19.96
N PHE B 159 -13.53 27.99 -18.67
CA PHE B 159 -12.61 27.00 -18.16
C PHE B 159 -13.39 25.80 -17.69
N GLU B 160 -13.24 24.69 -18.40
CA GLU B 160 -13.98 23.49 -18.05
C GLU B 160 -13.07 22.47 -17.40
N ASP B 161 -13.58 21.74 -16.43
CA ASP B 161 -12.74 20.77 -15.75
C ASP B 161 -13.52 19.69 -15.02
N ARG B 162 -12.92 18.52 -14.92
CA ARG B 162 -13.50 17.41 -14.19
C ARG B 162 -12.69 17.15 -12.95
N ALA B 163 -13.38 17.14 -11.82
CA ALA B 163 -12.76 17.00 -10.52
C ALA B 163 -13.11 15.65 -9.92
N PRO B 164 -12.12 14.95 -9.38
CA PRO B 164 -12.37 13.67 -8.75
C PRO B 164 -13.14 13.86 -7.47
N VAL B 165 -14.23 13.12 -7.29
CA VAL B 165 -14.95 13.10 -6.01
C VAL B 165 -14.20 12.21 -5.01
N PRO B 166 -13.80 12.76 -3.86
CA PRO B 166 -13.02 12.04 -2.86
C PRO B 166 -13.76 10.83 -2.32
N PHE B 167 -12.99 9.79 -1.96
CA PHE B 167 -13.50 8.55 -1.39
C PHE B 167 -14.59 8.82 -0.36
N GLU B 168 -14.29 9.72 0.57
CA GLU B 168 -15.16 10.03 1.70
C GLU B 168 -16.54 10.47 1.28
N GLU B 169 -16.63 11.20 0.16
CA GLU B 169 -17.91 11.69 -0.32
C GLU B 169 -18.71 10.58 -1.01
N VAL B 170 -18.00 9.72 -1.73
CA VAL B 170 -18.61 8.61 -2.44
C VAL B 170 -19.25 7.67 -1.43
N ILE B 171 -18.62 7.59 -0.26
CA ILE B 171 -19.07 6.72 0.81
C ILE B 171 -20.16 7.37 1.68
N ASP B 172 -19.83 8.53 2.23
CA ASP B 172 -20.66 9.16 3.25
C ASP B 172 -21.74 10.10 2.69
N LYS B 173 -21.69 10.37 1.39
CA LYS B 173 -22.70 11.22 0.77
C LYS B 173 -23.43 10.46 -0.33
N ILE B 174 -22.69 10.11 -1.37
CA ILE B 174 -23.31 9.48 -2.51
C ILE B 174 -23.89 8.10 -2.16
N ASN B 175 -23.06 7.16 -1.76
CA ASN B 175 -23.56 5.82 -1.41
C ASN B 175 -24.36 5.87 -0.10
N ALA B 176 -24.14 6.91 0.68
CA ALA B 176 -24.82 7.00 1.97
C ALA B 176 -26.26 7.49 1.79
N LYS B 177 -26.41 8.65 1.18
CA LYS B 177 -27.73 9.29 1.13
C LYS B 177 -28.16 9.58 -0.30
N GLY B 178 -27.31 9.26 -1.27
CA GLY B 178 -27.63 9.52 -2.66
C GLY B 178 -27.51 11.00 -2.98
N VAL B 179 -26.69 11.70 -2.21
CA VAL B 179 -26.51 13.14 -2.36
C VAL B 179 -25.05 13.46 -2.65
N CYS B 180 -24.80 14.75 -2.88
CA CYS B 180 -23.50 15.20 -3.32
C CYS B 180 -23.26 16.61 -2.77
N ARG B 181 -22.02 16.97 -2.52
CA ARG B 181 -21.69 18.34 -2.17
C ARG B 181 -21.74 19.27 -3.37
N SER B 182 -22.12 20.52 -3.14
CA SER B 182 -22.18 21.49 -4.22
C SER B 182 -20.83 22.16 -4.42
N THR B 183 -19.83 21.66 -3.70
CA THR B 183 -18.46 22.16 -3.85
C THR B 183 -17.53 21.12 -4.44
N ALA B 184 -16.58 21.56 -5.26
CA ALA B 184 -15.53 20.69 -5.77
C ALA B 184 -14.18 21.12 -5.21
N LYS B 185 -13.58 20.28 -4.40
CA LYS B 185 -12.26 20.59 -3.88
C LYS B 185 -11.32 19.54 -4.42
N TYR B 186 -10.14 19.95 -4.89
CA TYR B 186 -9.23 19.00 -5.50
C TYR B 186 -7.89 19.56 -5.93
N VAL B 187 -6.94 18.67 -6.21
CA VAL B 187 -5.59 19.06 -6.63
C VAL B 187 -5.45 19.19 -8.15
N ARG B 188 -5.22 20.39 -8.64
CA ARG B 188 -5.00 20.61 -10.06
C ARG B 188 -3.74 21.44 -10.20
N ASN B 189 -2.88 21.07 -11.15
CA ASN B 189 -1.63 21.79 -11.37
C ASN B 189 -0.90 22.15 -10.09
N ASN B 190 -0.74 21.17 -9.21
CA ASN B 190 0.07 21.35 -8.01
C ASN B 190 -0.49 22.43 -7.09
N LEU B 191 -1.81 22.61 -7.16
CA LEU B 191 -2.52 23.59 -6.36
C LEU B 191 -3.86 23.00 -5.93
N GLU B 192 -4.10 22.93 -4.62
CA GLU B 192 -5.40 22.53 -4.13
C GLU B 192 -6.39 23.63 -4.42
N THR B 193 -7.17 23.44 -5.47
CA THR B 193 -8.14 24.43 -5.87
C THR B 193 -9.50 24.04 -5.31
N THR B 194 -10.32 25.01 -4.97
CA THR B 194 -11.65 24.70 -4.47
C THR B 194 -12.66 25.46 -5.28
N ALA B 195 -13.84 24.87 -5.48
CA ALA B 195 -14.86 25.52 -6.28
C ALA B 195 -16.24 25.35 -5.65
N PHE B 196 -17.05 26.41 -5.71
CA PHE B 196 -18.38 26.42 -5.13
C PHE B 196 -19.40 26.59 -6.22
N HIS B 197 -20.41 25.73 -6.22
CA HIS B 197 -21.49 25.89 -7.18
C HIS B 197 -22.17 27.25 -6.98
N ARG B 198 -22.29 28.02 -8.05
CA ARG B 198 -22.88 29.37 -8.04
C ARG B 198 -22.11 30.33 -7.17
N ASP B 199 -20.90 29.96 -6.78
CA ASP B 199 -20.13 30.76 -5.83
C ASP B 199 -20.89 30.96 -4.52
N ASP B 200 -21.80 30.04 -4.23
CA ASP B 200 -22.49 29.97 -2.95
C ASP B 200 -21.77 28.98 -2.08
N HIS B 201 -22.07 28.97 -0.78
CA HIS B 201 -21.47 27.99 0.09
C HIS B 201 -22.10 26.61 -0.06
N GLU B 202 -21.34 25.61 0.37
CA GLU B 202 -21.67 24.21 0.16
C GLU B 202 -23.13 23.88 0.38
N THR B 203 -23.60 22.91 -0.39
CA THR B 203 -24.96 22.42 -0.26
C THR B 203 -24.94 20.97 -0.70
N ASP B 204 -25.43 20.09 0.17
CA ASP B 204 -25.64 18.72 -0.25
C ASP B 204 -26.78 18.72 -1.26
N MET B 205 -26.52 18.19 -2.45
CA MET B 205 -27.53 18.21 -3.51
C MET B 205 -27.93 16.82 -3.96
N GLU B 206 -29.23 16.64 -4.16
CA GLU B 206 -29.80 15.39 -4.64
C GLU B 206 -29.24 15.02 -6.00
N LEU B 207 -28.88 13.74 -6.16
CA LEU B 207 -28.50 13.23 -7.47
C LEU B 207 -29.76 12.76 -8.16
N LYS B 208 -30.00 13.23 -9.37
CA LYS B 208 -31.12 12.78 -10.17
C LYS B 208 -30.67 12.16 -11.51
N PRO B 209 -31.42 11.16 -12.01
CA PRO B 209 -31.09 10.46 -13.25
C PRO B 209 -30.83 11.42 -14.38
N ALA B 210 -29.88 11.07 -15.26
CA ALA B 210 -29.58 11.89 -16.42
C ALA B 210 -30.77 11.90 -17.35
N ASN B 211 -30.79 12.82 -18.30
CA ASN B 211 -31.80 12.80 -19.33
C ASN B 211 -31.70 11.53 -20.15
N ALA B 212 -32.85 11.03 -20.61
CA ALA B 212 -32.88 9.80 -21.39
C ALA B 212 -32.05 9.88 -22.67
N ALA B 213 -31.29 8.82 -22.95
CA ALA B 213 -30.53 8.70 -24.18
C ALA B 213 -30.47 7.21 -24.54
N THR B 214 -30.77 6.91 -25.80
CA THR B 214 -30.77 5.52 -26.23
C THR B 214 -29.33 5.02 -26.21
N ARG B 215 -29.19 3.75 -25.82
CA ARG B 215 -27.90 3.09 -25.79
C ARG B 215 -26.89 3.84 -24.92
N THR B 216 -27.27 4.09 -23.67
CA THR B 216 -26.34 4.58 -22.66
C THR B 216 -26.50 3.80 -21.36
N SER B 217 -25.38 3.59 -20.67
CA SER B 217 -25.44 3.11 -19.29
C SER B 217 -26.06 4.21 -18.42
N ARG B 218 -26.31 3.91 -17.14
CA ARG B 218 -26.98 4.87 -16.25
C ARG B 218 -26.07 5.98 -15.76
N GLY B 219 -26.67 7.12 -15.43
CA GLY B 219 -25.95 8.25 -14.89
C GLY B 219 -26.83 9.22 -14.12
N TRP B 220 -26.27 9.83 -13.08
CA TRP B 220 -26.98 10.81 -12.27
C TRP B 220 -26.16 12.09 -12.12
N HIS B 221 -26.82 13.22 -11.83
CA HIS B 221 -26.14 14.50 -11.60
C HIS B 221 -26.98 15.41 -10.70
N THR B 222 -26.37 16.48 -10.18
CA THR B 222 -27.04 17.36 -9.23
C THR B 222 -27.55 18.70 -9.80
N THR B 223 -26.97 19.17 -10.91
CA THR B 223 -27.43 20.41 -11.55
C THR B 223 -27.53 20.29 -13.06
N ASP B 224 -28.24 21.19 -13.73
CA ASP B 224 -28.26 21.16 -15.20
C ASP B 224 -28.15 22.49 -15.94
N LEU B 225 -28.12 23.60 -15.22
CA LEU B 225 -27.96 24.89 -15.85
C LEU B 225 -26.58 25.43 -15.56
N LYS B 226 -25.99 26.09 -16.55
CA LYS B 226 -24.73 26.79 -16.36
C LYS B 226 -24.98 28.13 -15.67
N TYR B 227 -24.22 28.40 -14.62
CA TYR B 227 -24.31 29.67 -13.91
C TYR B 227 -23.32 30.72 -14.44
N ASN B 228 -23.85 31.90 -14.77
CA ASN B 228 -23.05 32.99 -15.29
C ASN B 228 -23.40 34.24 -14.51
N PRO B 229 -22.37 35.01 -14.09
CA PRO B 229 -22.58 36.22 -13.28
C PRO B 229 -23.54 37.13 -14.01
N SER B 230 -24.38 37.87 -13.27
CA SER B 230 -25.33 38.77 -13.90
C SER B 230 -24.71 40.14 -14.16
N ARG B 231 -25.29 40.82 -15.16
CA ARG B 231 -24.92 42.17 -15.57
C ARG B 231 -24.56 43.09 -14.38
N VAL B 232 -25.50 43.19 -13.44
CA VAL B 232 -25.32 43.98 -12.23
C VAL B 232 -24.01 43.64 -11.55
N GLU B 233 -24.04 42.63 -10.70
CA GLU B 233 -22.89 42.17 -9.92
C GLU B 233 -21.57 42.48 -10.60
N ALA B 234 -21.07 43.69 -10.35
CA ALA B 234 -19.81 44.14 -10.93
C ALA B 234 -18.66 43.70 -10.03
N PHE B 235 -19.00 43.12 -8.89
CA PHE B 235 -18.02 42.61 -7.94
C PHE B 235 -17.83 41.12 -8.15
N HIS B 236 -18.16 40.65 -9.34
CA HIS B 236 -18.33 39.23 -9.57
C HIS B 236 -18.42 39.01 -11.07
N ARG B 237 -17.28 39.00 -11.76
CA ARG B 237 -17.27 38.88 -13.22
C ARG B 237 -16.97 37.46 -13.73
N TYR B 238 -16.32 36.65 -12.89
CA TYR B 238 -16.14 35.23 -13.17
C TYR B 238 -17.15 34.42 -12.34
N GLY B 239 -17.95 33.62 -13.02
CA GLY B 239 -18.98 32.79 -12.41
C GLY B 239 -18.73 31.29 -12.45
N THR B 240 -19.13 30.59 -11.38
CA THR B 240 -18.79 29.18 -11.23
C THR B 240 -19.99 28.23 -11.27
N THR B 241 -19.79 27.07 -11.87
CA THR B 241 -20.76 26.00 -11.92
C THR B 241 -20.16 24.66 -11.44
N VAL B 242 -20.90 23.91 -10.63
CA VAL B 242 -20.47 22.61 -10.18
C VAL B 242 -21.59 21.60 -10.32
N ASN B 243 -21.42 20.67 -11.26
CA ASN B 243 -22.38 19.63 -11.56
C ASN B 243 -21.83 18.25 -11.20
N CYS B 244 -22.31 17.70 -10.09
CA CYS B 244 -21.84 16.40 -9.64
C CYS B 244 -22.45 15.32 -10.52
N ILE B 245 -21.61 14.39 -10.97
CA ILE B 245 -21.99 13.42 -11.99
C ILE B 245 -21.51 12.03 -11.62
N VAL B 246 -22.44 11.08 -11.59
CA VAL B 246 -22.12 9.68 -11.35
C VAL B 246 -22.48 8.89 -12.60
N GLU B 247 -21.55 8.08 -13.08
CA GLU B 247 -21.75 7.37 -14.33
C GLU B 247 -21.35 5.90 -14.24
N GLU B 248 -22.32 5.01 -14.44
CA GLU B 248 -21.99 3.62 -14.68
C GLU B 248 -21.43 3.51 -16.09
N VAL B 249 -20.31 2.83 -16.24
CA VAL B 249 -19.70 2.66 -17.56
C VAL B 249 -19.09 1.27 -17.67
N ASP B 250 -19.10 0.71 -18.87
CA ASP B 250 -18.40 -0.55 -19.08
C ASP B 250 -16.91 -0.28 -19.01
N ALA B 251 -16.13 -1.29 -18.61
CA ALA B 251 -14.67 -1.20 -18.65
C ALA B 251 -14.06 -2.40 -19.37
N ARG B 252 -12.95 -2.17 -20.04
CA ARG B 252 -12.29 -3.20 -20.82
C ARG B 252 -10.79 -3.16 -20.54
N SER B 253 -10.12 -4.28 -20.72
CA SER B 253 -8.71 -4.39 -20.46
C SER B 253 -8.17 -5.57 -21.26
N VAL B 254 -7.01 -5.39 -21.90
CA VAL B 254 -6.40 -6.49 -22.62
C VAL B 254 -5.12 -6.95 -21.92
N TYR B 255 -4.76 -8.21 -22.17
CA TYR B 255 -3.53 -8.78 -21.65
C TYR B 255 -2.43 -7.74 -21.84
N PRO B 256 -1.51 -7.60 -20.86
CA PRO B 256 -1.28 -8.25 -19.56
C PRO B 256 -2.24 -7.80 -18.46
N TYR B 257 -3.18 -6.94 -18.79
CA TYR B 257 -4.15 -6.44 -17.82
C TYR B 257 -3.52 -5.57 -16.72
N ASP B 258 -2.58 -4.71 -17.08
CA ASP B 258 -1.99 -3.82 -16.11
C ASP B 258 -2.57 -2.40 -16.17
N GLU B 259 -3.57 -2.23 -17.03
CA GLU B 259 -4.32 -0.99 -17.13
C GLU B 259 -5.67 -1.28 -17.74
N PHE B 260 -6.53 -0.28 -17.85
CA PHE B 260 -7.81 -0.49 -18.51
C PHE B 260 -8.50 0.78 -18.93
N VAL B 261 -9.44 0.68 -19.88
CA VAL B 261 -10.19 1.85 -20.31
C VAL B 261 -11.65 1.83 -19.88
N LEU B 262 -12.27 3.01 -19.86
CA LEU B 262 -13.70 3.15 -19.62
C LEU B 262 -14.40 3.61 -20.90
N ALA B 263 -15.70 3.38 -20.98
CA ALA B 263 -16.45 3.79 -22.16
C ALA B 263 -16.34 5.31 -22.48
N THR B 264 -15.81 6.10 -21.55
CA THR B 264 -15.61 7.53 -21.82
C THR B 264 -14.33 7.84 -22.61
N GLY B 265 -13.50 6.84 -22.82
CA GLY B 265 -12.24 7.03 -23.50
C GLY B 265 -11.07 7.22 -22.56
N ASP B 266 -11.34 7.20 -21.26
CA ASP B 266 -10.30 7.44 -20.28
C ASP B 266 -9.52 6.16 -20.03
N PHE B 267 -8.20 6.29 -20.02
CA PHE B 267 -7.35 5.23 -19.50
C PHE B 267 -7.33 5.26 -17.97
N VAL B 268 -7.08 4.11 -17.36
CA VAL B 268 -6.82 4.03 -15.95
C VAL B 268 -5.58 3.17 -15.80
N TYR B 269 -4.49 3.77 -15.34
CA TYR B 269 -3.22 3.07 -15.39
C TYR B 269 -3.00 2.23 -14.15
N MET B 270 -3.97 1.34 -13.93
CA MET B 270 -3.91 0.37 -12.87
C MET B 270 -4.62 -0.92 -13.32
N SER B 271 -4.11 -2.06 -12.87
CA SER B 271 -4.72 -3.35 -13.14
C SER B 271 -6.13 -3.44 -12.55
N PRO B 272 -7.10 -3.94 -13.34
CA PRO B 272 -8.42 -4.24 -12.75
C PRO B 272 -8.30 -5.13 -11.51
N PHE B 273 -7.23 -5.93 -11.44
CA PHE B 273 -7.10 -6.94 -10.38
C PHE B 273 -6.25 -6.46 -9.22
N TYR B 274 -6.02 -5.16 -9.15
CA TYR B 274 -5.22 -4.60 -8.09
C TYR B 274 -6.04 -4.56 -6.80
N GLY B 275 -5.36 -4.66 -5.66
CA GLY B 275 -6.04 -4.64 -4.39
C GLY B 275 -5.13 -5.16 -3.31
N TYR B 276 -5.73 -5.68 -2.25
CA TYR B 276 -4.96 -6.10 -1.09
C TYR B 276 -5.12 -7.58 -0.82
N ARG B 277 -6.24 -8.15 -1.25
CA ARG B 277 -6.53 -9.56 -0.94
C ARG B 277 -5.68 -10.49 -1.81
N GLU B 278 -5.41 -11.68 -1.30
CA GLU B 278 -4.66 -12.69 -2.03
C GLU B 278 -3.32 -12.11 -2.49
N GLY B 279 -2.91 -12.37 -3.72
CA GLY B 279 -1.66 -11.81 -4.21
C GLY B 279 -1.82 -10.57 -5.07
N SER B 280 -2.98 -9.91 -4.96
CA SER B 280 -3.38 -8.84 -5.88
C SER B 280 -2.57 -7.55 -5.74
N HIS B 281 -2.10 -7.29 -4.53
CA HIS B 281 -1.31 -6.10 -4.20
C HIS B 281 0.03 -6.10 -4.93
N THR B 282 0.27 -7.10 -5.78
CA THR B 282 1.50 -7.14 -6.57
C THR B 282 1.21 -6.66 -7.98
N GLU B 283 -0.07 -6.51 -8.28
CA GLU B 283 -0.48 -5.99 -9.58
C GLU B 283 0.05 -4.58 -9.83
N HIS B 284 -0.05 -4.12 -11.08
CA HIS B 284 0.47 -2.81 -11.43
C HIS B 284 -0.39 -1.64 -10.97
N THR B 285 0.26 -0.57 -10.53
CA THR B 285 -0.37 0.72 -10.38
C THR B 285 0.59 1.85 -10.76
N SER B 286 0.06 2.85 -11.44
CA SER B 286 0.84 4.02 -11.88
C SER B 286 0.62 5.18 -10.92
N TYR B 287 -0.38 5.04 -10.04
CA TYR B 287 -0.75 6.10 -9.11
C TYR B 287 -0.20 5.86 -7.72
N ALA B 288 -0.23 6.90 -6.87
CA ALA B 288 0.27 6.83 -5.50
C ALA B 288 -0.65 6.06 -4.55
N ALA B 289 -0.06 5.56 -3.46
CA ALA B 289 -0.78 4.69 -2.55
C ALA B 289 -2.06 5.30 -1.99
N ASP B 290 -2.11 6.63 -1.84
CA ASP B 290 -3.28 7.29 -1.24
C ASP B 290 -4.38 7.59 -2.24
N ARG B 291 -4.14 7.33 -3.53
CA ARG B 291 -5.19 7.44 -4.55
C ARG B 291 -6.14 6.26 -4.52
N PHE B 292 -5.66 5.12 -4.01
CA PHE B 292 -6.43 3.88 -4.04
C PHE B 292 -7.01 3.52 -2.68
N LYS B 293 -8.27 3.09 -2.68
CA LYS B 293 -8.95 2.63 -1.47
C LYS B 293 -9.56 1.30 -1.79
N GLN B 294 -9.64 0.42 -0.80
CA GLN B 294 -10.43 -0.80 -0.94
C GLN B 294 -11.31 -0.98 0.28
N VAL B 295 -12.62 -1.01 0.07
CA VAL B 295 -13.58 -1.24 1.15
C VAL B 295 -14.10 -2.67 1.13
N ASP B 296 -13.73 -3.44 2.15
CA ASP B 296 -14.33 -4.75 2.33
C ASP B 296 -15.73 -4.61 2.93
N GLY B 297 -16.55 -5.63 2.73
CA GLY B 297 -17.92 -5.60 3.23
C GLY B 297 -18.70 -4.41 2.70
N PHE B 298 -18.57 -4.16 1.40
CA PHE B 298 -19.25 -3.03 0.77
C PHE B 298 -20.66 -3.39 0.30
N TYR B 299 -21.62 -2.52 0.61
CA TYR B 299 -22.98 -2.70 0.12
C TYR B 299 -23.44 -1.47 -0.65
N ALA B 300 -23.62 -1.65 -1.95
CA ALA B 300 -23.98 -0.56 -2.84
C ALA B 300 -25.40 -0.07 -2.62
N ARG B 301 -25.63 1.18 -2.97
CA ARG B 301 -26.96 1.75 -2.88
C ARG B 301 -27.37 2.32 -4.24
N ASP B 302 -28.22 1.59 -4.95
CA ASP B 302 -28.74 2.07 -6.22
C ASP B 302 -29.22 3.50 -6.11
N LEU B 303 -28.66 4.36 -6.96
CA LEU B 303 -28.98 5.78 -6.95
C LEU B 303 -30.41 6.08 -7.38
N THR B 304 -30.96 5.19 -8.19
CA THR B 304 -32.33 5.32 -8.66
C THR B 304 -33.36 4.69 -7.70
N THR B 305 -33.24 3.39 -7.46
CA THR B 305 -34.21 2.70 -6.60
C THR B 305 -34.04 3.01 -5.12
N LYS B 306 -32.84 3.47 -4.76
CA LYS B 306 -32.50 3.77 -3.37
C LYS B 306 -32.46 2.47 -2.55
N ALA B 307 -32.34 1.35 -3.26
CA ALA B 307 -32.25 0.03 -2.63
C ALA B 307 -30.79 -0.35 -2.38
N ARG B 308 -30.52 -0.93 -1.22
CA ARG B 308 -29.17 -1.32 -0.87
CA ARG B 308 -29.17 -1.33 -0.86
C ARG B 308 -28.89 -2.78 -1.23
N ALA B 309 -27.70 -3.04 -1.75
CA ALA B 309 -27.29 -4.41 -2.05
C ALA B 309 -27.06 -5.12 -0.73
N THR B 310 -27.39 -6.41 -0.69
CA THR B 310 -27.20 -7.22 0.50
C THR B 310 -25.96 -8.09 0.37
N ALA B 311 -25.77 -8.64 -0.83
CA ALA B 311 -24.55 -9.38 -1.12
C ALA B 311 -23.39 -8.40 -1.10
N PRO B 312 -22.49 -8.54 -0.12
CA PRO B 312 -21.35 -7.65 0.03
C PRO B 312 -20.27 -7.91 -1.04
N THR B 313 -19.54 -6.86 -1.38
CA THR B 313 -18.43 -6.99 -2.33
C THR B 313 -17.20 -6.30 -1.76
N THR B 314 -16.03 -6.67 -2.26
CA THR B 314 -14.83 -5.92 -2.00
C THR B 314 -14.75 -4.84 -3.06
N ARG B 315 -14.84 -3.58 -2.65
CA ARG B 315 -14.98 -2.46 -3.56
C ARG B 315 -13.69 -1.69 -3.73
N ASN B 316 -13.20 -1.64 -4.97
CA ASN B 316 -12.04 -0.82 -5.33
C ASN B 316 -12.49 0.57 -5.71
N LEU B 317 -11.74 1.56 -5.25
CA LEU B 317 -11.96 2.95 -5.65
C LEU B 317 -10.61 3.58 -5.92
N LEU B 318 -10.41 4.09 -7.13
CA LEU B 318 -9.18 4.78 -7.45
C LEU B 318 -9.47 6.17 -7.98
N THR B 319 -8.82 7.16 -7.37
CA THR B 319 -8.98 8.57 -7.72
C THR B 319 -7.83 8.97 -8.63
N THR B 320 -8.15 9.19 -9.90
CA THR B 320 -7.20 9.73 -10.85
C THR B 320 -7.37 11.26 -10.83
N PRO B 321 -6.44 12.00 -11.43
CA PRO B 321 -6.53 13.47 -11.40
C PRO B 321 -7.91 14.00 -11.82
N LYS B 322 -8.69 13.19 -12.53
CA LYS B 322 -9.93 13.69 -13.13
C LYS B 322 -11.22 13.01 -12.62
N PHE B 323 -11.10 11.83 -12.02
CA PHE B 323 -12.31 11.17 -11.53
C PHE B 323 -11.96 10.08 -10.55
N THR B 324 -12.95 9.65 -9.81
CA THR B 324 -12.85 8.44 -9.00
C THR B 324 -13.65 7.33 -9.69
N VAL B 325 -12.99 6.20 -9.93
CA VAL B 325 -13.64 5.02 -10.50
C VAL B 325 -13.72 3.89 -9.46
N ALA B 326 -14.90 3.33 -9.29
CA ALA B 326 -15.07 2.20 -8.40
C ALA B 326 -15.44 0.96 -9.19
N TRP B 327 -15.02 -0.20 -8.68
CA TRP B 327 -15.46 -1.46 -9.21
C TRP B 327 -15.31 -2.54 -8.15
N ASP B 328 -15.86 -3.72 -8.42
CA ASP B 328 -15.75 -4.85 -7.52
C ASP B 328 -14.51 -5.68 -7.86
N TRP B 329 -13.62 -5.84 -6.89
CA TRP B 329 -12.42 -6.63 -7.10
C TRP B 329 -12.71 -8.13 -7.11
N VAL B 330 -12.14 -8.83 -8.09
CA VAL B 330 -12.15 -10.29 -8.19
C VAL B 330 -10.77 -10.77 -8.61
N PRO B 331 -10.44 -12.03 -8.29
CA PRO B 331 -9.14 -12.63 -8.61
C PRO B 331 -8.89 -12.68 -10.11
N LYS B 332 -7.62 -12.71 -10.49
CA LYS B 332 -7.25 -12.67 -11.88
C LYS B 332 -7.46 -14.00 -12.61
N ARG B 333 -6.70 -15.02 -12.22
CA ARG B 333 -6.71 -16.30 -12.94
C ARG B 333 -8.10 -16.77 -13.35
N PRO B 334 -9.05 -16.74 -12.40
CA PRO B 334 -10.38 -17.28 -12.67
C PRO B 334 -11.19 -16.35 -13.56
N SER B 335 -10.72 -15.12 -13.70
CA SER B 335 -11.51 -14.07 -14.33
C SER B 335 -11.14 -13.82 -15.79
N VAL B 336 -9.87 -14.02 -16.11
CA VAL B 336 -9.40 -13.87 -17.48
C VAL B 336 -8.79 -15.16 -18.01
N CYS B 337 -8.42 -15.16 -19.30
CA CYS B 337 -7.81 -16.30 -19.96
C CYS B 337 -7.25 -15.91 -21.33
N THR B 338 -6.22 -16.61 -21.80
CA THR B 338 -5.57 -16.28 -23.08
C THR B 338 -5.98 -17.20 -24.25
N MET B 339 -6.93 -18.09 -23.99
CA MET B 339 -7.48 -18.97 -25.01
C MET B 339 -8.98 -19.11 -24.80
N THR B 340 -9.72 -19.34 -25.89
CA THR B 340 -11.18 -19.37 -25.84
C THR B 340 -11.72 -20.68 -26.35
N LYS B 341 -12.66 -21.26 -25.63
CA LYS B 341 -13.33 -22.44 -26.12
C LYS B 341 -13.97 -22.09 -27.44
N TRP B 342 -13.56 -22.78 -28.49
CA TRP B 342 -14.05 -22.51 -29.82
C TRP B 342 -15.10 -23.54 -30.25
N GLN B 343 -14.68 -24.80 -30.40
CA GLN B 343 -15.55 -25.82 -30.96
C GLN B 343 -15.66 -27.04 -30.05
N GLU B 344 -16.89 -27.44 -29.75
CA GLU B 344 -17.14 -28.67 -29.03
C GLU B 344 -17.42 -29.77 -30.05
N VAL B 345 -16.67 -30.85 -29.97
CA VAL B 345 -16.80 -31.94 -30.93
C VAL B 345 -17.18 -33.26 -30.26
N ASP B 346 -18.40 -33.72 -30.53
CA ASP B 346 -18.90 -34.96 -29.96
C ASP B 346 -18.06 -36.14 -30.45
N GLU B 347 -17.98 -36.31 -31.77
CA GLU B 347 -17.21 -37.41 -32.36
C GLU B 347 -15.95 -36.89 -33.03
N MET B 348 -14.84 -36.87 -32.30
CA MET B 348 -13.57 -36.54 -32.92
C MET B 348 -12.72 -37.79 -33.03
N LEU B 349 -12.31 -38.13 -34.24
CA LEU B 349 -11.51 -39.32 -34.46
C LEU B 349 -10.04 -38.96 -34.52
N ARG B 350 -9.27 -39.55 -33.62
CA ARG B 350 -7.84 -39.42 -33.71
C ARG B 350 -7.26 -40.62 -34.43
N SER B 351 -6.37 -40.35 -35.38
CA SER B 351 -5.62 -41.41 -36.01
C SER B 351 -4.18 -40.97 -36.01
N GLU B 352 -3.28 -41.93 -35.87
CA GLU B 352 -1.87 -41.63 -36.04
C GLU B 352 -1.49 -41.89 -37.47
N TYR B 353 -0.70 -41.00 -38.04
CA TYR B 353 -0.18 -41.25 -39.36
C TYR B 353 1.13 -40.52 -39.60
N GLY B 354 2.21 -41.27 -39.59
CA GLY B 354 3.52 -40.72 -39.89
C GLY B 354 4.11 -40.02 -38.69
N GLY B 355 3.82 -40.53 -37.49
CA GLY B 355 4.29 -39.90 -36.28
C GLY B 355 3.53 -38.65 -35.87
N SER B 356 2.49 -38.32 -36.62
CA SER B 356 1.60 -37.22 -36.28
C SER B 356 0.27 -37.81 -35.86
N PHE B 357 -0.56 -36.99 -35.23
CA PHE B 357 -1.94 -37.35 -34.99
C PHE B 357 -2.82 -36.54 -35.92
N ARG B 358 -3.83 -37.19 -36.48
CA ARG B 358 -4.91 -36.51 -37.15
C ARG B 358 -6.09 -36.57 -36.22
N PHE B 359 -6.72 -35.42 -35.97
CA PHE B 359 -7.96 -35.36 -35.23
C PHE B 359 -9.03 -34.91 -36.21
N SER B 360 -9.97 -35.80 -36.50
CA SER B 360 -10.89 -35.52 -37.59
C SER B 360 -12.30 -35.25 -37.08
N SER B 361 -12.90 -34.18 -37.56
CA SER B 361 -14.30 -33.91 -37.22
C SER B 361 -15.20 -33.89 -38.44
N ASP B 362 -16.08 -34.88 -38.48
CA ASP B 362 -17.05 -35.02 -39.53
C ASP B 362 -18.02 -33.85 -39.54
N ALA B 363 -18.39 -33.38 -38.34
CA ALA B 363 -19.42 -32.37 -38.20
C ALA B 363 -18.98 -31.02 -38.75
N ILE B 364 -17.75 -30.63 -38.45
CA ILE B 364 -17.28 -29.35 -38.94
C ILE B 364 -16.23 -29.51 -40.05
N SER B 365 -16.18 -30.70 -40.65
CA SER B 365 -15.32 -30.98 -41.80
C SER B 365 -13.88 -30.58 -41.53
N THR B 366 -13.32 -31.13 -40.48
CA THR B 366 -12.07 -30.60 -39.98
C THR B 366 -11.06 -31.68 -39.56
N THR B 367 -9.87 -31.63 -40.15
CA THR B 367 -8.81 -32.51 -39.74
C THR B 367 -7.66 -31.70 -39.18
N PHE B 368 -7.31 -31.98 -37.92
CA PHE B 368 -6.25 -31.25 -37.26
C PHE B 368 -4.98 -32.08 -37.22
N THR B 369 -3.84 -31.41 -37.23
CA THR B 369 -2.55 -32.08 -37.25
C THR B 369 -1.76 -31.72 -36.00
N THR B 370 -1.32 -32.72 -35.24
CA THR B 370 -0.57 -32.49 -34.01
C THR B 370 0.56 -33.49 -33.88
N ASN B 371 1.38 -33.34 -32.86
CA ASN B 371 2.39 -34.32 -32.53
C ASN B 371 1.78 -35.43 -31.70
N LEU B 372 2.57 -36.46 -31.41
CA LEU B 372 2.10 -37.59 -30.61
C LEU B 372 2.17 -37.26 -29.13
N THR B 373 2.93 -36.22 -28.80
CA THR B 373 3.11 -35.83 -27.43
C THR B 373 2.06 -34.80 -27.04
N GLU B 374 1.55 -34.92 -25.82
CA GLU B 374 0.58 -33.94 -25.33
C GLU B 374 1.24 -32.58 -25.13
N TYR B 375 0.43 -31.54 -25.12
CA TYR B 375 0.92 -30.20 -24.84
C TYR B 375 0.63 -29.88 -23.38
N PRO B 376 1.64 -29.36 -22.67
CA PRO B 376 1.57 -29.06 -21.24
C PRO B 376 1.01 -27.66 -20.93
N LEU B 377 -0.18 -27.65 -20.32
CA LEU B 377 -0.92 -26.44 -20.03
C LEU B 377 -0.18 -25.52 -19.05
N SER B 378 0.87 -26.06 -18.46
CA SER B 378 1.71 -25.32 -17.53
C SER B 378 2.61 -24.38 -18.32
N ARG B 379 2.55 -24.50 -19.64
CA ARG B 379 3.35 -23.67 -20.52
C ARG B 379 2.52 -22.46 -20.95
N VAL B 380 1.23 -22.49 -20.64
CA VAL B 380 0.31 -21.42 -21.03
C VAL B 380 0.12 -20.42 -19.91
N ASP B 381 0.19 -19.14 -20.25
CA ASP B 381 -0.03 -18.10 -19.29
C ASP B 381 -1.51 -17.81 -19.10
N LEU B 382 -2.03 -18.03 -17.90
CA LEU B 382 -3.42 -17.73 -17.57
C LEU B 382 -4.38 -18.46 -18.49
N GLY B 383 -4.42 -19.78 -18.35
CA GLY B 383 -5.34 -20.59 -19.12
C GLY B 383 -6.18 -21.45 -18.19
N ASP B 384 -6.51 -20.91 -17.03
CA ASP B 384 -7.34 -21.64 -16.08
C ASP B 384 -8.55 -22.25 -16.76
N CYS B 385 -9.28 -21.41 -17.50
CA CYS B 385 -10.54 -21.81 -18.11
C CYS B 385 -10.40 -23.06 -18.99
N ILE B 386 -9.26 -23.22 -19.63
CA ILE B 386 -9.04 -24.35 -20.52
C ILE B 386 -9.49 -25.69 -19.92
N GLY B 387 -8.71 -26.21 -18.98
CA GLY B 387 -9.04 -27.46 -18.32
C GLY B 387 -10.43 -27.44 -17.71
N LYS B 388 -10.85 -26.27 -17.24
CA LYS B 388 -12.21 -26.12 -16.71
C LYS B 388 -13.21 -26.17 -17.86
N ASP B 389 -12.97 -25.37 -18.88
CA ASP B 389 -13.84 -25.35 -20.05
C ASP B 389 -13.89 -26.74 -20.62
N ALA B 390 -12.73 -27.36 -20.80
CA ALA B 390 -12.62 -28.69 -21.39
C ALA B 390 -13.34 -29.77 -20.58
N ARG B 391 -12.98 -29.87 -19.30
CA ARG B 391 -13.51 -30.90 -18.42
C ARG B 391 -15.03 -30.88 -18.37
N ASP B 392 -15.59 -29.68 -18.34
CA ASP B 392 -17.01 -29.48 -18.11
C ASP B 392 -17.86 -29.89 -19.29
N ALA B 393 -17.34 -29.70 -20.50
CA ALA B 393 -18.05 -30.13 -21.69
C ALA B 393 -17.81 -31.62 -21.91
N MET B 394 -16.57 -32.06 -21.68
CA MET B 394 -16.21 -33.47 -21.78
C MET B 394 -16.97 -34.36 -20.80
N ASP B 395 -17.64 -33.74 -19.83
CA ASP B 395 -18.49 -34.48 -18.92
C ASP B 395 -19.93 -34.51 -19.43
N ARG B 396 -20.45 -33.34 -19.75
CA ARG B 396 -21.81 -33.23 -20.26
C ARG B 396 -22.06 -34.14 -21.47
N ILE B 397 -21.21 -34.02 -22.48
CA ILE B 397 -21.37 -34.76 -23.74
C ILE B 397 -21.37 -36.28 -23.53
N PHE B 398 -20.60 -36.74 -22.56
CA PHE B 398 -20.58 -38.16 -22.26
C PHE B 398 -21.92 -38.67 -21.76
N ALA B 399 -22.46 -38.02 -20.74
CA ALA B 399 -23.72 -38.45 -20.15
C ALA B 399 -24.85 -38.36 -21.17
N ARG B 400 -24.66 -37.53 -22.18
CA ARG B 400 -25.68 -37.34 -23.21
C ARG B 400 -25.54 -38.36 -24.33
N ARG B 401 -24.32 -38.84 -24.58
CA ARG B 401 -24.11 -39.71 -25.72
C ARG B 401 -23.45 -41.03 -25.40
N TYR B 402 -22.69 -41.10 -24.31
CA TYR B 402 -22.00 -42.33 -23.99
C TYR B 402 -22.27 -42.82 -22.57
N ASN B 403 -23.20 -42.17 -21.88
CA ASN B 403 -23.51 -42.54 -20.50
C ASN B 403 -23.79 -44.03 -20.38
N ALA B 404 -23.86 -44.71 -21.53
CA ALA B 404 -24.06 -46.15 -21.56
C ALA B 404 -23.48 -46.80 -22.82
N THR B 405 -22.43 -46.21 -23.39
CA THR B 405 -21.92 -46.63 -24.69
C THR B 405 -20.46 -47.10 -24.67
N HIS B 406 -19.60 -46.30 -24.06
CA HIS B 406 -18.15 -46.50 -24.13
C HIS B 406 -17.49 -46.51 -22.77
N ILE B 407 -16.16 -46.46 -22.80
CA ILE B 407 -15.34 -46.36 -21.61
C ILE B 407 -14.29 -45.25 -21.78
N LYS B 408 -14.16 -44.38 -20.78
CA LYS B 408 -13.15 -43.34 -20.82
C LYS B 408 -11.76 -43.93 -20.61
N VAL B 409 -10.89 -43.78 -21.60
CA VAL B 409 -9.52 -44.24 -21.44
C VAL B 409 -8.64 -43.13 -20.89
N GLY B 410 -8.39 -43.19 -19.58
CA GLY B 410 -7.56 -42.21 -18.93
C GLY B 410 -8.25 -40.87 -18.80
N GLN B 411 -7.47 -39.85 -18.50
CA GLN B 411 -8.00 -38.52 -18.29
C GLN B 411 -7.93 -37.73 -19.59
N PRO B 412 -8.60 -36.56 -19.64
CA PRO B 412 -8.53 -35.66 -20.79
C PRO B 412 -7.11 -35.31 -21.19
N GLN B 413 -6.89 -35.11 -22.48
CA GLN B 413 -5.56 -34.91 -23.04
C GLN B 413 -5.56 -33.59 -23.79
N TYR B 414 -4.40 -32.91 -23.83
CA TYR B 414 -4.32 -31.62 -24.52
C TYR B 414 -3.22 -31.59 -25.57
N TYR B 415 -3.63 -31.46 -26.83
CA TYR B 415 -2.68 -31.43 -27.94
C TYR B 415 -2.74 -30.08 -28.63
N LEU B 416 -1.62 -29.66 -29.19
CA LEU B 416 -1.57 -28.42 -29.95
C LEU B 416 -1.43 -28.69 -31.45
N ALA B 417 -2.41 -28.22 -32.22
CA ALA B 417 -2.44 -28.47 -33.65
C ALA B 417 -1.88 -27.31 -34.43
N ASN B 418 -1.36 -27.59 -35.62
CA ASN B 418 -0.90 -26.56 -36.51
C ASN B 418 -1.92 -25.44 -36.64
N GLY B 419 -1.43 -24.22 -36.85
CA GLY B 419 -2.30 -23.07 -36.97
C GLY B 419 -2.68 -22.61 -35.57
N GLY B 420 -2.15 -23.31 -34.58
CA GLY B 420 -2.28 -22.90 -33.20
C GLY B 420 -3.65 -23.16 -32.63
N PHE B 421 -4.12 -24.40 -32.72
CA PHE B 421 -5.39 -24.74 -32.12
C PHE B 421 -5.18 -25.79 -31.04
N LEU B 422 -5.55 -25.46 -29.81
CA LEU B 422 -5.31 -26.37 -28.72
C LEU B 422 -6.46 -27.34 -28.56
N ILE B 423 -6.17 -28.61 -28.78
CA ILE B 423 -7.17 -29.66 -28.75
C ILE B 423 -7.15 -30.41 -27.43
N ALA B 424 -8.25 -30.31 -26.71
CA ALA B 424 -8.49 -31.11 -25.52
C ALA B 424 -9.21 -32.39 -25.95
N TYR B 425 -8.69 -33.55 -25.55
CA TYR B 425 -9.10 -34.84 -26.13
C TYR B 425 -9.30 -35.94 -25.09
N GLN B 426 -10.50 -36.50 -25.07
CA GLN B 426 -10.77 -37.68 -24.26
C GLN B 426 -10.91 -38.92 -25.14
N PRO B 427 -9.89 -39.82 -25.12
CA PRO B 427 -9.97 -41.08 -25.85
C PRO B 427 -11.06 -41.97 -25.27
N LEU B 428 -11.90 -42.55 -26.14
CA LEU B 428 -12.97 -43.46 -25.71
C LEU B 428 -12.70 -44.87 -26.21
N LEU B 429 -13.50 -45.82 -25.71
CA LEU B 429 -13.40 -47.24 -26.08
C LEU B 429 -14.75 -47.91 -25.86
N SER B 430 -15.23 -48.63 -26.86
CA SER B 430 -16.60 -49.14 -26.83
C SER B 430 -16.80 -50.19 -25.75
N ASN B 431 -18.01 -50.23 -25.20
CA ASN B 431 -18.38 -51.27 -24.24
C ASN B 431 -18.21 -52.67 -24.84
N THR B 432 -18.45 -52.77 -26.15
CA THR B 432 -18.22 -54.00 -26.89
C THR B 432 -16.81 -54.51 -26.66
N LEU B 433 -15.85 -53.59 -26.77
CA LEU B 433 -14.43 -53.94 -26.71
C LEU B 433 -13.90 -53.72 -25.30
N ALA B 434 -14.82 -53.71 -24.34
CA ALA B 434 -14.49 -53.41 -22.95
C ALA B 434 -13.28 -54.18 -22.43
N GLU B 435 -12.93 -55.28 -23.10
CA GLU B 435 -11.78 -56.08 -22.69
C GLU B 435 -10.46 -55.48 -23.20
N LEU B 436 -10.34 -54.17 -23.16
CA LEU B 436 -9.19 -53.51 -23.76
C LEU B 436 -8.58 -52.36 -22.95
N TYR B 437 -9.25 -51.95 -21.87
CA TYR B 437 -8.79 -50.80 -21.10
C TYR B 437 -7.30 -50.91 -20.79
N VAL B 438 -6.90 -52.06 -20.27
CA VAL B 438 -5.53 -52.27 -19.81
C VAL B 438 -4.53 -51.96 -20.93
N ARG B 439 -4.94 -52.20 -22.17
CA ARG B 439 -4.04 -52.06 -23.32
C ARG B 439 -3.73 -50.61 -23.68
N GLU B 440 -4.74 -49.89 -24.15
CA GLU B 440 -4.56 -48.54 -24.70
C GLU B 440 -4.41 -47.43 -23.65
N HIS B 441 -4.78 -47.71 -22.40
CA HIS B 441 -4.54 -46.77 -21.31
C HIS B 441 -3.04 -46.54 -21.19
N LEU B 442 -2.31 -47.64 -21.01
CA LEU B 442 -0.86 -47.60 -20.95
C LEU B 442 -0.33 -46.74 -22.09
N ARG B 443 -1.07 -46.76 -23.20
CA ARG B 443 -0.69 -46.01 -24.40
C ARG B 443 -1.03 -44.54 -24.28
N GLU B 444 -2.18 -44.25 -23.67
CA GLU B 444 -2.59 -42.87 -23.44
C GLU B 444 -1.68 -42.20 -22.43
N GLN B 445 -1.03 -43.02 -21.62
CA GLN B 445 -0.08 -42.50 -20.64
C GLN B 445 1.23 -42.07 -21.26
N SER B 446 1.68 -42.80 -22.28
CA SER B 446 2.91 -42.44 -22.96
C SER B 446 2.78 -41.02 -23.50
N ARG B 447 1.57 -40.69 -23.92
CA ARG B 447 1.23 -39.38 -24.46
C ARG B 447 1.35 -38.27 -23.42
N LYS B 448 1.27 -38.65 -22.15
CA LYS B 448 1.37 -37.71 -21.01
C LYS B 448 2.52 -36.73 -21.14
N PRO B 449 2.30 -35.48 -20.68
CA PRO B 449 3.32 -34.44 -20.84
C PRO B 449 4.64 -34.78 -20.12
N PRO B 450 5.77 -34.73 -20.86
CA PRO B 450 7.11 -34.97 -20.30
C PRO B 450 7.55 -33.86 -19.35
N VAL B 465 6.32 -19.51 -19.57
CA VAL B 465 5.00 -19.66 -20.14
C VAL B 465 4.82 -18.77 -21.38
N GLU B 466 4.05 -19.25 -22.34
CA GLU B 466 3.87 -18.50 -23.57
C GLU B 466 2.40 -18.23 -23.90
N ARG B 467 2.18 -17.57 -25.03
CA ARG B 467 0.85 -17.42 -25.61
C ARG B 467 0.83 -18.06 -26.98
N ILE B 468 -0.03 -19.05 -27.14
CA ILE B 468 -0.27 -19.68 -28.43
C ILE B 468 -0.96 -18.67 -29.33
N LYS B 469 -0.55 -18.65 -30.59
CA LYS B 469 -1.17 -17.79 -31.58
C LYS B 469 -1.89 -18.63 -32.64
N THR B 470 -3.18 -18.36 -32.79
CA THR B 470 -4.05 -19.06 -33.72
C THR B 470 -4.18 -18.30 -35.03
N THR B 471 -4.15 -19.02 -36.14
CA THR B 471 -4.38 -18.44 -37.46
C THR B 471 -5.86 -18.09 -37.59
N SER B 472 -6.18 -17.03 -38.32
CA SER B 472 -7.57 -16.63 -38.47
C SER B 472 -8.32 -17.48 -39.49
N SER B 473 -7.56 -18.27 -40.27
CA SER B 473 -8.12 -19.09 -41.37
C SER B 473 -8.14 -20.56 -41.03
N ILE B 474 -9.33 -21.11 -40.88
CA ILE B 474 -9.46 -22.52 -40.59
C ILE B 474 -9.39 -23.30 -41.90
N GLU B 475 -9.20 -22.59 -42.99
CA GLU B 475 -9.41 -23.15 -44.32
C GLU B 475 -8.49 -24.33 -44.66
N PHE B 476 -7.25 -24.31 -44.19
CA PHE B 476 -6.32 -25.40 -44.46
C PHE B 476 -6.76 -26.74 -43.83
N ALA B 477 -7.47 -26.67 -42.71
CA ALA B 477 -7.86 -27.88 -42.00
C ALA B 477 -9.07 -28.53 -42.63
N ARG B 478 -9.90 -27.72 -43.28
CA ARG B 478 -11.07 -28.24 -43.97
C ARG B 478 -10.68 -28.84 -45.33
N LEU B 479 -9.59 -28.35 -45.89
CA LEU B 479 -9.02 -28.94 -47.07
C LEU B 479 -8.41 -30.30 -46.74
N GLN B 480 -7.56 -30.32 -45.75
CA GLN B 480 -7.02 -31.56 -45.24
C GLN B 480 -8.13 -32.61 -45.18
N PHE B 481 -9.15 -32.32 -44.39
CA PHE B 481 -10.27 -33.24 -44.23
C PHE B 481 -10.81 -33.68 -45.59
N THR B 482 -11.10 -32.71 -46.43
CA THR B 482 -11.75 -32.95 -47.70
C THR B 482 -10.90 -33.84 -48.61
N TYR B 483 -9.62 -33.47 -48.77
CA TYR B 483 -8.70 -34.25 -49.57
C TYR B 483 -8.59 -35.65 -49.01
N ASN B 484 -8.33 -35.75 -47.72
CA ASN B 484 -8.16 -37.06 -47.11
C ASN B 484 -9.34 -37.94 -47.44
N HIS B 485 -10.54 -37.41 -47.24
CA HIS B 485 -11.72 -38.23 -47.35
C HIS B 485 -11.97 -38.72 -48.75
N ILE B 486 -11.66 -37.88 -49.73
CA ILE B 486 -11.83 -38.24 -51.12
C ILE B 486 -10.71 -39.18 -51.53
N GLN B 487 -9.49 -38.89 -51.06
CA GLN B 487 -8.33 -39.73 -51.32
C GLN B 487 -8.55 -41.12 -50.72
N ARG B 488 -8.94 -41.14 -49.46
CA ARG B 488 -9.37 -42.37 -48.79
C ARG B 488 -10.26 -43.20 -49.68
N HIS B 489 -11.44 -42.68 -50.01
CA HIS B 489 -12.37 -43.40 -50.87
C HIS B 489 -11.72 -43.84 -52.18
N VAL B 490 -11.04 -42.92 -52.85
CA VAL B 490 -10.48 -43.21 -54.15
C VAL B 490 -9.43 -44.30 -54.15
N ASN B 491 -8.41 -44.18 -53.30
CA ASN B 491 -7.39 -45.22 -53.27
C ASN B 491 -7.97 -46.59 -52.97
N ASP B 492 -8.94 -46.65 -52.06
CA ASP B 492 -9.54 -47.92 -51.72
C ASP B 492 -10.28 -48.48 -52.91
N MET B 493 -11.36 -47.83 -53.32
CA MET B 493 -12.13 -48.31 -54.45
C MET B 493 -11.22 -48.76 -55.59
N LEU B 494 -10.44 -47.82 -56.12
CA LEU B 494 -9.48 -48.14 -57.18
C LEU B 494 -8.52 -49.26 -56.78
N GLY B 495 -8.13 -49.30 -55.51
CA GLY B 495 -7.34 -50.41 -55.03
C GLY B 495 -8.04 -51.72 -55.29
N ARG B 496 -9.28 -51.83 -54.79
CA ARG B 496 -10.07 -53.06 -54.93
C ARG B 496 -10.20 -53.49 -56.39
N VAL B 497 -10.33 -52.52 -57.26
CA VAL B 497 -10.44 -52.82 -58.68
C VAL B 497 -9.19 -53.52 -59.20
N ALA B 498 -8.02 -52.99 -58.84
CA ALA B 498 -6.76 -53.52 -59.32
C ALA B 498 -6.56 -54.99 -58.93
N ILE B 499 -7.13 -55.36 -57.80
CA ILE B 499 -6.99 -56.71 -57.29
C ILE B 499 -7.94 -57.65 -58.03
N ALA B 500 -9.20 -57.24 -58.14
CA ALA B 500 -10.20 -58.03 -58.83
C ALA B 500 -9.82 -58.17 -60.30
N TRP B 501 -8.94 -57.30 -60.75
CA TRP B 501 -8.47 -57.36 -62.12
C TRP B 501 -7.36 -58.38 -62.22
N CYS B 502 -6.39 -58.29 -61.31
CA CYS B 502 -5.33 -59.30 -61.26
C CYS B 502 -5.94 -60.69 -61.09
N GLU B 503 -6.87 -60.82 -60.18
CA GLU B 503 -7.55 -62.09 -59.96
C GLU B 503 -8.14 -62.64 -61.26
N LEU B 504 -8.96 -61.83 -61.93
CA LEU B 504 -9.67 -62.25 -63.13
C LEU B 504 -8.74 -62.70 -64.24
N GLN B 505 -7.69 -61.93 -64.49
CA GLN B 505 -6.74 -62.27 -65.53
C GLN B 505 -6.13 -63.62 -65.21
N ASN B 506 -5.58 -63.76 -64.02
CA ASN B 506 -5.05 -65.04 -63.56
C ASN B 506 -6.06 -66.16 -63.83
N HIS B 507 -7.26 -65.95 -63.28
CA HIS B 507 -8.44 -66.78 -63.52
C HIS B 507 -8.60 -67.24 -64.98
N GLU B 508 -8.58 -66.28 -65.90
CA GLU B 508 -8.94 -66.56 -67.28
C GLU B 508 -7.90 -67.35 -68.05
N LEU B 509 -6.67 -67.38 -67.55
CA LEU B 509 -5.61 -68.16 -68.17
C LEU B 509 -6.08 -69.59 -68.41
N THR B 510 -6.92 -70.08 -67.51
CA THR B 510 -7.51 -71.41 -67.60
C THR B 510 -8.27 -71.57 -68.90
N LEU B 511 -9.00 -70.53 -69.27
CA LEU B 511 -9.73 -70.54 -70.52
C LEU B 511 -8.80 -70.45 -71.73
N TRP B 512 -7.80 -69.58 -71.68
CA TRP B 512 -6.86 -69.46 -72.79
C TRP B 512 -6.09 -70.75 -72.97
N ASN B 513 -5.96 -71.52 -71.89
CA ASN B 513 -5.25 -72.78 -71.96
C ASN B 513 -5.98 -73.81 -72.79
N GLU B 514 -7.29 -73.90 -72.60
CA GLU B 514 -8.09 -74.83 -73.37
C GLU B 514 -8.30 -74.30 -74.79
N ALA B 515 -8.39 -72.99 -74.91
CA ALA B 515 -8.60 -72.37 -76.22
C ALA B 515 -7.44 -72.62 -77.19
N ARG B 516 -6.21 -72.58 -76.69
CA ARG B 516 -5.06 -72.71 -77.58
C ARG B 516 -4.93 -74.11 -78.20
N LYS B 517 -5.56 -75.10 -77.58
CA LYS B 517 -5.61 -76.45 -78.16
C LYS B 517 -6.61 -76.48 -79.29
N LEU B 518 -7.77 -75.86 -79.10
CA LEU B 518 -8.81 -75.84 -80.13
C LEU B 518 -8.40 -75.05 -81.37
N ASN B 519 -7.84 -73.86 -81.16
CA ASN B 519 -7.43 -73.04 -82.29
C ASN B 519 -6.09 -72.35 -82.07
N PRO B 520 -4.99 -73.11 -82.17
CA PRO B 520 -3.64 -72.58 -81.96
C PRO B 520 -3.38 -71.32 -82.75
N ASN B 521 -3.87 -71.27 -83.98
CA ASN B 521 -3.54 -70.18 -84.86
C ASN B 521 -4.02 -68.85 -84.32
N ALA B 522 -5.29 -68.82 -83.96
CA ALA B 522 -5.93 -67.59 -83.51
C ALA B 522 -5.55 -67.24 -82.08
N ILE B 523 -5.47 -68.24 -81.21
CA ILE B 523 -5.12 -67.96 -79.83
C ILE B 523 -3.70 -67.49 -79.73
N ALA B 524 -2.83 -68.03 -80.57
CA ALA B 524 -1.44 -67.59 -80.55
C ALA B 524 -1.31 -66.14 -81.00
N SER B 525 -1.89 -65.82 -82.16
CA SER B 525 -1.80 -64.48 -82.73
C SER B 525 -2.33 -63.39 -81.79
N VAL B 526 -3.52 -63.64 -81.23
CA VAL B 526 -4.10 -62.76 -80.24
C VAL B 526 -3.10 -62.52 -79.12
N THR B 527 -2.37 -63.56 -78.74
CA THR B 527 -1.44 -63.45 -77.63
C THR B 527 -0.16 -62.71 -78.00
N VAL B 528 0.40 -63.00 -79.16
CA VAL B 528 1.65 -62.39 -79.58
C VAL B 528 1.40 -61.11 -80.39
N GLY B 529 0.16 -60.66 -80.43
CA GLY B 529 -0.18 -59.45 -81.13
C GLY B 529 0.29 -59.40 -82.58
N ARG B 530 0.13 -60.52 -83.30
CA ARG B 530 0.41 -60.55 -84.75
C ARG B 530 0.05 -61.90 -85.36
N ARG B 531 -0.18 -61.92 -86.68
CA ARG B 531 -0.52 -63.16 -87.36
C ARG B 531 0.63 -64.17 -87.32
N VAL B 532 0.33 -65.36 -86.83
CA VAL B 532 1.31 -66.42 -86.79
C VAL B 532 0.64 -67.77 -86.97
N SER B 533 1.45 -68.79 -87.22
CA SER B 533 1.00 -70.16 -87.16
C SER B 533 1.48 -70.74 -85.84
N ALA B 534 0.66 -71.59 -85.25
CA ALA B 534 1.02 -72.17 -83.97
C ALA B 534 0.66 -73.63 -83.97
N ARG B 535 1.43 -74.39 -83.22
CA ARG B 535 1.16 -75.78 -82.98
C ARG B 535 1.61 -76.04 -81.55
N MET B 536 0.91 -76.93 -80.84
CA MET B 536 1.31 -77.33 -79.50
C MET B 536 2.35 -78.43 -79.53
N LEU B 537 3.50 -78.19 -78.91
CA LEU B 537 4.51 -79.23 -78.74
C LEU B 537 4.45 -79.77 -77.33
N GLY B 538 3.28 -80.24 -76.94
CA GLY B 538 3.09 -80.71 -75.59
C GLY B 538 2.44 -79.60 -74.79
N ASP B 539 3.20 -78.99 -73.89
CA ASP B 539 2.68 -77.97 -73.00
C ASP B 539 3.00 -76.55 -73.46
N VAL B 540 3.99 -76.40 -74.32
CA VAL B 540 4.27 -75.12 -74.95
C VAL B 540 3.58 -75.01 -76.30
N MET B 541 3.88 -73.94 -77.02
CA MET B 541 3.36 -73.74 -78.37
C MET B 541 4.52 -73.47 -79.31
N ALA B 542 4.56 -74.23 -80.39
CA ALA B 542 5.45 -73.92 -81.49
C ALA B 542 4.81 -72.78 -82.26
N VAL B 543 5.63 -71.83 -82.68
CA VAL B 543 5.14 -70.74 -83.51
C VAL B 543 6.03 -70.53 -84.72
N SER B 544 5.50 -69.83 -85.71
CA SER B 544 6.23 -69.43 -86.90
C SER B 544 5.37 -68.39 -87.58
N THR B 545 5.99 -67.41 -88.23
CA THR B 545 5.25 -66.27 -88.81
C THR B 545 4.29 -66.62 -89.96
N CYS B 546 3.47 -65.64 -90.32
CA CYS B 546 2.61 -65.73 -91.49
C CYS B 546 3.05 -64.73 -92.56
N VAL B 547 2.95 -65.13 -93.83
CA VAL B 547 3.34 -64.27 -94.94
C VAL B 547 2.13 -63.59 -95.54
N PRO B 548 2.13 -62.24 -95.57
CA PRO B 548 0.97 -61.52 -96.07
C PRO B 548 0.83 -61.75 -97.55
N VAL B 549 -0.41 -61.87 -98.01
CA VAL B 549 -0.68 -62.05 -99.42
C VAL B 549 -1.70 -60.99 -99.76
N ALA B 550 -1.45 -60.27 -100.85
CA ALA B 550 -2.28 -59.15 -101.26
C ALA B 550 -3.63 -59.62 -101.78
N ALA B 551 -4.69 -58.95 -101.36
CA ALA B 551 -6.05 -59.38 -101.69
C ALA B 551 -6.31 -59.52 -103.19
N ASP B 552 -5.64 -58.73 -104.01
CA ASP B 552 -5.88 -58.77 -105.45
C ASP B 552 -5.15 -59.94 -106.09
N ASN B 553 -4.52 -60.77 -105.25
CA ASN B 553 -3.77 -61.91 -105.74
C ASN B 553 -4.35 -63.24 -105.31
N VAL B 554 -5.65 -63.26 -105.01
CA VAL B 554 -6.30 -64.46 -104.52
C VAL B 554 -7.55 -64.77 -105.30
N ILE B 555 -7.64 -66.01 -105.80
CA ILE B 555 -8.80 -66.49 -106.55
C ILE B 555 -9.55 -67.60 -105.83
N VAL B 556 -10.84 -67.39 -105.58
CA VAL B 556 -11.69 -68.43 -105.04
C VAL B 556 -12.33 -69.23 -106.16
N GLN B 557 -12.40 -70.55 -105.97
CA GLN B 557 -12.98 -71.43 -106.98
C GLN B 557 -14.45 -71.78 -106.71
N ASN B 558 -15.21 -71.89 -107.80
CA ASN B 558 -16.67 -72.00 -107.77
C ASN B 558 -17.26 -73.25 -107.13
N SER B 559 -16.56 -74.37 -107.27
CA SER B 559 -17.10 -75.65 -106.81
C SER B 559 -16.47 -76.13 -105.51
N MET B 560 -17.32 -76.61 -104.60
CA MET B 560 -16.84 -77.24 -103.37
C MET B 560 -16.93 -78.77 -103.41
N ARG B 561 -17.40 -79.32 -104.53
CA ARG B 561 -17.45 -80.77 -104.71
C ARG B 561 -16.07 -81.30 -105.11
N ILE B 562 -15.71 -82.46 -104.60
CA ILE B 562 -14.43 -83.07 -104.92
C ILE B 562 -14.58 -83.98 -106.13
N SER B 563 -14.09 -83.52 -107.27
CA SER B 563 -14.28 -84.23 -108.52
C SER B 563 -13.83 -85.69 -108.42
N SER B 564 -12.66 -85.91 -107.84
CA SER B 564 -12.12 -87.26 -107.67
C SER B 564 -13.01 -88.13 -106.80
N ARG B 565 -13.20 -87.76 -105.54
CA ARG B 565 -14.05 -88.54 -104.65
C ARG B 565 -15.50 -88.10 -104.68
N PRO B 566 -16.42 -89.05 -104.89
CA PRO B 566 -17.87 -88.82 -104.87
C PRO B 566 -18.47 -88.85 -103.46
N GLY B 567 -19.39 -87.94 -103.18
CA GLY B 567 -20.02 -87.85 -101.86
C GLY B 567 -19.24 -86.98 -100.89
N ALA B 568 -17.91 -87.08 -100.95
CA ALA B 568 -17.06 -86.18 -100.20
C ALA B 568 -17.10 -84.79 -100.82
N CYS B 569 -16.89 -83.78 -99.99
CA CYS B 569 -16.86 -82.40 -100.42
C CYS B 569 -15.76 -81.67 -99.68
N TYR B 570 -15.36 -80.51 -100.19
CA TYR B 570 -14.54 -79.57 -99.44
C TYR B 570 -15.42 -78.86 -98.44
N SER B 571 -14.97 -78.76 -97.19
CA SER B 571 -15.75 -78.04 -96.18
C SER B 571 -15.55 -76.51 -96.26
N ARG B 572 -14.37 -76.07 -96.73
CA ARG B 572 -14.12 -74.65 -97.02
C ARG B 572 -13.68 -74.53 -98.47
N PRO B 573 -13.91 -73.37 -99.08
CA PRO B 573 -13.69 -73.15 -100.52
C PRO B 573 -12.25 -73.33 -100.97
N LEU B 574 -12.09 -73.57 -102.27
CA LEU B 574 -10.76 -73.66 -102.84
C LEU B 574 -10.32 -72.28 -103.27
N VAL B 575 -9.02 -72.07 -103.29
CA VAL B 575 -8.49 -70.82 -103.75
C VAL B 575 -7.23 -71.10 -104.52
N SER B 576 -6.90 -70.17 -105.39
CA SER B 576 -5.61 -70.15 -106.04
C SER B 576 -5.08 -68.78 -105.73
N PHE B 577 -3.77 -68.64 -105.63
CA PHE B 577 -3.24 -67.34 -105.30
C PHE B 577 -1.75 -67.32 -105.65
N ARG B 578 -1.20 -66.13 -105.83
CA ARG B 578 0.23 -65.99 -106.05
C ARG B 578 0.83 -65.04 -105.01
N TYR B 579 2.10 -65.27 -104.67
CA TYR B 579 2.78 -64.41 -103.71
C TYR B 579 3.17 -63.08 -104.34
N GLU B 580 3.68 -63.15 -105.57
CA GLU B 580 4.08 -61.97 -106.31
C GLU B 580 3.17 -61.78 -107.52
N ASP B 581 3.08 -60.56 -108.02
CA ASP B 581 2.19 -60.24 -109.14
C ASP B 581 2.46 -61.12 -110.34
N GLN B 582 3.73 -61.22 -110.72
CA GLN B 582 4.13 -62.06 -111.85
C GLN B 582 4.53 -63.45 -111.37
N GLY B 583 4.70 -63.59 -110.06
CA GLY B 583 4.99 -64.88 -109.47
C GLY B 583 3.96 -65.91 -109.89
N PRO B 584 4.33 -67.20 -109.81
CA PRO B 584 3.45 -68.32 -110.14
C PRO B 584 2.22 -68.39 -109.24
N LEU B 585 1.18 -69.05 -109.73
CA LEU B 585 -0.05 -69.23 -108.97
C LEU B 585 0.03 -70.48 -108.09
N VAL B 586 -0.54 -70.40 -106.89
CA VAL B 586 -0.50 -71.51 -105.95
C VAL B 586 -1.90 -71.96 -105.52
N GLU B 587 -2.07 -73.28 -105.36
CA GLU B 587 -3.35 -73.82 -104.89
C GLU B 587 -3.39 -73.87 -103.39
N GLY B 588 -4.57 -73.69 -102.82
CA GLY B 588 -4.77 -73.90 -101.40
C GLY B 588 -6.24 -74.06 -101.08
N GLN B 589 -6.57 -74.03 -99.79
CA GLN B 589 -7.95 -73.96 -99.35
C GLN B 589 -8.10 -72.74 -98.44
N LEU B 590 -9.32 -72.21 -98.38
CA LEU B 590 -9.59 -71.05 -97.54
C LEU B 590 -9.71 -71.44 -96.06
N GLY B 591 -8.91 -70.79 -95.21
CA GLY B 591 -8.96 -71.00 -93.78
C GLY B 591 -9.78 -69.93 -93.11
N GLU B 592 -9.68 -69.83 -91.79
CA GLU B 592 -10.31 -68.73 -91.07
C GLU B 592 -9.46 -67.48 -91.17
N ASN B 593 -10.12 -66.35 -91.04
CA ASN B 593 -9.44 -65.07 -91.00
C ASN B 593 -8.58 -64.82 -92.21
N ASN B 594 -9.04 -65.33 -93.37
CA ASN B 594 -8.33 -65.15 -94.62
C ASN B 594 -6.95 -65.80 -94.62
N GLU B 595 -6.79 -66.89 -93.88
CA GLU B 595 -5.60 -67.70 -94.04
C GLU B 595 -5.75 -68.41 -95.36
N LEU B 596 -4.64 -68.59 -96.03
CA LEU B 596 -4.60 -69.39 -97.23
C LEU B 596 -3.89 -70.70 -96.89
N ARG B 597 -4.65 -71.80 -96.85
CA ARG B 597 -4.11 -73.10 -96.45
C ARG B 597 -3.54 -73.80 -97.67
N LEU B 598 -2.28 -74.23 -97.60
CA LEU B 598 -1.67 -74.89 -98.75
C LEU B 598 -2.09 -76.35 -98.93
N THR B 599 -2.92 -76.85 -98.01
CA THR B 599 -3.29 -78.25 -98.01
C THR B 599 -4.80 -78.42 -98.10
N ARG B 600 -5.27 -78.98 -99.20
CA ARG B 600 -6.70 -79.14 -99.38
C ARG B 600 -7.21 -80.38 -98.65
N ASP B 601 -7.11 -80.36 -97.32
CA ASP B 601 -7.53 -81.50 -96.52
C ASP B 601 -8.77 -81.25 -95.66
N ALA B 602 -9.46 -80.14 -95.89
CA ALA B 602 -10.68 -79.84 -95.13
C ALA B 602 -11.91 -80.36 -95.87
N ILE B 603 -12.28 -81.59 -95.56
CA ILE B 603 -13.24 -82.34 -96.38
C ILE B 603 -14.40 -82.95 -95.59
N GLU B 604 -15.54 -83.08 -96.23
CA GLU B 604 -16.72 -83.59 -95.55
C GLU B 604 -17.70 -84.18 -96.54
N PRO B 605 -18.40 -85.24 -96.12
CA PRO B 605 -19.55 -85.77 -96.88
C PRO B 605 -20.49 -84.65 -97.32
N CYS B 606 -21.02 -84.77 -98.52
CA CYS B 606 -21.93 -83.77 -99.05
C CYS B 606 -23.18 -83.60 -98.19
N THR B 607 -23.52 -82.36 -97.91
CA THR B 607 -24.68 -82.05 -97.11
C THR B 607 -25.78 -81.57 -98.03
N VAL B 608 -26.94 -82.19 -97.90
CA VAL B 608 -28.09 -81.78 -98.68
C VAL B 608 -28.56 -80.39 -98.24
N GLY B 609 -28.88 -79.52 -99.20
CA GLY B 609 -29.27 -78.17 -98.89
C GLY B 609 -28.26 -77.51 -97.97
N HIS B 610 -27.09 -77.22 -98.53
CA HIS B 610 -25.92 -76.86 -97.74
C HIS B 610 -25.57 -75.39 -98.01
N ARG B 611 -25.84 -74.53 -97.03
CA ARG B 611 -25.55 -73.10 -97.17
C ARG B 611 -24.35 -72.71 -96.31
N ARG B 612 -23.54 -71.77 -96.81
CA ARG B 612 -22.33 -71.36 -96.11
C ARG B 612 -21.93 -69.90 -96.38
N TYR B 613 -21.50 -69.23 -95.33
CA TYR B 613 -20.83 -67.93 -95.48
C TYR B 613 -19.40 -68.08 -95.04
N PHE B 614 -18.48 -67.54 -95.83
CA PHE B 614 -17.06 -67.55 -95.48
C PHE B 614 -16.41 -66.16 -95.52
N THR B 615 -15.54 -65.91 -94.55
CA THR B 615 -14.76 -64.69 -94.50
C THR B 615 -13.83 -64.64 -95.70
N PHE B 616 -13.83 -63.52 -96.41
CA PHE B 616 -13.08 -63.43 -97.64
C PHE B 616 -12.80 -61.97 -97.97
N GLY B 617 -11.55 -61.55 -97.76
CA GLY B 617 -11.23 -60.15 -97.85
C GLY B 617 -11.95 -59.39 -96.76
N GLY B 618 -12.48 -58.21 -97.11
CA GLY B 618 -13.20 -57.41 -96.15
C GLY B 618 -14.68 -57.71 -96.11
N GLY B 619 -15.08 -58.77 -96.81
CA GLY B 619 -16.48 -59.16 -96.86
C GLY B 619 -16.74 -60.64 -96.71
N TYR B 620 -17.80 -61.11 -97.33
CA TYR B 620 -18.13 -62.54 -97.31
C TYR B 620 -18.34 -63.08 -98.71
N VAL B 621 -18.05 -64.36 -98.88
CA VAL B 621 -18.46 -65.10 -100.06
C VAL B 621 -19.53 -66.13 -99.67
N TYR B 622 -20.60 -66.19 -100.46
CA TYR B 622 -21.71 -67.07 -100.15
C TYR B 622 -21.84 -68.24 -101.13
N PHE B 623 -21.76 -69.46 -100.60
CA PHE B 623 -21.90 -70.69 -101.38
C PHE B 623 -23.25 -71.34 -101.10
N GLU B 624 -23.83 -71.97 -102.12
CA GLU B 624 -25.07 -72.71 -101.96
C GLU B 624 -24.94 -74.08 -102.61
N GLU B 625 -25.27 -75.12 -101.85
CA GLU B 625 -25.16 -76.49 -102.35
C GLU B 625 -23.78 -76.81 -102.93
N TYR B 626 -22.76 -76.08 -102.46
CA TYR B 626 -21.36 -76.31 -102.84
C TYR B 626 -20.92 -75.53 -104.09
N ALA B 627 -21.73 -74.54 -104.45
CA ALA B 627 -21.41 -73.68 -105.59
C ALA B 627 -21.47 -72.19 -105.24
N TYR B 628 -20.44 -71.46 -105.68
CA TYR B 628 -20.40 -70.02 -105.45
C TYR B 628 -21.73 -69.37 -105.79
N SER B 629 -22.13 -68.39 -104.99
CA SER B 629 -23.35 -67.66 -105.25
C SER B 629 -23.06 -66.18 -105.49
N HIS B 630 -22.53 -65.52 -104.46
CA HIS B 630 -22.16 -64.12 -104.54
C HIS B 630 -21.35 -63.71 -103.32
N GLN B 631 -20.74 -62.52 -103.38
CA GLN B 631 -20.00 -61.99 -102.25
C GLN B 631 -20.78 -60.84 -101.62
N LEU B 632 -20.49 -60.59 -100.34
CA LEU B 632 -21.16 -59.54 -99.60
C LEU B 632 -20.16 -58.57 -98.99
N SER B 633 -20.67 -57.50 -98.39
CA SER B 633 -19.89 -56.71 -97.47
C SER B 633 -20.28 -57.15 -96.07
N ARG B 634 -19.32 -57.11 -95.14
CA ARG B 634 -19.61 -57.41 -93.76
C ARG B 634 -20.80 -56.59 -93.27
N ALA B 635 -21.18 -55.58 -94.04
CA ALA B 635 -22.22 -54.64 -93.65
C ALA B 635 -23.62 -55.12 -93.98
N ASP B 636 -23.73 -56.29 -94.59
CA ASP B 636 -25.04 -56.84 -94.92
C ASP B 636 -25.63 -57.72 -93.81
N ILE B 637 -24.78 -58.27 -92.93
CA ILE B 637 -25.27 -59.16 -91.87
C ILE B 637 -25.46 -58.44 -90.54
N THR B 638 -26.52 -58.86 -89.84
CA THR B 638 -26.80 -58.38 -88.49
C THR B 638 -25.65 -58.69 -87.56
N THR B 639 -25.08 -57.63 -86.99
CA THR B 639 -23.96 -57.76 -86.07
C THR B 639 -24.43 -57.87 -84.64
N VAL B 640 -23.82 -58.78 -83.88
CA VAL B 640 -24.03 -58.82 -82.45
C VAL B 640 -22.65 -58.69 -81.79
N SER B 641 -22.64 -58.47 -80.49
CA SER B 641 -21.40 -58.12 -79.80
C SER B 641 -21.19 -58.91 -78.54
N THR B 642 -19.97 -59.43 -78.40
CA THR B 642 -19.56 -60.13 -77.20
C THR B 642 -19.05 -59.12 -76.16
N PHE B 643 -18.97 -57.86 -76.56
CA PHE B 643 -18.40 -56.79 -75.74
C PHE B 643 -19.35 -56.31 -74.66
N ILE B 644 -18.83 -56.20 -73.44
CA ILE B 644 -19.55 -55.51 -72.37
C ILE B 644 -19.18 -54.02 -72.37
N ASP B 645 -20.14 -53.18 -72.74
CA ASP B 645 -19.83 -51.77 -72.86
C ASP B 645 -19.57 -51.13 -71.51
N LEU B 646 -18.56 -50.28 -71.48
CA LEU B 646 -18.26 -49.48 -70.32
C LEU B 646 -17.79 -48.12 -70.80
N ASN B 647 -18.56 -47.07 -70.49
CA ASN B 647 -18.19 -45.73 -70.91
C ASN B 647 -17.78 -44.77 -69.79
N ILE B 648 -16.47 -44.62 -69.64
CA ILE B 648 -15.87 -43.68 -68.73
C ILE B 648 -15.85 -42.33 -69.42
N THR B 649 -16.37 -41.30 -68.76
CA THR B 649 -16.17 -39.95 -69.24
C THR B 649 -15.32 -39.21 -68.22
N MET B 650 -14.67 -38.16 -68.67
CA MET B 650 -13.73 -37.45 -67.83
C MET B 650 -14.40 -36.40 -66.96
N LEU B 651 -13.87 -36.25 -65.75
CA LEU B 651 -14.18 -35.10 -64.93
C LEU B 651 -13.42 -33.93 -65.53
N GLU B 652 -14.13 -32.89 -65.91
CA GLU B 652 -13.49 -31.84 -66.70
C GLU B 652 -12.95 -30.67 -65.88
N ASP B 653 -12.19 -29.83 -66.59
CA ASP B 653 -11.63 -28.63 -66.02
C ASP B 653 -12.68 -27.74 -65.37
N HIS B 654 -12.32 -27.19 -64.22
CA HIS B 654 -13.10 -26.12 -63.60
C HIS B 654 -12.15 -25.06 -63.06
N GLU B 655 -12.50 -23.80 -63.28
CA GLU B 655 -11.74 -22.70 -62.70
C GLU B 655 -12.50 -22.07 -61.56
N PHE B 656 -11.84 -21.99 -60.42
CA PHE B 656 -12.34 -21.26 -59.26
C PHE B 656 -11.94 -19.80 -59.34
N VAL B 657 -12.91 -18.91 -59.33
CA VAL B 657 -12.59 -17.49 -59.36
C VAL B 657 -12.44 -17.02 -57.93
N PRO B 658 -11.65 -15.95 -57.75
CA PRO B 658 -11.55 -15.31 -56.43
C PRO B 658 -12.95 -14.91 -56.00
N LEU B 659 -13.33 -15.21 -54.78
CA LEU B 659 -14.64 -14.81 -54.33
C LEU B 659 -14.60 -14.54 -52.84
N GLU B 660 -15.03 -13.34 -52.47
CA GLU B 660 -15.14 -12.91 -51.08
C GLU B 660 -16.56 -12.44 -50.82
N VAL B 661 -17.01 -12.60 -49.58
CA VAL B 661 -18.30 -12.02 -49.17
C VAL B 661 -18.13 -10.50 -48.94
N TYR B 662 -17.05 -10.14 -48.26
CA TYR B 662 -16.69 -8.73 -48.03
C TYR B 662 -15.21 -8.48 -48.29
N THR B 663 -14.90 -7.52 -49.18
CA THR B 663 -13.51 -7.11 -49.41
C THR B 663 -13.00 -6.33 -48.20
N ARG B 664 -11.68 -6.27 -48.03
CA ARG B 664 -11.10 -5.68 -46.84
C ARG B 664 -11.52 -4.21 -46.75
N HIS B 665 -11.73 -3.60 -47.92
CA HIS B 665 -12.20 -2.22 -47.99
C HIS B 665 -13.66 -2.08 -47.50
N GLU B 666 -14.46 -3.12 -47.70
CA GLU B 666 -15.83 -3.15 -47.17
C GLU B 666 -15.83 -3.28 -45.65
N ILE B 667 -14.80 -3.94 -45.13
CA ILE B 667 -14.67 -4.11 -43.68
C ILE B 667 -14.26 -2.82 -42.99
N LYS B 668 -13.24 -2.15 -43.52
CA LYS B 668 -12.78 -0.88 -42.95
C LYS B 668 -13.86 0.20 -43.00
N ASP B 669 -14.67 0.18 -44.05
CA ASP B 669 -15.72 1.19 -44.24
C ASP B 669 -16.97 0.96 -43.36
N SER B 670 -17.10 -0.25 -42.80
CA SER B 670 -18.26 -0.56 -41.99
C SER B 670 -18.29 0.29 -40.72
N GLY B 671 -17.17 0.94 -40.41
CA GLY B 671 -17.12 1.89 -39.31
C GLY B 671 -17.80 3.21 -39.65
N LEU B 672 -18.56 3.77 -38.70
CA LEU B 672 -19.26 5.03 -38.92
C LEU B 672 -18.28 6.19 -39.01
N LEU B 673 -17.40 6.33 -38.01
CA LEU B 673 -16.35 7.35 -38.01
C LEU B 673 -14.98 6.70 -38.22
N ASP B 674 -14.11 7.37 -38.97
CA ASP B 674 -12.76 6.85 -39.23
C ASP B 674 -11.73 7.77 -38.59
N TYR B 675 -11.28 7.40 -37.39
CA TYR B 675 -10.38 8.23 -36.61
C TYR B 675 -9.32 8.95 -37.44
N THR B 676 -8.59 8.19 -38.25
CA THR B 676 -7.55 8.75 -39.10
C THR B 676 -8.14 9.85 -39.97
N GLU B 677 -9.20 9.50 -40.70
CA GLU B 677 -9.91 10.42 -41.57
C GLU B 677 -10.26 11.69 -40.81
N VAL B 678 -10.71 11.54 -39.57
CA VAL B 678 -11.17 12.68 -38.80
C VAL B 678 -9.99 13.57 -38.36
N GLN B 679 -9.02 13.00 -37.66
CA GLN B 679 -7.86 13.76 -37.21
C GLN B 679 -7.15 14.48 -38.37
N ARG B 680 -7.09 13.84 -39.52
CA ARG B 680 -6.48 14.44 -40.70
C ARG B 680 -7.26 15.68 -41.13
N ARG B 681 -8.59 15.59 -41.13
CA ARG B 681 -9.44 16.71 -41.49
C ARG B 681 -9.30 17.80 -40.43
N ASN B 682 -9.45 17.40 -39.17
CA ASN B 682 -9.35 18.32 -38.06
C ASN B 682 -8.09 19.16 -38.13
N GLN B 683 -6.95 18.51 -38.36
CA GLN B 683 -5.68 19.18 -38.19
C GLN B 683 -5.28 20.04 -39.39
N LEU B 684 -6.04 19.94 -40.47
CA LEU B 684 -5.86 20.84 -41.61
C LEU B 684 -6.66 22.14 -41.43
N HIS B 685 -7.43 22.24 -40.37
CA HIS B 685 -8.35 23.36 -40.22
C HIS B 685 -7.63 24.67 -40.43
N ASP B 686 -6.68 24.97 -39.55
CA ASP B 686 -5.94 26.24 -39.61
C ASP B 686 -5.23 26.41 -40.95
N LEU B 687 -4.66 25.33 -41.47
CA LEU B 687 -4.06 25.41 -42.78
C LEU B 687 -5.09 25.87 -43.82
N ARG B 688 -6.36 25.48 -43.62
CA ARG B 688 -7.40 25.73 -44.61
C ARG B 688 -8.14 27.07 -44.46
N PHE B 689 -8.26 27.54 -43.23
CA PHE B 689 -9.19 28.64 -42.92
C PHE B 689 -8.53 29.77 -42.14
N ALA B 690 -7.25 29.62 -41.84
CA ALA B 690 -6.55 30.60 -41.02
C ALA B 690 -5.21 30.93 -41.62
N ASP B 691 -4.27 31.33 -40.77
CA ASP B 691 -2.94 31.73 -41.23
C ASP B 691 -1.88 31.48 -40.16
N ILE B 692 -1.25 30.31 -40.19
CA ILE B 692 -0.24 29.96 -39.20
C ILE B 692 1.09 30.69 -39.38
N ASP B 693 1.11 31.71 -40.25
CA ASP B 693 2.36 32.36 -40.60
C ASP B 693 2.47 33.87 -40.32
N THR B 694 1.57 34.64 -40.91
CA THR B 694 1.60 36.10 -40.76
C THR B 694 1.73 36.53 -39.32
N VAL B 695 2.67 37.45 -39.06
CA VAL B 695 2.84 38.04 -37.74
C VAL B 695 2.37 39.49 -37.74
N ILE B 696 1.45 39.80 -36.85
CA ILE B 696 0.89 41.14 -36.78
C ILE B 696 1.68 42.00 -35.80
N HIS B 697 1.55 43.31 -35.97
CA HIS B 697 2.35 44.32 -35.27
C HIS B 697 1.47 45.15 -34.33
N ASP C 76 -5.61 76.48 -37.64
CA ASP C 76 -7.05 76.61 -37.77
C ASP C 76 -7.68 77.38 -36.61
N ILE C 77 -7.75 76.78 -35.43
CA ILE C 77 -8.44 77.41 -34.30
C ILE C 77 -7.51 78.04 -33.26
N LYS C 78 -7.44 79.37 -33.28
CA LYS C 78 -6.70 80.12 -32.28
C LYS C 78 -7.60 80.65 -31.17
N ALA C 79 -6.99 81.28 -30.17
CA ALA C 79 -7.73 81.81 -29.04
C ALA C 79 -8.46 83.09 -29.39
N GLU C 80 -9.77 83.09 -29.19
CA GLU C 80 -10.57 84.31 -29.31
C GLU C 80 -10.12 85.33 -28.28
N ASN C 81 -9.95 84.87 -27.04
CA ASN C 81 -9.62 85.75 -25.92
C ASN C 81 -8.12 85.76 -25.63
N THR C 82 -7.50 86.93 -25.81
CA THR C 82 -6.06 87.06 -25.82
C THR C 82 -5.46 87.59 -24.51
N ASP C 83 -6.30 88.10 -23.63
CA ASP C 83 -5.83 88.69 -22.37
C ASP C 83 -5.23 87.67 -21.39
N ALA C 84 -4.29 86.86 -21.88
CA ALA C 84 -3.64 85.82 -21.07
C ALA C 84 -2.22 85.45 -21.54
N ASN C 85 -1.82 84.20 -21.32
CA ASN C 85 -0.48 83.73 -21.69
C ASN C 85 -0.30 82.22 -21.44
N PHE C 86 0.23 81.50 -22.43
CA PHE C 86 0.37 80.05 -22.32
C PHE C 86 1.70 79.60 -21.75
N TYR C 87 1.75 78.36 -21.28
CA TYR C 87 2.93 77.84 -20.62
C TYR C 87 3.06 76.36 -20.86
N VAL C 88 4.24 75.93 -21.29
CA VAL C 88 4.53 74.52 -21.40
C VAL C 88 5.41 74.07 -20.23
N CYS C 89 5.06 72.91 -19.64
CA CYS C 89 5.71 72.44 -18.41
C CYS C 89 6.25 71.02 -18.47
N PRO C 90 7.57 70.90 -18.64
CA PRO C 90 8.35 69.65 -18.60
C PRO C 90 8.61 69.23 -17.16
N PRO C 91 8.00 68.12 -16.71
CA PRO C 91 8.09 67.61 -15.34
C PRO C 91 9.49 67.72 -14.71
N PRO C 92 9.56 67.68 -13.37
CA PRO C 92 10.84 67.86 -12.70
C PRO C 92 11.57 66.54 -12.50
N THR C 93 12.82 66.51 -12.92
CA THR C 93 13.66 65.33 -12.80
C THR C 93 14.09 65.16 -11.34
N GLY C 94 14.39 66.28 -10.69
CA GLY C 94 14.94 66.29 -9.35
C GLY C 94 16.09 67.28 -9.28
N ALA C 95 16.31 68.01 -10.37
CA ALA C 95 17.38 69.00 -10.42
C ALA C 95 17.16 70.01 -9.30
N THR C 96 15.91 70.42 -9.14
CA THR C 96 15.55 71.40 -8.12
C THR C 96 14.45 70.85 -7.23
N VAL C 97 14.67 70.93 -5.93
CA VAL C 97 13.76 70.38 -4.95
C VAL C 97 13.50 71.36 -3.81
N VAL C 98 12.29 71.38 -3.26
CA VAL C 98 11.95 72.32 -2.20
C VAL C 98 11.15 71.68 -1.08
N GLN C 99 11.12 72.35 0.07
CA GLN C 99 10.27 71.91 1.16
C GLN C 99 9.35 73.05 1.58
N PHE C 100 8.31 72.71 2.34
CA PHE C 100 7.44 73.73 2.87
C PHE C 100 7.92 74.18 4.23
N GLU C 101 8.00 75.50 4.40
CA GLU C 101 8.38 76.09 5.68
C GLU C 101 7.63 75.41 6.82
N GLN C 102 8.36 75.08 7.88
CA GLN C 102 7.76 74.54 9.09
C GLN C 102 6.90 75.60 9.82
N PRO C 103 6.04 75.16 10.74
CA PRO C 103 5.20 76.10 11.49
C PRO C 103 6.01 77.05 12.37
N ARG C 104 5.63 78.33 12.36
CA ARG C 104 6.31 79.34 13.14
C ARG C 104 5.85 79.30 14.59
N ARG C 105 6.75 79.70 15.48
CA ARG C 105 6.41 79.87 16.87
C ARG C 105 5.56 81.13 16.98
N CYS C 106 4.37 81.00 17.53
CA CYS C 106 3.45 82.13 17.58
C CYS C 106 3.88 83.10 18.66
N PRO C 107 3.45 84.37 18.54
CA PRO C 107 3.64 85.33 19.62
C PRO C 107 2.76 84.94 20.79
N THR C 108 3.19 85.25 22.01
CA THR C 108 2.43 84.93 23.20
C THR C 108 1.97 86.21 23.82
N ARG C 109 0.81 86.19 24.46
CA ARG C 109 0.31 87.40 25.10
C ARG C 109 1.04 87.68 26.41
N PRO C 110 1.34 88.96 26.66
CA PRO C 110 2.00 89.45 27.87
C PRO C 110 1.14 89.15 29.10
N GLU C 111 1.77 88.89 30.25
CA GLU C 111 1.06 88.48 31.46
C GLU C 111 -0.09 89.42 31.81
N GLY C 112 0.07 90.70 31.50
CA GLY C 112 -0.94 91.70 31.80
C GLY C 112 -0.43 92.79 32.74
N GLN C 113 -1.13 93.92 32.76
CA GLN C 113 -0.78 95.01 33.66
C GLN C 113 -1.42 94.77 35.02
N ASN C 114 -0.61 94.80 36.07
CA ASN C 114 -1.12 94.65 37.42
C ASN C 114 -1.44 96.01 38.06
N TYR C 115 -2.69 96.19 38.51
CA TYR C 115 -3.12 97.44 39.09
C TYR C 115 -3.45 97.30 40.56
N THR C 116 -3.05 98.29 41.37
CA THR C 116 -3.52 98.36 42.74
C THR C 116 -4.77 99.21 42.77
N GLU C 117 -5.76 98.80 43.54
CA GLU C 117 -6.91 99.64 43.80
C GLU C 117 -6.54 100.60 44.93
N GLY C 118 -7.12 101.79 44.93
CA GLY C 118 -6.79 102.76 45.95
C GLY C 118 -7.56 104.05 45.89
N ILE C 119 -7.79 104.63 47.06
CA ILE C 119 -8.41 105.93 47.17
C ILE C 119 -7.33 107.00 47.12
N ALA C 120 -7.65 108.14 46.52
CA ALA C 120 -6.67 109.19 46.36
C ALA C 120 -7.28 110.56 46.65
N VAL C 121 -6.46 111.46 47.17
CA VAL C 121 -6.82 112.87 47.30
C VAL C 121 -5.67 113.67 46.71
N VAL C 122 -5.94 114.44 45.66
CA VAL C 122 -4.86 115.17 44.99
C VAL C 122 -4.80 116.61 45.47
N PHE C 123 -3.63 117.02 45.95
CA PHE C 123 -3.43 118.39 46.42
C PHE C 123 -2.67 119.19 45.39
N LYS C 124 -2.90 120.50 45.40
CA LYS C 124 -2.24 121.44 44.51
C LYS C 124 -1.61 122.55 45.32
N GLU C 125 -0.72 123.30 44.69
CA GLU C 125 -0.18 124.52 45.31
C GLU C 125 -1.34 125.45 45.68
N ASN C 126 -1.36 125.90 46.92
CA ASN C 126 -2.33 126.89 47.38
C ASN C 126 -1.91 128.30 46.99
N ILE C 127 -2.56 128.85 45.95
CA ILE C 127 -2.25 130.19 45.50
C ILE C 127 -3.07 131.25 46.23
N ALA C 128 -4.03 130.81 47.04
CA ALA C 128 -4.90 131.71 47.75
C ALA C 128 -4.23 132.30 49.00
N PRO C 129 -4.42 133.62 49.22
CA PRO C 129 -3.81 134.29 50.38
C PRO C 129 -4.46 133.78 51.66
N TYR C 130 -3.76 133.89 52.78
CA TYR C 130 -4.35 133.58 54.06
C TYR C 130 -5.42 134.61 54.36
N LYS C 131 -6.53 134.16 54.94
CA LYS C 131 -7.64 135.07 55.18
C LYS C 131 -8.10 135.03 56.63
N PHE C 132 -8.26 136.22 57.22
CA PHE C 132 -8.67 136.31 58.61
C PHE C 132 -9.43 137.61 58.82
N LYS C 133 -10.15 137.68 59.93
CA LYS C 133 -11.00 138.82 60.15
C LYS C 133 -10.37 139.79 61.15
N ALA C 134 -10.63 141.07 60.96
CA ALA C 134 -10.01 142.07 61.81
C ALA C 134 -10.93 143.27 62.02
N THR C 135 -10.68 144.04 63.08
CA THR C 135 -11.43 145.27 63.31
C THR C 135 -10.50 146.47 63.35
N MET C 136 -10.98 147.58 62.80
CA MET C 136 -10.23 148.84 62.81
C MET C 136 -10.89 149.91 63.67
N TYR C 137 -10.07 150.57 64.47
CA TYR C 137 -10.52 151.68 65.31
C TYR C 137 -9.67 152.90 65.03
N TYR C 138 -10.29 153.96 64.56
CA TYR C 138 -9.53 155.18 64.27
C TYR C 138 -10.44 156.40 64.27
N LYS C 139 -9.89 157.55 63.96
CA LYS C 139 -10.68 158.76 63.94
C LYS C 139 -10.37 159.60 62.71
N ASP C 140 -11.42 159.94 61.96
CA ASP C 140 -11.29 160.95 60.92
C ASP C 140 -11.18 162.34 61.58
N VAL C 141 -10.01 162.95 61.45
CA VAL C 141 -9.79 164.28 62.00
C VAL C 141 -9.79 165.31 60.87
N THR C 142 -10.62 166.35 61.01
CA THR C 142 -10.77 167.35 59.95
C THR C 142 -10.65 168.74 60.52
N VAL C 143 -9.84 169.58 59.88
CA VAL C 143 -9.76 170.98 60.27
C VAL C 143 -9.98 171.85 59.03
N SER C 144 -11.14 172.50 58.97
CA SER C 144 -11.42 173.41 57.87
C SER C 144 -11.04 174.82 58.27
N GLN C 145 -10.61 175.60 57.29
CA GLN C 145 -10.42 177.02 57.49
C GLN C 145 -11.29 177.74 56.49
N VAL C 146 -12.22 178.54 56.99
CA VAL C 146 -13.19 179.23 56.14
C VAL C 146 -12.99 180.75 56.13
N ARG C 147 -13.02 181.33 54.93
CA ARG C 147 -13.05 182.77 54.75
C ARG C 147 -14.49 183.22 54.48
N PHE C 148 -14.90 184.31 55.13
CA PHE C 148 -16.25 184.80 54.95
C PHE C 148 -16.27 186.02 54.05
N GLY C 149 -17.39 186.24 53.36
CA GLY C 149 -17.47 187.38 52.47
C GLY C 149 -18.89 187.84 52.23
N HIS C 150 -19.09 188.55 51.13
CA HIS C 150 -20.42 189.04 50.77
C HIS C 150 -20.83 188.49 49.41
N ARG C 151 -21.85 187.65 49.43
CA ARG C 151 -22.43 187.22 50.70
C ARG C 151 -22.33 185.72 50.80
N TYR C 152 -21.11 185.22 50.61
CA TYR C 152 -20.85 183.80 50.50
C TYR C 152 -20.00 183.31 51.65
N SER C 153 -19.43 182.13 51.45
CA SER C 153 -18.63 181.47 52.45
C SER C 153 -17.67 180.57 51.69
N GLN C 154 -16.42 180.48 52.13
CA GLN C 154 -15.42 179.73 51.35
C GLN C 154 -14.36 179.02 52.20
N PHE C 155 -14.14 177.74 51.91
CA PHE C 155 -13.04 177.02 52.53
C PHE C 155 -11.73 177.57 52.00
N MET C 156 -10.79 177.78 52.90
CA MET C 156 -9.44 178.19 52.54
C MET C 156 -8.54 176.96 52.51
N GLY C 157 -8.91 175.97 53.32
CA GLY C 157 -8.16 174.74 53.45
C GLY C 157 -8.96 173.75 54.24
N ILE C 158 -8.77 172.47 53.94
CA ILE C 158 -9.39 171.36 54.67
C ILE C 158 -8.34 170.28 54.83
N PHE C 159 -7.86 170.10 56.06
CA PHE C 159 -6.83 169.13 56.35
C PHE C 159 -7.48 167.92 56.99
N GLU C 160 -7.27 166.75 56.38
CA GLU C 160 -7.91 165.51 56.83
C GLU C 160 -6.87 164.51 57.35
N ASP C 161 -7.23 163.73 58.36
CA ASP C 161 -6.27 162.78 58.92
C ASP C 161 -6.98 161.59 59.53
N ARG C 162 -6.24 160.51 59.76
CA ARG C 162 -6.76 159.38 60.49
C ARG C 162 -5.93 159.19 61.72
N ALA C 163 -6.64 159.02 62.84
CA ALA C 163 -6.01 159.00 64.14
C ALA C 163 -6.23 157.67 64.83
N PRO C 164 -5.14 157.01 65.21
CA PRO C 164 -5.21 155.74 65.94
C PRO C 164 -5.90 155.91 67.29
N VAL C 165 -6.94 155.12 67.55
CA VAL C 165 -7.55 155.11 68.87
C VAL C 165 -6.63 154.35 69.82
N PRO C 166 -6.20 155.01 70.90
CA PRO C 166 -5.24 154.36 71.81
C PRO C 166 -5.78 153.07 72.36
N PHE C 167 -4.85 152.20 72.70
CA PHE C 167 -5.15 150.84 73.12
C PHE C 167 -6.18 150.74 74.26
N GLU C 168 -6.09 151.62 75.25
CA GLU C 168 -7.00 151.56 76.40
C GLU C 168 -8.37 152.15 76.11
N GLU C 169 -8.42 153.09 75.17
CA GLU C 169 -9.68 153.67 74.72
C GLU C 169 -10.47 152.58 74.01
N VAL C 170 -9.75 151.75 73.27
CA VAL C 170 -10.37 150.60 72.61
C VAL C 170 -10.91 149.64 73.65
N ILE C 171 -10.13 149.42 74.70
CA ILE C 171 -10.47 148.46 75.75
C ILE C 171 -11.54 148.92 76.73
N ASP C 172 -11.35 150.09 77.34
CA ASP C 172 -12.22 150.56 78.42
C ASP C 172 -13.45 151.34 77.97
N LYS C 173 -13.48 151.75 76.72
CA LYS C 173 -14.52 152.63 76.22
C LYS C 173 -15.32 151.93 75.14
N ILE C 174 -14.64 151.62 74.04
CA ILE C 174 -15.24 151.03 72.87
C ILE C 174 -15.80 149.63 73.12
N ASN C 175 -14.97 148.74 73.67
CA ASN C 175 -15.45 147.39 73.93
C ASN C 175 -16.25 147.36 75.23
N ALA C 176 -15.87 148.21 76.18
CA ALA C 176 -16.55 148.25 77.46
C ALA C 176 -17.97 148.78 77.35
N LYS C 177 -18.11 150.00 76.83
CA LYS C 177 -19.38 150.72 76.91
C LYS C 177 -19.98 151.10 75.54
N GLY C 178 -19.34 150.67 74.46
CA GLY C 178 -19.80 151.06 73.14
C GLY C 178 -19.81 152.55 72.96
N VAL C 179 -18.85 153.23 73.58
CA VAL C 179 -18.71 154.67 73.43
C VAL C 179 -17.27 154.97 73.08
N CYS C 180 -17.00 156.23 72.78
CA CYS C 180 -15.68 156.67 72.37
C CYS C 180 -15.54 158.17 72.65
N ARG C 181 -14.34 158.60 73.01
CA ARG C 181 -14.07 160.01 73.32
C ARG C 181 -14.30 160.91 72.10
N SER C 182 -14.57 162.19 72.34
CA SER C 182 -14.77 163.13 71.25
C SER C 182 -13.45 163.84 70.97
N THR C 183 -12.36 163.24 71.40
CA THR C 183 -11.04 163.81 71.16
C THR C 183 -10.17 162.79 70.46
N ALA C 184 -9.33 163.25 69.55
CA ALA C 184 -8.30 162.39 68.97
C ALA C 184 -6.96 162.92 69.45
N LYS C 185 -6.23 162.13 70.22
CA LYS C 185 -4.91 162.56 70.64
C LYS C 185 -3.90 161.55 70.15
N TYR C 186 -2.93 162.00 69.37
CA TYR C 186 -2.06 161.08 68.68
C TYR C 186 -0.78 161.74 68.19
N VAL C 187 0.19 160.90 67.84
CA VAL C 187 1.47 161.39 67.38
C VAL C 187 1.46 161.50 65.86
N ARG C 188 1.59 162.72 65.36
CA ARG C 188 1.66 162.96 63.93
C ARG C 188 2.83 163.90 63.67
N ASN C 189 3.68 163.53 62.71
CA ASN C 189 4.86 164.32 62.40
C ASN C 189 5.69 164.65 63.64
N ASN C 190 5.96 163.65 64.45
CA ASN C 190 6.84 163.85 65.61
C ASN C 190 6.25 164.84 66.60
N LEU C 191 4.93 164.91 66.63
CA LEU C 191 4.24 165.81 67.54
C LEU C 191 2.95 165.17 68.05
N GLU C 192 2.79 165.14 69.36
CA GLU C 192 1.55 164.70 69.95
C GLU C 192 0.49 165.76 69.70
N THR C 193 -0.28 165.55 68.65
CA THR C 193 -1.28 166.53 68.26
C THR C 193 -2.56 166.12 68.96
N THR C 194 -3.30 167.10 69.46
CA THR C 194 -4.59 166.79 70.07
C THR C 194 -5.65 167.54 69.29
N ALA C 195 -6.79 166.89 69.09
CA ALA C 195 -7.92 167.50 68.44
C ALA C 195 -9.17 167.17 69.24
N PHE C 196 -10.02 168.18 69.45
CA PHE C 196 -11.29 168.02 70.17
C PHE C 196 -12.45 168.20 69.21
N HIS C 197 -13.43 167.31 69.30
CA HIS C 197 -14.57 167.38 68.39
C HIS C 197 -15.34 168.67 68.63
N ARG C 198 -15.59 169.39 67.54
CA ARG C 198 -16.31 170.67 67.60
C ARG C 198 -15.58 171.72 68.41
N ASP C 199 -14.34 171.41 68.79
CA ASP C 199 -13.54 172.35 69.57
C ASP C 199 -14.14 172.57 70.95
N ASP C 200 -14.76 171.51 71.46
CA ASP C 200 -15.40 171.53 72.76
C ASP C 200 -14.72 170.53 73.68
N HIS C 201 -14.90 170.71 74.98
CA HIS C 201 -14.35 169.80 75.98
C HIS C 201 -14.71 168.37 75.60
N GLU C 202 -13.85 167.42 75.98
CA GLU C 202 -14.05 166.02 75.62
C GLU C 202 -15.39 165.50 76.14
N THR C 203 -16.09 164.80 75.27
CA THR C 203 -17.36 164.19 75.60
C THR C 203 -17.27 162.76 75.11
N ASP C 204 -17.58 161.80 75.97
CA ASP C 204 -17.70 160.43 75.52
C ASP C 204 -18.90 160.36 74.59
N MET C 205 -18.72 159.79 73.41
CA MET C 205 -19.79 159.78 72.43
C MET C 205 -20.11 158.36 71.99
N GLU C 206 -21.40 158.07 71.90
CA GLU C 206 -21.89 156.73 71.61
C GLU C 206 -21.55 156.31 70.18
N LEU C 207 -21.22 155.03 69.99
CA LEU C 207 -20.96 154.54 68.65
C LEU C 207 -22.25 153.96 68.10
N LYS C 208 -22.55 154.27 66.84
CA LYS C 208 -23.79 153.81 66.20
C LYS C 208 -23.49 153.17 64.83
N PRO C 209 -24.38 152.30 64.33
CA PRO C 209 -24.08 151.67 63.04
C PRO C 209 -23.89 152.66 61.88
N ALA C 210 -22.99 152.32 60.97
CA ALA C 210 -22.81 153.09 59.75
C ALA C 210 -24.11 153.15 58.96
N ASN C 211 -24.14 153.92 57.89
CA ASN C 211 -25.30 153.93 57.01
C ASN C 211 -25.26 152.69 56.15
N ALA C 212 -26.41 152.35 55.56
CA ALA C 212 -26.52 151.16 54.74
C ALA C 212 -25.75 151.28 53.43
N ALA C 213 -24.92 150.28 53.13
CA ALA C 213 -24.23 150.16 51.86
C ALA C 213 -24.10 148.70 51.50
N THR C 214 -24.47 148.34 50.27
CA THR C 214 -24.47 146.94 49.86
C THR C 214 -23.05 146.41 49.74
N ARG C 215 -22.90 145.11 50.02
CA ARG C 215 -21.62 144.43 49.89
C ARG C 215 -20.50 145.08 50.70
N THR C 216 -20.85 145.67 51.85
CA THR C 216 -19.85 146.18 52.77
C THR C 216 -19.96 145.41 54.08
N SER C 217 -18.86 145.31 54.80
CA SER C 217 -18.87 144.70 56.14
C SER C 217 -19.39 145.72 57.16
N ARG C 218 -19.38 145.37 58.44
CA ARG C 218 -19.98 146.23 59.46
C ARG C 218 -19.08 147.39 59.90
N GLY C 219 -19.69 148.58 59.99
CA GLY C 219 -19.00 149.75 60.51
C GLY C 219 -19.85 150.49 61.52
N TRP C 220 -19.19 151.31 62.35
CA TRP C 220 -19.83 152.15 63.35
C TRP C 220 -19.09 153.49 63.45
N HIS C 221 -19.79 154.55 63.85
CA HIS C 221 -19.15 155.85 64.07
C HIS C 221 -19.91 156.63 65.15
N THR C 222 -19.52 157.87 65.40
CA THR C 222 -20.13 158.68 66.46
C THR C 222 -20.85 159.93 65.98
N THR C 223 -20.35 160.55 64.91
CA THR C 223 -20.92 161.81 64.42
C THR C 223 -21.20 161.79 62.92
N ASP C 224 -22.09 162.66 62.45
CA ASP C 224 -22.51 162.63 61.05
C ASP C 224 -22.02 163.83 60.25
N LEU C 225 -22.04 165.00 60.85
CA LEU C 225 -21.78 166.25 60.14
C LEU C 225 -20.42 166.85 60.42
N LYS C 226 -19.88 167.56 59.44
CA LYS C 226 -18.60 168.26 59.59
C LYS C 226 -18.81 169.60 60.31
N TYR C 227 -17.88 169.98 61.17
CA TYR C 227 -18.02 171.22 61.93
C TYR C 227 -17.14 172.38 61.42
N ASN C 228 -17.77 173.39 60.83
CA ASN C 228 -17.07 174.57 60.36
C ASN C 228 -17.46 175.82 61.12
N PRO C 229 -16.55 176.81 61.20
CA PRO C 229 -16.80 178.05 61.96
C PRO C 229 -17.96 178.87 61.39
N SER C 230 -18.83 179.33 62.28
CA SER C 230 -19.93 180.21 61.91
C SER C 230 -19.40 181.61 61.58
N ARG C 231 -20.05 182.30 60.65
CA ARG C 231 -19.57 183.64 60.26
C ARG C 231 -19.53 184.59 61.47
N VAL C 232 -20.52 184.44 62.34
CA VAL C 232 -20.64 185.26 63.53
C VAL C 232 -19.44 185.07 64.47
N GLU C 233 -18.74 183.95 64.30
CA GLU C 233 -17.62 183.63 65.17
C GLU C 233 -16.29 184.13 64.63
N ALA C 234 -16.20 185.44 64.43
CA ALA C 234 -15.02 186.09 63.87
C ALA C 234 -13.70 185.75 64.57
N PHE C 235 -13.78 185.25 65.80
CA PHE C 235 -12.58 184.95 66.56
C PHE C 235 -11.90 183.68 66.05
N HIS C 236 -12.68 182.83 65.38
CA HIS C 236 -12.18 181.53 64.92
C HIS C 236 -12.58 181.22 63.47
N ARG C 237 -11.59 181.13 62.60
CA ARG C 237 -11.83 180.81 61.19
C ARG C 237 -11.49 179.35 60.87
N TYR C 238 -11.17 178.57 61.90
CA TYR C 238 -10.82 177.16 61.75
C TYR C 238 -11.78 176.27 62.57
N GLY C 239 -12.25 175.17 61.98
CA GLY C 239 -13.17 174.26 62.66
C GLY C 239 -12.71 172.81 62.72
N THR C 240 -13.07 172.11 63.79
CA THR C 240 -12.60 170.75 64.05
C THR C 240 -13.71 169.71 64.15
N THR C 241 -13.59 168.63 63.38
CA THR C 241 -14.44 167.46 63.55
C THR C 241 -13.63 166.23 63.90
N VAL C 242 -14.20 165.41 64.76
CA VAL C 242 -13.60 164.14 65.15
C VAL C 242 -14.72 163.11 65.11
N ASN C 243 -14.58 162.15 64.19
CA ASN C 243 -15.51 161.04 64.06
C ASN C 243 -14.82 159.73 64.43
N CYS C 244 -15.27 159.15 65.53
CA CYS C 244 -14.76 157.88 66.00
C CYS C 244 -15.35 156.77 65.14
N ILE C 245 -14.50 156.08 64.39
CA ILE C 245 -14.97 155.07 63.44
C ILE C 245 -14.45 153.68 63.78
N VAL C 246 -15.32 152.68 63.67
CA VAL C 246 -14.96 151.30 63.94
C VAL C 246 -15.45 150.40 62.81
N GLU C 247 -14.55 149.70 62.15
CA GLU C 247 -14.96 148.84 61.05
C GLU C 247 -14.36 147.46 61.14
N GLU C 248 -15.21 146.45 61.23
CA GLU C 248 -14.78 145.09 60.96
C GLU C 248 -14.38 145.02 59.50
N VAL C 249 -13.15 144.61 59.22
CA VAL C 249 -12.70 144.49 57.84
C VAL C 249 -12.01 143.15 57.64
N ASP C 250 -12.11 142.61 56.43
CA ASP C 250 -11.40 141.38 56.09
C ASP C 250 -9.91 141.64 55.88
N ALA C 251 -9.07 140.71 56.34
CA ALA C 251 -7.63 140.82 56.17
C ALA C 251 -7.09 139.66 55.32
N ARG C 252 -5.99 139.92 54.61
CA ARG C 252 -5.39 138.98 53.66
C ARG C 252 -3.88 139.04 53.72
N SER C 253 -3.24 137.88 53.73
CA SER C 253 -1.80 137.78 53.89
C SER C 253 -1.29 136.64 53.01
N VAL C 254 -0.14 136.84 52.36
CA VAL C 254 0.43 135.79 51.52
C VAL C 254 1.78 135.36 52.08
N TYR C 255 2.11 134.09 51.86
CA TYR C 255 3.44 133.60 52.19
C TYR C 255 4.44 134.69 51.86
N PRO C 256 5.45 134.89 52.74
CA PRO C 256 5.84 134.20 53.98
C PRO C 256 5.02 134.61 55.20
N TYR C 257 4.00 135.43 54.98
CA TYR C 257 3.07 135.81 56.04
C TYR C 257 3.68 136.70 57.12
N ASP C 258 4.60 137.57 56.74
CA ASP C 258 5.14 138.53 57.70
C ASP C 258 4.60 139.96 57.54
N GLU C 259 3.48 140.07 56.83
CA GLU C 259 2.69 141.29 56.80
C GLU C 259 1.33 140.93 56.22
N PHE C 260 0.36 141.83 56.33
CA PHE C 260 -0.95 141.59 55.76
C PHE C 260 -1.58 142.87 55.29
N VAL C 261 -2.73 142.77 54.64
CA VAL C 261 -3.50 143.95 54.23
C VAL C 261 -4.98 143.87 54.59
N LEU C 262 -5.62 145.04 54.66
CA LEU C 262 -7.00 145.17 55.09
C LEU C 262 -7.85 145.61 53.91
N ALA C 263 -9.14 145.33 53.96
CA ALA C 263 -10.06 145.69 52.89
C ALA C 263 -9.98 147.16 52.46
N THR C 264 -9.45 148.02 53.33
CA THR C 264 -9.37 149.47 53.10
C THR C 264 -8.20 149.90 52.23
N GLY C 265 -7.29 148.97 51.95
CA GLY C 265 -6.09 149.29 51.18
C GLY C 265 -4.84 149.40 52.02
N ASP C 266 -4.99 149.33 53.33
CA ASP C 266 -3.89 149.60 54.24
C ASP C 266 -3.05 148.35 54.46
N PHE C 267 -1.73 148.50 54.39
CA PHE C 267 -0.80 147.45 54.78
C PHE C 267 -0.55 147.47 56.29
N VAL C 268 -0.06 146.35 56.84
CA VAL C 268 0.37 146.29 58.23
C VAL C 268 1.64 145.49 58.22
N TYR C 269 2.74 146.11 58.63
CA TYR C 269 4.03 145.46 58.44
C TYR C 269 4.37 144.56 59.62
N MET C 270 3.47 143.61 59.87
CA MET C 270 3.64 142.60 60.91
C MET C 270 2.92 141.30 60.51
N SER C 271 3.45 140.18 60.97
CA SER C 271 2.84 138.88 60.74
C SER C 271 1.51 138.72 61.47
N PRO C 272 0.48 138.21 60.76
CA PRO C 272 -0.81 137.94 61.38
C PRO C 272 -0.66 137.06 62.63
N PHE C 273 0.43 136.31 62.70
CA PHE C 273 0.63 135.35 63.80
C PHE C 273 1.57 135.85 64.88
N TYR C 274 2.06 137.07 64.69
CA TYR C 274 2.92 137.69 65.69
C TYR C 274 2.22 137.71 67.04
N GLY C 275 3.02 137.66 68.10
CA GLY C 275 2.50 137.61 69.45
C GLY C 275 3.61 137.31 70.44
N TYR C 276 3.23 137.07 71.69
CA TYR C 276 4.17 136.78 72.76
C TYR C 276 4.18 135.30 73.12
N ARG C 277 3.01 134.68 73.05
CA ARG C 277 2.82 133.27 73.34
C ARG C 277 3.72 132.42 72.46
N GLU C 278 4.03 131.23 72.95
CA GLU C 278 4.73 130.23 72.15
C GLU C 278 5.87 130.87 71.37
N GLY C 279 6.17 130.29 70.20
CA GLY C 279 7.21 130.82 69.33
C GLY C 279 6.83 132.11 68.61
N SER C 280 5.53 132.45 68.65
CA SER C 280 4.99 133.57 67.88
C SER C 280 5.87 134.82 67.94
N HIS C 281 6.68 134.89 68.99
CA HIS C 281 7.43 136.09 69.30
C HIS C 281 8.56 136.37 68.30
N THR C 282 8.96 135.35 67.56
CA THR C 282 10.00 135.53 66.56
C THR C 282 9.40 135.81 65.19
N GLU C 283 8.09 136.02 65.16
CA GLU C 283 7.42 136.39 63.91
C GLU C 283 7.84 137.80 63.53
N HIS C 284 7.49 138.21 62.31
CA HIS C 284 7.90 139.52 61.86
C HIS C 284 7.08 140.68 62.41
N THR C 285 7.78 141.77 62.71
CA THR C 285 7.16 143.04 62.99
C THR C 285 8.08 144.17 62.55
N SER C 286 7.50 145.22 62.00
CA SER C 286 8.27 146.37 61.54
C SER C 286 8.12 147.50 62.54
N TYR C 287 7.37 147.25 63.60
CA TYR C 287 6.99 148.32 64.50
C TYR C 287 7.70 148.19 65.84
N ALA C 288 7.90 149.34 66.49
CA ALA C 288 8.45 149.38 67.84
C ALA C 288 7.52 148.67 68.81
N ALA C 289 8.13 148.06 69.83
CA ALA C 289 7.39 147.29 70.82
C ALA C 289 6.20 148.05 71.40
N ASP C 290 6.36 149.37 71.55
CA ASP C 290 5.32 150.20 72.16
C ASP C 290 4.00 150.22 71.38
N ARG C 291 4.06 149.92 70.09
CA ARG C 291 2.88 149.99 69.25
C ARG C 291 2.01 148.76 69.39
N PHE C 292 2.61 147.66 69.82
CA PHE C 292 1.91 146.39 69.87
C PHE C 292 1.52 145.98 71.28
N LYS C 293 0.36 145.32 71.36
CA LYS C 293 -0.20 144.85 72.62
C LYS C 293 -0.98 143.57 72.39
N GLN C 294 -0.92 142.65 73.35
CA GLN C 294 -1.73 141.42 73.29
C GLN C 294 -2.53 141.28 74.59
N VAL C 295 -3.86 141.23 74.47
CA VAL C 295 -4.72 141.05 75.64
C VAL C 295 -5.14 139.60 75.79
N ASP C 296 -4.94 139.04 76.98
CA ASP C 296 -5.35 137.65 77.21
C ASP C 296 -6.66 137.66 77.98
N GLY C 297 -7.46 136.62 77.81
CA GLY C 297 -8.75 136.54 78.47
C GLY C 297 -9.68 137.63 78.00
N PHE C 298 -9.72 137.83 76.68
CA PHE C 298 -10.48 138.92 76.09
C PHE C 298 -11.84 138.50 75.57
N TYR C 299 -12.88 139.17 76.05
CA TYR C 299 -14.25 138.93 75.60
C TYR C 299 -14.72 140.10 74.75
N ALA C 300 -15.00 139.85 73.48
CA ALA C 300 -15.54 140.93 72.65
C ALA C 300 -17.01 141.17 72.98
N ARG C 301 -17.40 142.44 72.95
CA ARG C 301 -18.79 142.83 73.10
C ARG C 301 -19.22 143.38 71.75
N ASP C 302 -20.36 142.94 71.26
CA ASP C 302 -20.79 143.31 69.92
C ASP C 302 -21.42 144.69 69.91
N LEU C 303 -20.85 145.59 69.11
CA LEU C 303 -21.27 146.98 69.11
C LEU C 303 -22.74 147.14 68.73
N THR C 304 -23.31 146.16 68.05
CA THR C 304 -24.72 146.26 67.67
C THR C 304 -25.64 145.52 68.65
N THR C 305 -25.36 144.25 68.89
CA THR C 305 -26.24 143.46 69.74
C THR C 305 -25.90 143.62 71.21
N LYS C 306 -24.81 144.33 71.49
CA LYS C 306 -24.30 144.53 72.85
C LYS C 306 -24.02 143.22 73.60
N ALA C 307 -24.20 142.09 72.91
CA ALA C 307 -23.91 140.80 73.50
C ALA C 307 -22.42 140.70 73.84
N ARG C 308 -22.11 139.96 74.90
CA ARG C 308 -20.72 139.72 75.27
C ARG C 308 -20.30 138.38 74.69
N ALA C 309 -19.06 138.29 74.23
CA ALA C 309 -18.57 137.03 73.71
C ALA C 309 -18.65 135.99 74.81
N THR C 310 -19.01 134.76 74.43
CA THR C 310 -19.14 133.70 75.40
C THR C 310 -17.83 132.94 75.53
N ALA C 311 -16.87 133.24 74.66
CA ALA C 311 -15.55 132.62 74.76
C ALA C 311 -14.43 133.65 74.60
N PRO C 312 -13.40 133.58 75.46
CA PRO C 312 -12.26 134.50 75.43
C PRO C 312 -11.39 134.27 74.22
N THR C 313 -10.71 135.31 73.77
CA THR C 313 -9.71 135.17 72.73
C THR C 313 -8.41 135.82 73.19
N THR C 314 -7.31 135.45 72.57
CA THR C 314 -6.08 136.20 72.71
C THR C 314 -6.12 137.32 71.68
N ARG C 315 -6.24 138.54 72.15
CA ARG C 315 -6.52 139.64 71.26
C ARG C 315 -5.26 140.46 70.94
N ASN C 316 -4.77 140.30 69.72
CA ASN C 316 -3.74 141.18 69.19
C ASN C 316 -4.34 142.55 68.93
N LEU C 317 -3.65 143.60 69.38
CA LEU C 317 -4.05 144.97 69.10
C LEU C 317 -2.83 145.77 68.71
N LEU C 318 -2.82 146.29 67.49
CA LEU C 318 -1.65 146.99 66.99
C LEU C 318 -2.04 148.39 66.55
N THR C 319 -1.30 149.37 67.06
CA THR C 319 -1.56 150.76 66.74
C THR C 319 -0.54 151.28 65.72
N THR C 320 -0.99 151.49 64.50
CA THR C 320 -0.15 152.06 63.45
C THR C 320 -0.36 153.58 63.38
N PRO C 321 0.50 154.27 62.62
CA PRO C 321 0.44 155.73 62.57
C PRO C 321 -0.95 156.28 62.25
N LYS C 322 -1.82 155.45 61.69
CA LYS C 322 -3.08 155.95 61.16
C LYS C 322 -4.27 155.28 61.83
N PHE C 323 -4.05 154.14 62.50
CA PHE C 323 -5.16 153.39 63.06
C PHE C 323 -4.74 152.25 63.97
N THR C 324 -5.67 151.78 64.78
CA THR C 324 -5.48 150.57 65.53
C THR C 324 -6.19 149.43 64.81
N VAL C 325 -5.48 148.32 64.63
CA VAL C 325 -6.09 147.11 64.10
C VAL C 325 -6.04 146.04 65.18
N ALA C 326 -7.11 145.24 65.27
CA ALA C 326 -7.19 144.21 66.28
C ALA C 326 -7.69 142.93 65.67
N TRP C 327 -7.05 141.83 66.00
CA TRP C 327 -7.54 140.53 65.58
C TRP C 327 -7.25 139.48 66.66
N ASP C 328 -7.86 138.30 66.53
CA ASP C 328 -7.57 137.15 67.40
C ASP C 328 -6.30 136.43 66.98
N TRP C 329 -5.37 136.30 67.92
CA TRP C 329 -4.17 135.54 67.61
C TRP C 329 -4.48 134.06 67.62
N VAL C 330 -4.13 133.39 66.53
CA VAL C 330 -4.12 131.94 66.48
C VAL C 330 -2.76 131.56 65.95
N PRO C 331 -2.28 130.35 66.27
CA PRO C 331 -0.98 129.82 65.82
C PRO C 331 -0.95 129.58 64.31
N LYS C 332 0.24 129.71 63.73
CA LYS C 332 0.41 129.61 62.29
C LYS C 332 0.17 128.21 61.69
N ARG C 333 0.85 127.18 62.20
CA ARG C 333 0.78 125.86 61.59
C ARG C 333 -0.64 125.39 61.23
N PRO C 334 -1.56 125.46 62.19
CA PRO C 334 -2.93 124.97 61.97
C PRO C 334 -3.71 125.87 61.04
N SER C 335 -3.29 127.13 60.94
CA SER C 335 -4.11 128.18 60.34
C SER C 335 -3.86 128.39 58.86
N VAL C 336 -2.64 128.14 58.42
CA VAL C 336 -2.31 128.24 57.01
C VAL C 336 -1.91 126.89 56.41
N CYS C 337 -1.69 126.89 55.10
CA CYS C 337 -1.31 125.70 54.35
C CYS C 337 -0.83 126.11 52.94
N THR C 338 0.30 125.58 52.50
CA THR C 338 0.81 125.91 51.17
C THR C 338 0.33 124.95 50.06
N MET C 339 -0.71 124.17 50.36
CA MET C 339 -1.30 123.21 49.44
C MET C 339 -2.80 123.21 49.66
N THR C 340 -3.54 122.85 48.62
CA THR C 340 -5.00 122.84 48.68
C THR C 340 -5.56 121.54 48.14
N LYS C 341 -6.49 120.95 48.89
CA LYS C 341 -7.14 119.74 48.46
C LYS C 341 -7.84 120.03 47.16
N TRP C 342 -7.32 119.46 46.08
CA TRP C 342 -7.91 119.66 44.75
C TRP C 342 -9.00 118.64 44.43
N GLN C 343 -8.60 117.40 44.14
CA GLN C 343 -9.56 116.37 43.71
C GLN C 343 -9.52 115.12 44.57
N GLU C 344 -10.69 114.64 44.95
CA GLU C 344 -10.82 113.37 45.64
C GLU C 344 -11.23 112.29 44.65
N VAL C 345 -10.36 111.30 44.46
CA VAL C 345 -10.63 110.19 43.56
C VAL C 345 -11.11 108.96 44.34
N ASP C 346 -12.37 108.59 44.14
CA ASP C 346 -12.93 107.39 44.75
C ASP C 346 -12.15 106.20 44.26
N GLU C 347 -11.98 106.10 42.94
CA GLU C 347 -11.25 104.97 42.35
C GLU C 347 -10.01 105.42 41.57
N MET C 348 -8.85 105.26 42.18
CA MET C 348 -7.60 105.64 41.55
C MET C 348 -6.71 104.40 41.43
N LEU C 349 -6.35 104.04 40.20
CA LEU C 349 -5.53 102.87 39.98
C LEU C 349 -4.08 103.26 39.91
N ARG C 350 -3.28 102.67 40.78
CA ARG C 350 -1.85 102.84 40.68
C ARG C 350 -1.30 101.61 39.96
N SER C 351 -0.49 101.85 38.94
CA SER C 351 0.19 100.76 38.28
C SER C 351 1.62 101.19 38.12
N GLU C 352 2.50 100.22 37.90
CA GLU C 352 3.90 100.53 37.76
C GLU C 352 4.35 100.38 36.31
N TYR C 353 5.24 101.26 35.88
CA TYR C 353 5.78 101.15 34.54
C TYR C 353 7.17 101.77 34.39
N GLY C 354 8.19 100.91 34.37
CA GLY C 354 9.54 101.37 34.17
C GLY C 354 10.08 102.08 35.38
N GLY C 355 9.71 101.61 36.56
CA GLY C 355 10.16 102.24 37.79
C GLY C 355 9.49 103.60 38.01
N SER C 356 8.20 103.64 37.74
CA SER C 356 7.38 104.82 38.02
C SER C 356 6.01 104.29 38.36
N PHE C 357 5.20 105.12 38.99
CA PHE C 357 3.81 104.78 39.19
C PHE C 357 2.95 105.59 38.26
N ARG C 358 1.83 105.00 37.87
CA ARG C 358 0.82 105.71 37.11
C ARG C 358 -0.45 105.65 37.94
N PHE C 359 -0.84 106.79 38.49
CA PHE C 359 -2.10 106.89 39.20
C PHE C 359 -3.10 107.46 38.22
N SER C 360 -4.00 106.61 37.77
CA SER C 360 -4.96 107.08 36.78
C SER C 360 -6.34 107.09 37.39
N SER C 361 -7.10 108.13 37.04
CA SER C 361 -8.48 108.23 37.44
C SER C 361 -9.38 108.11 36.23
N ASP C 362 -10.29 107.15 36.30
CA ASP C 362 -11.30 106.98 35.26
C ASP C 362 -12.25 108.18 35.25
N ALA C 363 -12.55 108.70 36.43
CA ALA C 363 -13.53 109.77 36.58
C ALA C 363 -13.05 111.10 35.99
N ILE C 364 -11.83 111.50 36.31
CA ILE C 364 -11.34 112.77 35.75
C ILE C 364 -10.44 112.63 34.53
N SER C 365 -10.30 111.41 34.02
CA SER C 365 -9.55 111.18 32.80
C SER C 365 -8.13 111.69 32.94
N THR C 366 -7.46 111.28 34.02
CA THR C 366 -6.11 111.75 34.28
C THR C 366 -5.25 110.64 34.75
N THR C 367 -4.05 110.56 34.19
CA THR C 367 -3.04 109.62 34.65
C THR C 367 -1.88 110.41 35.23
N PHE C 368 -1.55 110.13 36.48
CA PHE C 368 -0.46 110.86 37.13
C PHE C 368 0.80 110.04 37.18
N THR C 369 1.93 110.71 37.02
CA THR C 369 3.22 110.06 36.94
C THR C 369 4.07 110.45 38.13
N THR C 370 4.54 109.47 38.89
CA THR C 370 5.30 109.73 40.11
C THR C 370 6.52 108.80 40.20
N ASN C 371 7.13 108.75 41.38
CA ASN C 371 8.19 107.79 41.65
C ASN C 371 7.64 106.62 42.43
N LEU C 372 8.49 105.63 42.68
CA LEU C 372 8.09 104.46 43.47
C LEU C 372 8.21 104.78 44.94
N THR C 373 9.00 105.78 45.26
CA THR C 373 9.21 106.18 46.64
C THR C 373 8.24 107.28 47.03
N GLU C 374 7.75 107.24 48.27
CA GLU C 374 6.83 108.25 48.77
C GLU C 374 7.50 109.61 48.93
N TYR C 375 6.72 110.68 48.86
CA TYR C 375 7.28 112.01 49.11
C TYR C 375 7.20 112.30 50.61
N PRO C 376 8.27 112.87 51.18
CA PRO C 376 8.33 113.14 52.62
C PRO C 376 7.66 114.47 52.96
N LEU C 377 6.49 114.41 53.57
CA LEU C 377 5.75 115.61 53.97
C LEU C 377 6.61 116.58 54.77
N SER C 378 7.71 116.06 55.31
CA SER C 378 8.60 116.85 56.15
C SER C 378 9.25 117.96 55.36
N ARG C 379 9.16 117.86 54.03
CA ARG C 379 9.76 118.87 53.19
C ARG C 379 8.74 119.90 52.76
N VAL C 380 7.48 119.65 53.09
CA VAL C 380 6.42 120.59 52.73
C VAL C 380 6.34 121.76 53.70
N ASP C 381 6.83 122.91 53.26
CA ASP C 381 6.76 124.12 54.07
C ASP C 381 5.31 124.48 54.39
N LEU C 382 4.90 124.26 55.64
CA LEU C 382 3.57 124.63 56.11
C LEU C 382 2.40 123.92 55.41
N GLY C 383 2.32 122.59 55.55
CA GLY C 383 1.26 121.82 54.94
C GLY C 383 0.49 120.96 55.93
N ASP C 384 0.17 121.52 57.09
CA ASP C 384 -0.53 120.75 58.11
C ASP C 384 -1.84 120.13 57.63
N CYS C 385 -2.66 120.93 56.96
CA CYS C 385 -3.98 120.46 56.54
C CYS C 385 -3.92 119.19 55.67
N ILE C 386 -2.77 118.92 55.05
CA ILE C 386 -2.66 117.83 54.08
C ILE C 386 -3.11 116.48 54.60
N GLY C 387 -2.34 115.91 55.52
CA GLY C 387 -2.71 114.66 56.18
C GLY C 387 -4.12 114.73 56.74
N LYS C 388 -4.43 115.81 57.44
CA LYS C 388 -5.75 115.99 58.00
C LYS C 388 -6.79 115.90 56.89
N ASP C 389 -6.65 116.75 55.88
CA ASP C 389 -7.58 116.77 54.75
C ASP C 389 -7.63 115.42 54.08
N ALA C 390 -6.47 114.79 53.91
CA ALA C 390 -6.36 113.47 53.32
C ALA C 390 -7.08 112.38 54.13
N ARG C 391 -6.62 112.14 55.36
CA ARG C 391 -7.23 111.14 56.23
C ARG C 391 -8.74 111.28 56.23
N ASP C 392 -9.20 112.51 56.39
CA ASP C 392 -10.62 112.78 56.53
C ASP C 392 -11.39 112.33 55.31
N ALA C 393 -10.84 112.61 54.13
CA ALA C 393 -11.52 112.26 52.89
C ALA C 393 -11.45 110.76 52.66
N MET C 394 -10.28 110.19 52.90
CA MET C 394 -10.07 108.77 52.68
C MET C 394 -10.95 107.92 53.62
N ASP C 395 -11.47 108.56 54.67
CA ASP C 395 -12.27 107.85 55.66
C ASP C 395 -13.76 107.97 55.35
N ARG C 396 -14.16 109.10 54.79
CA ARG C 396 -15.55 109.30 54.40
C ARG C 396 -15.91 108.42 53.21
N ILE C 397 -14.95 108.23 52.31
CA ILE C 397 -15.17 107.53 51.04
C ILE C 397 -15.24 106.00 51.20
N PHE C 398 -14.41 105.46 52.08
CA PHE C 398 -14.44 104.05 52.41
C PHE C 398 -15.80 103.66 53.00
N ALA C 399 -16.08 104.18 54.18
CA ALA C 399 -17.34 103.88 54.86
C ALA C 399 -18.52 104.02 53.90
N ARG C 400 -18.46 105.03 53.06
CA ARG C 400 -19.52 105.29 52.11
C ARG C 400 -19.62 104.21 51.06
N ARG C 401 -18.49 103.93 50.43
CA ARG C 401 -18.48 103.13 49.22
C ARG C 401 -17.91 101.74 49.42
N TYR C 402 -17.00 101.60 50.38
CA TYR C 402 -16.34 100.31 50.58
C TYR C 402 -16.56 99.73 51.97
N ASN C 403 -17.42 100.35 52.77
CA ASN C 403 -17.63 99.89 54.15
C ASN C 403 -17.76 98.38 54.21
N ALA C 404 -18.19 97.79 53.10
CA ALA C 404 -18.30 96.34 53.01
C ALA C 404 -17.80 95.82 51.66
N THR C 405 -16.52 96.01 51.35
CA THR C 405 -16.02 95.64 50.03
C THR C 405 -14.55 95.19 49.99
N HIS C 406 -13.67 95.92 50.68
CA HIS C 406 -12.23 95.72 50.53
C HIS C 406 -11.46 95.69 51.84
N ILE C 407 -10.16 95.93 51.75
CA ILE C 407 -9.26 95.86 52.89
C ILE C 407 -8.13 96.90 52.79
N LYS C 408 -8.18 97.91 53.64
CA LYS C 408 -7.14 98.95 53.64
C LYS C 408 -5.77 98.33 53.86
N VAL C 409 -4.87 98.52 52.90
CA VAL C 409 -3.52 97.99 53.00
C VAL C 409 -2.58 98.99 53.65
N GLY C 410 -2.65 99.09 54.98
CA GLY C 410 -1.79 99.99 55.71
C GLY C 410 -2.36 101.38 55.83
N GLN C 411 -1.48 102.37 55.84
CA GLN C 411 -1.90 103.76 56.00
C GLN C 411 -1.83 104.48 54.67
N PRO C 412 -2.47 105.66 54.60
CA PRO C 412 -2.40 106.51 53.41
C PRO C 412 -0.96 106.83 53.04
N GLN C 413 -0.69 106.92 51.75
CA GLN C 413 0.65 107.22 51.23
C GLN C 413 0.62 108.55 50.50
N TYR C 414 1.78 109.16 50.30
CA TYR C 414 1.85 110.45 49.62
C TYR C 414 2.96 110.48 48.58
N TYR C 415 2.58 110.68 47.32
CA TYR C 415 3.55 110.73 46.22
C TYR C 415 3.43 112.05 45.50
N LEU C 416 4.56 112.61 45.08
CA LEU C 416 4.54 113.81 44.26
C LEU C 416 4.50 113.42 42.80
N ALA C 417 3.49 113.90 42.08
CA ALA C 417 3.38 113.62 40.66
C ALA C 417 3.90 114.76 39.82
N ASN C 418 4.45 114.45 38.64
CA ASN C 418 4.86 115.50 37.73
C ASN C 418 3.74 116.52 37.54
N GLY C 419 4.12 117.76 37.29
CA GLY C 419 3.12 118.82 37.16
C GLY C 419 3.03 119.59 38.46
N GLY C 420 3.40 118.93 39.55
CA GLY C 420 3.46 119.54 40.86
C GLY C 420 2.28 119.14 41.72
N PHE C 421 1.72 117.98 41.47
CA PHE C 421 0.55 117.56 42.20
C PHE C 421 0.87 116.48 43.20
N LEU C 422 0.76 116.80 44.49
CA LEU C 422 0.99 115.82 45.53
C LEU C 422 -0.18 114.87 45.66
N ILE C 423 0.12 113.58 45.58
CA ILE C 423 -0.89 112.55 45.63
C ILE C 423 -0.89 111.78 46.94
N ALA C 424 -2.02 111.85 47.64
CA ALA C 424 -2.24 111.02 48.81
C ALA C 424 -2.95 109.76 48.34
N TYR C 425 -2.42 108.60 48.73
CA TYR C 425 -2.91 107.33 48.19
C TYR C 425 -3.03 106.27 49.27
N GLN C 426 -4.23 105.71 49.42
CA GLN C 426 -4.44 104.53 50.24
C GLN C 426 -4.68 103.30 49.36
N PRO C 427 -3.69 102.38 49.33
CA PRO C 427 -3.80 101.11 48.60
C PRO C 427 -4.88 100.22 49.20
N LEU C 428 -5.67 99.58 48.34
CA LEU C 428 -6.75 98.71 48.78
C LEU C 428 -6.54 97.25 48.39
N LEU C 429 -7.50 96.40 48.75
CA LEU C 429 -7.49 94.97 48.42
C LEU C 429 -8.90 94.42 48.52
N SER C 430 -9.34 93.70 47.50
CA SER C 430 -10.70 93.17 47.50
C SER C 430 -10.92 92.15 48.61
N ASN C 431 -12.14 92.10 49.12
CA ASN C 431 -12.51 91.07 50.09
C ASN C 431 -12.36 89.70 49.46
N THR C 432 -12.76 89.58 48.21
CA THR C 432 -12.50 88.38 47.43
C THR C 432 -11.13 87.81 47.76
N LEU C 433 -10.12 88.65 47.60
CA LEU C 433 -8.73 88.25 47.81
C LEU C 433 -8.28 88.53 49.23
N ALA C 434 -9.21 88.45 50.17
CA ALA C 434 -8.92 88.77 51.57
C ALA C 434 -7.63 88.12 52.09
N GLU C 435 -7.11 87.13 51.37
CA GLU C 435 -5.91 86.41 51.81
C GLU C 435 -4.64 87.18 51.49
N LEU C 436 -4.58 87.74 50.28
CA LEU C 436 -3.40 88.43 49.80
C LEU C 436 -2.83 89.46 50.81
N TYR C 437 -3.65 89.85 51.78
CA TYR C 437 -3.30 90.91 52.72
C TYR C 437 -1.82 90.97 53.09
N VAL C 438 -1.34 89.92 53.75
CA VAL C 438 0.01 89.91 54.31
C VAL C 438 1.11 90.23 53.30
N ARG C 439 0.85 89.92 52.02
CA ARG C 439 1.84 90.09 50.98
C ARG C 439 2.10 91.56 50.62
N GLU C 440 1.09 92.20 50.04
CA GLU C 440 1.22 93.58 49.57
C GLU C 440 1.34 94.62 50.70
N HIS C 441 0.74 94.32 51.85
CA HIS C 441 0.89 95.17 53.03
C HIS C 441 2.37 95.39 53.29
N LEU C 442 3.11 94.29 53.34
CA LEU C 442 4.55 94.32 53.51
C LEU C 442 5.18 95.23 52.45
N ARG C 443 4.75 95.03 51.20
CA ARG C 443 5.33 95.71 50.06
C ARG C 443 5.14 97.22 50.14
N GLU C 444 4.05 97.65 50.78
CA GLU C 444 3.73 99.06 50.89
C GLU C 444 4.68 99.82 51.81
N GLN C 445 4.97 99.22 52.95
CA GLN C 445 5.87 99.82 53.93
C GLN C 445 7.24 100.18 53.35
N SER C 446 7.75 99.33 52.47
CA SER C 446 9.01 99.62 51.80
C SER C 446 9.02 101.06 51.30
N ARG C 447 7.83 101.55 50.95
CA ARG C 447 7.66 102.90 50.45
C ARG C 447 7.75 103.96 51.55
N LYS C 448 7.21 103.64 52.73
CA LYS C 448 7.24 104.56 53.87
C LYS C 448 8.62 105.18 54.07
N PRO C 449 8.72 106.51 53.88
CA PRO C 449 9.97 107.29 53.85
C PRO C 449 11.02 106.89 54.92
N PRO C 450 12.29 107.24 54.64
CA PRO C 450 13.41 107.00 55.56
C PRO C 450 13.59 108.14 56.56
N VAL C 465 12.63 122.57 54.33
CA VAL C 465 11.28 122.54 53.79
C VAL C 465 11.11 123.52 52.64
N GLU C 466 10.40 123.06 51.61
CA GLU C 466 10.17 123.85 50.40
C GLU C 466 8.68 123.99 50.15
N ARG C 467 8.35 124.50 48.97
CA ARG C 467 6.97 124.59 48.53
C ARG C 467 6.83 123.93 47.17
N ILE C 468 5.85 123.06 47.05
CA ILE C 468 5.56 122.40 45.79
C ILE C 468 4.90 123.39 44.87
N LYS C 469 5.36 123.43 43.63
CA LYS C 469 4.78 124.31 42.63
C LYS C 469 3.96 123.52 41.60
N THR C 470 2.86 124.12 41.16
CA THR C 470 1.89 123.40 40.33
C THR C 470 1.56 124.14 39.05
N THR C 471 1.63 123.42 37.94
CA THR C 471 1.34 123.97 36.63
C THR C 471 -0.13 124.38 36.56
N SER C 472 -0.43 125.41 35.78
CA SER C 472 -1.80 125.85 35.63
C SER C 472 -2.66 124.85 34.88
N SER C 473 -2.03 124.03 34.04
CA SER C 473 -2.78 123.18 33.13
C SER C 473 -2.64 121.70 33.44
N ILE C 474 -3.78 121.02 33.59
CA ILE C 474 -3.77 119.59 33.85
C ILE C 474 -3.81 118.81 32.53
N GLU C 475 -3.58 119.51 31.43
CA GLU C 475 -3.71 118.94 30.09
C GLU C 475 -2.83 117.72 29.86
N PHE C 476 -1.54 117.89 30.12
CA PHE C 476 -0.59 116.82 29.85
C PHE C 476 -1.07 115.47 30.44
N ALA C 477 -1.74 115.51 31.59
CA ALA C 477 -2.16 114.30 32.28
C ALA C 477 -3.43 113.68 31.71
N ARG C 478 -4.23 114.48 31.03
CA ARG C 478 -5.42 113.95 30.36
C ARG C 478 -5.06 113.40 28.97
N LEU C 479 -4.01 113.96 28.37
CA LEU C 479 -3.43 113.39 27.17
C LEU C 479 -2.75 112.06 27.49
N GLN C 480 -2.09 112.01 28.64
CA GLN C 480 -1.44 110.79 29.08
C GLN C 480 -2.49 109.69 29.15
N PHE C 481 -3.49 109.89 30.01
CA PHE C 481 -4.62 108.98 30.17
C PHE C 481 -5.22 108.57 28.82
N THR C 482 -5.46 109.55 27.97
CA THR C 482 -6.16 109.30 26.71
C THR C 482 -5.32 108.38 25.84
N TYR C 483 -4.07 108.77 25.63
CA TYR C 483 -3.16 108.03 24.78
C TYR C 483 -2.99 106.63 25.29
N ASN C 484 -2.72 106.50 26.59
CA ASN C 484 -2.43 105.22 27.18
C ASN C 484 -3.55 104.26 26.94
N HIS C 485 -4.77 104.73 27.13
CA HIS C 485 -5.88 103.80 27.06
C HIS C 485 -6.10 103.33 25.65
N ILE C 486 -6.11 104.26 24.71
CA ILE C 486 -6.21 103.89 23.31
C ILE C 486 -5.06 103.01 22.88
N GLN C 487 -3.84 103.35 23.31
CA GLN C 487 -2.67 102.51 23.05
C GLN C 487 -2.86 101.10 23.60
N ARG C 488 -3.29 101.01 24.86
CA ARG C 488 -3.63 99.73 25.47
C ARG C 488 -4.56 98.92 24.57
N HIS C 489 -5.81 99.35 24.44
CA HIS C 489 -6.76 98.66 23.57
C HIS C 489 -6.11 98.28 22.25
N VAL C 490 -5.58 99.28 21.56
CA VAL C 490 -5.05 99.05 20.21
C VAL C 490 -3.98 97.99 20.17
N ASN C 491 -2.89 98.16 20.92
CA ASN C 491 -1.87 97.13 20.90
C ASN C 491 -2.40 95.76 21.31
N ASP C 492 -3.29 95.76 22.29
CA ASP C 492 -3.88 94.52 22.76
C ASP C 492 -4.66 93.79 21.66
N MET C 493 -5.76 94.38 21.20
CA MET C 493 -6.51 93.77 20.11
C MET C 493 -5.60 93.37 18.96
N LEU C 494 -4.95 94.35 18.35
CA LEU C 494 -4.08 94.10 17.22
C LEU C 494 -3.08 92.98 17.50
N GLY C 495 -2.66 92.85 18.75
CA GLY C 495 -1.79 91.74 19.12
C GLY C 495 -2.46 90.39 18.95
N ARG C 496 -3.71 90.29 19.38
CA ARG C 496 -4.47 89.06 19.28
C ARG C 496 -4.62 88.62 17.83
N VAL C 497 -4.82 89.59 16.96
CA VAL C 497 -4.86 89.33 15.54
C VAL C 497 -3.54 88.74 15.05
N ALA C 498 -2.43 89.28 15.54
CA ALA C 498 -1.11 88.74 15.20
C ALA C 498 -1.01 87.27 15.55
N ILE C 499 -1.69 86.88 16.62
CA ILE C 499 -1.59 85.51 17.12
C ILE C 499 -2.56 84.60 16.36
N ALA C 500 -3.83 84.98 16.31
CA ALA C 500 -4.83 84.17 15.63
C ALA C 500 -4.46 84.03 14.17
N TRP C 501 -3.52 84.86 13.74
CA TRP C 501 -3.08 84.85 12.36
C TRP C 501 -1.92 83.90 12.21
N CYS C 502 -1.01 83.93 13.16
CA CYS C 502 0.10 83.01 13.13
C CYS C 502 -0.43 81.58 13.18
N GLU C 503 -1.37 81.36 14.09
CA GLU C 503 -1.96 80.05 14.28
C GLU C 503 -2.58 79.50 13.00
N LEU C 504 -3.38 80.32 12.34
CA LEU C 504 -4.03 79.93 11.10
C LEU C 504 -3.01 79.51 10.04
N GLN C 505 -2.07 80.38 9.71
CA GLN C 505 -1.04 80.06 8.73
C GLN C 505 -0.35 78.75 9.06
N ASN C 506 -0.12 78.50 10.35
CA ASN C 506 0.40 77.23 10.81
C ASN C 506 -0.62 76.12 10.52
N HIS C 507 -1.76 76.23 11.18
CA HIS C 507 -2.92 75.40 10.96
C HIS C 507 -3.07 74.96 9.50
N GLU C 508 -3.09 75.94 8.61
CA GLU C 508 -3.42 75.67 7.22
C GLU C 508 -2.36 74.90 6.47
N LEU C 509 -1.21 74.66 7.08
CA LEU C 509 -0.18 73.89 6.40
C LEU C 509 -0.68 72.46 6.20
N THR C 510 -1.48 71.98 7.15
CA THR C 510 -2.08 70.66 7.10
C THR C 510 -2.80 70.47 5.77
N LEU C 511 -3.43 71.53 5.30
CA LEU C 511 -4.17 71.47 4.06
C LEU C 511 -3.24 71.56 2.86
N TRP C 512 -2.29 72.49 2.87
CA TRP C 512 -1.38 72.67 1.75
C TRP C 512 -0.60 71.40 1.46
N ASN C 513 -0.30 70.64 2.51
CA ASN C 513 0.36 69.36 2.35
C ASN C 513 -0.40 68.44 1.40
N GLU C 514 -1.68 68.21 1.69
CA GLU C 514 -2.52 67.32 0.90
C GLU C 514 -2.78 67.84 -0.52
N ALA C 515 -2.93 69.14 -0.65
CA ALA C 515 -3.21 69.74 -1.94
C ALA C 515 -2.06 69.53 -2.94
N ARG C 516 -0.81 69.62 -2.47
CA ARG C 516 0.32 69.51 -3.38
C ARG C 516 0.48 68.10 -3.92
N LYS C 517 -0.26 67.17 -3.34
CA LYS C 517 -0.35 65.83 -3.89
C LYS C 517 -1.34 65.83 -5.04
N LEU C 518 -2.45 66.55 -4.89
CA LEU C 518 -3.48 66.57 -5.93
C LEU C 518 -3.05 67.34 -7.18
N ASN C 519 -2.43 68.50 -6.97
CA ASN C 519 -2.06 69.32 -8.11
C ASN C 519 -0.70 69.94 -7.94
N PRO C 520 0.34 69.12 -7.77
CA PRO C 520 1.71 69.55 -7.50
C PRO C 520 2.04 70.83 -8.24
N ASN C 521 1.65 70.91 -9.50
CA ASN C 521 1.90 72.09 -10.32
C ASN C 521 1.25 73.33 -9.73
N ALA C 522 -0.05 73.22 -9.46
CA ALA C 522 -0.82 74.37 -8.98
C ALA C 522 -0.39 74.81 -7.57
N ILE C 523 -0.06 73.87 -6.72
CA ILE C 523 0.34 74.20 -5.37
C ILE C 523 1.76 74.75 -5.35
N ALA C 524 2.65 74.12 -6.11
CA ALA C 524 4.04 74.57 -6.13
C ALA C 524 4.21 75.95 -6.76
N SER C 525 3.27 76.34 -7.61
CA SER C 525 3.33 77.66 -8.25
C SER C 525 2.84 78.79 -7.31
N VAL C 526 1.66 78.60 -6.75
CA VAL C 526 1.10 79.61 -5.86
C VAL C 526 2.05 79.81 -4.70
N THR C 527 2.90 78.82 -4.47
CA THR C 527 3.79 78.81 -3.31
C THR C 527 5.15 79.45 -3.61
N VAL C 528 5.47 79.60 -4.89
CA VAL C 528 6.64 80.38 -5.24
C VAL C 528 6.27 81.56 -6.14
N GLY C 529 4.98 81.81 -6.27
CA GLY C 529 4.47 82.98 -6.97
C GLY C 529 4.88 83.07 -8.42
N ARG C 530 4.93 81.93 -9.10
CA ARG C 530 5.28 81.90 -10.51
C ARG C 530 5.02 80.51 -11.08
N ARG C 531 4.75 80.44 -12.39
CA ARG C 531 4.43 79.16 -13.02
C ARG C 531 5.59 78.19 -13.04
N VAL C 532 5.35 77.00 -12.53
CA VAL C 532 6.31 75.92 -12.61
C VAL C 532 5.63 74.56 -12.67
N SER C 533 6.39 73.56 -13.09
CA SER C 533 5.99 72.17 -12.92
C SER C 533 6.67 71.64 -11.67
N ALA C 534 6.03 70.69 -11.02
CA ALA C 534 6.59 70.11 -9.82
C ALA C 534 6.03 68.70 -9.67
N ARG C 535 6.78 67.84 -9.00
CA ARG C 535 6.27 66.55 -8.61
C ARG C 535 6.89 66.19 -7.27
N MET C 536 6.27 65.29 -6.54
CA MET C 536 6.78 64.88 -5.24
C MET C 536 7.85 63.81 -5.35
N LEU C 537 8.89 63.93 -4.54
CA LEU C 537 9.86 62.86 -4.36
C LEU C 537 9.71 62.34 -2.94
N GLY C 538 8.53 61.85 -2.63
CA GLY C 538 8.25 61.38 -1.30
C GLY C 538 7.75 62.53 -0.46
N ASP C 539 8.61 63.04 0.42
CA ASP C 539 8.19 64.08 1.34
C ASP C 539 8.74 65.47 1.02
N VAL C 540 9.42 65.60 -0.12
CA VAL C 540 9.81 66.91 -0.62
C VAL C 540 9.17 67.11 -1.99
N MET C 541 9.58 68.17 -2.67
CA MET C 541 8.90 68.53 -3.91
C MET C 541 9.90 68.94 -4.98
N ALA C 542 10.02 68.10 -6.01
CA ALA C 542 10.86 68.43 -7.14
C ALA C 542 10.17 69.51 -7.94
N VAL C 543 10.95 70.48 -8.40
CA VAL C 543 10.42 71.59 -9.17
C VAL C 543 11.30 71.91 -10.37
N SER C 544 10.67 72.34 -11.46
CA SER C 544 11.39 72.89 -12.60
C SER C 544 10.54 74.03 -13.13
N THR C 545 11.18 74.99 -13.78
CA THR C 545 10.49 76.16 -14.34
C THR C 545 9.45 75.82 -15.40
N CYS C 546 8.89 76.86 -16.00
CA CYS C 546 7.98 76.72 -17.13
C CYS C 546 8.34 77.73 -18.20
N VAL C 547 7.92 77.46 -19.44
CA VAL C 547 8.19 78.36 -20.56
C VAL C 547 6.92 78.96 -21.11
N PRO C 548 6.87 80.29 -21.22
CA PRO C 548 5.72 80.99 -21.77
C PRO C 548 5.63 80.74 -23.26
N VAL C 549 4.42 80.84 -23.78
CA VAL C 549 4.20 80.67 -25.20
C VAL C 549 3.19 81.73 -25.59
N ALA C 550 3.52 82.50 -26.62
CA ALA C 550 2.64 83.54 -27.11
C ALA C 550 1.28 82.94 -27.44
N ALA C 551 0.22 83.51 -26.89
CA ALA C 551 -1.12 82.97 -27.10
C ALA C 551 -1.44 82.80 -28.58
N ASP C 552 -0.99 83.75 -29.39
CA ASP C 552 -1.26 83.73 -30.82
C ASP C 552 -0.57 82.53 -31.49
N ASN C 553 0.29 81.85 -30.73
CA ASN C 553 1.00 80.69 -31.25
C ASN C 553 0.48 79.35 -30.76
N VAL C 554 -0.81 79.28 -30.44
CA VAL C 554 -1.40 78.02 -29.97
C VAL C 554 -2.67 77.68 -30.73
N ILE C 555 -2.77 76.40 -31.13
CA ILE C 555 -3.89 75.94 -31.95
C ILE C 555 -4.60 74.73 -31.35
N VAL C 556 -5.88 74.92 -31.05
CA VAL C 556 -6.69 73.83 -30.51
C VAL C 556 -7.32 73.02 -31.63
N GLN C 557 -7.00 71.73 -31.67
CA GLN C 557 -7.59 70.83 -32.66
C GLN C 557 -9.06 70.52 -32.32
N ASN C 558 -9.91 70.47 -33.34
CA ASN C 558 -11.36 70.44 -33.14
C ASN C 558 -11.97 69.15 -32.55
N SER C 559 -11.28 68.02 -32.69
CA SER C 559 -11.83 66.76 -32.20
C SER C 559 -11.02 66.14 -31.07
N MET C 560 -11.72 65.58 -30.08
CA MET C 560 -11.07 64.94 -28.93
C MET C 560 -11.10 63.41 -28.98
N ARG C 561 -11.65 62.86 -30.06
CA ARG C 561 -11.70 61.40 -30.25
C ARG C 561 -10.34 60.87 -30.65
N ILE C 562 -10.05 59.62 -30.28
CA ILE C 562 -8.77 59.02 -30.66
C ILE C 562 -8.98 58.08 -31.84
N SER C 563 -8.61 58.56 -33.02
CA SER C 563 -8.66 57.74 -34.22
C SER C 563 -7.86 56.48 -33.98
N SER C 564 -6.69 56.65 -33.36
CA SER C 564 -5.82 55.53 -33.00
C SER C 564 -6.53 54.38 -32.28
N ARG C 565 -7.44 54.71 -31.37
CA ARG C 565 -8.17 53.70 -30.61
C ARG C 565 -9.65 54.05 -30.42
N PRO C 566 -10.54 53.20 -30.96
CA PRO C 566 -12.00 53.39 -30.83
C PRO C 566 -12.45 53.39 -29.36
N GLY C 567 -13.48 54.17 -29.06
CA GLY C 567 -14.05 54.21 -27.71
C GLY C 567 -13.38 55.21 -26.80
N ALA C 568 -12.05 55.11 -26.71
CA ALA C 568 -11.26 56.03 -25.88
C ALA C 568 -11.16 57.41 -26.53
N CYS C 569 -11.26 58.44 -25.69
CA CYS C 569 -11.13 59.82 -26.13
C CYS C 569 -9.98 60.48 -25.39
N TYR C 570 -9.69 61.72 -25.77
CA TYR C 570 -8.84 62.58 -24.96
C TYR C 570 -9.69 63.29 -23.92
N SER C 571 -9.15 63.46 -22.72
CA SER C 571 -9.87 64.18 -21.67
C SER C 571 -9.75 65.70 -21.84
N ARG C 572 -8.61 66.16 -22.34
CA ARG C 572 -8.41 67.59 -22.65
C ARG C 572 -8.06 67.74 -24.12
N PRO C 573 -8.51 68.86 -24.72
CA PRO C 573 -8.37 69.12 -26.16
C PRO C 573 -6.93 69.07 -26.65
N LEU C 574 -6.78 68.73 -27.92
CA LEU C 574 -5.47 68.65 -28.54
C LEU C 574 -5.06 70.03 -29.01
N VAL C 575 -3.75 70.26 -29.01
CA VAL C 575 -3.24 71.55 -29.43
C VAL C 575 -1.90 71.37 -30.12
N SER C 576 -1.53 72.37 -30.90
CA SER C 576 -0.20 72.44 -31.44
C SER C 576 0.24 73.89 -31.25
N PHE C 577 1.53 74.07 -31.03
CA PHE C 577 2.04 75.39 -30.73
C PHE C 577 3.49 75.46 -31.15
N ARG C 578 4.08 76.64 -31.00
CA ARG C 578 5.49 76.82 -31.25
C ARG C 578 6.05 77.86 -30.31
N TYR C 579 7.34 77.78 -30.02
CA TYR C 579 7.99 78.73 -29.12
C TYR C 579 8.49 79.94 -29.89
N GLU C 580 8.76 79.73 -31.17
CA GLU C 580 9.19 80.81 -32.06
C GLU C 580 8.22 80.95 -33.23
N ASP C 581 8.02 82.19 -33.68
CA ASP C 581 7.09 82.46 -34.78
C ASP C 581 7.52 81.70 -36.03
N GLN C 582 8.82 81.65 -36.27
CA GLN C 582 9.35 80.89 -37.39
C GLN C 582 9.67 79.46 -36.95
N GLY C 583 9.94 79.30 -35.67
CA GLY C 583 10.20 77.97 -35.10
C GLY C 583 9.13 76.96 -35.49
N PRO C 584 9.50 75.68 -35.43
CA PRO C 584 8.61 74.59 -35.86
C PRO C 584 7.42 74.44 -34.92
N LEU C 585 6.33 73.92 -35.48
CA LEU C 585 5.14 73.59 -34.70
C LEU C 585 5.43 72.41 -33.79
N VAL C 586 4.69 72.32 -32.68
CA VAL C 586 4.86 71.24 -31.72
C VAL C 586 3.52 70.78 -31.18
N GLU C 587 3.34 69.47 -31.09
CA GLU C 587 2.07 68.89 -30.67
C GLU C 587 2.06 68.64 -29.17
N GLY C 588 0.89 68.81 -28.56
CA GLY C 588 0.70 68.47 -27.16
C GLY C 588 -0.76 68.48 -26.80
N GLN C 589 -1.05 68.39 -25.51
CA GLN C 589 -2.43 68.45 -25.03
C GLN C 589 -2.62 69.56 -24.00
N LEU C 590 -3.81 70.13 -24.01
CA LEU C 590 -4.17 71.23 -23.10
C LEU C 590 -4.21 70.80 -21.64
N GLY C 591 -3.44 71.51 -20.80
CA GLY C 591 -3.44 71.27 -19.37
C GLY C 591 -4.35 72.24 -18.64
N GLU C 592 -4.29 72.22 -17.31
CA GLU C 592 -5.04 73.16 -16.51
C GLU C 592 -4.37 74.52 -16.60
N ASN C 593 -5.18 75.57 -16.64
CA ASN C 593 -4.66 76.92 -16.55
C ASN C 593 -3.71 77.27 -17.71
N ASN C 594 -4.08 76.86 -18.92
CA ASN C 594 -3.30 77.14 -20.11
C ASN C 594 -1.91 76.52 -20.10
N GLU C 595 -1.76 75.39 -19.41
CA GLU C 595 -0.54 74.62 -19.58
C GLU C 595 -0.64 73.91 -20.90
N LEU C 596 0.44 73.94 -21.66
CA LEU C 596 0.56 73.09 -22.83
C LEU C 596 1.34 71.83 -22.43
N ARG C 597 0.69 70.68 -22.53
CA ARG C 597 1.33 69.42 -22.14
C ARG C 597 1.92 68.70 -23.35
N LEU C 598 3.15 68.21 -23.20
CA LEU C 598 3.86 67.57 -24.31
C LEU C 598 3.46 66.10 -24.51
N THR C 599 2.76 65.53 -23.53
CA THR C 599 2.38 64.12 -23.58
C THR C 599 0.88 63.95 -23.67
N ARG C 600 0.38 63.55 -24.83
CA ARG C 600 -1.05 63.40 -25.02
C ARG C 600 -1.62 62.17 -24.32
N ASP C 601 -1.30 62.02 -23.04
CA ASP C 601 -1.72 60.83 -22.31
C ASP C 601 -2.96 61.02 -21.43
N ALA C 602 -3.70 62.10 -21.64
CA ALA C 602 -4.90 62.37 -20.86
C ALA C 602 -6.13 61.76 -21.52
N ILE C 603 -6.40 60.50 -21.17
CA ILE C 603 -7.33 59.65 -21.92
C ILE C 603 -8.57 59.23 -21.13
N GLU C 604 -9.73 59.37 -21.75
CA GLU C 604 -11.00 59.05 -21.09
C GLU C 604 -11.99 58.47 -22.08
N PRO C 605 -12.53 57.28 -21.76
CA PRO C 605 -13.53 56.57 -22.56
C PRO C 605 -14.66 57.51 -22.97
N CYS C 606 -15.09 57.43 -24.22
CA CYS C 606 -16.11 58.35 -24.72
C CYS C 606 -17.32 58.39 -23.82
N THR C 607 -18.16 59.39 -24.04
CA THR C 607 -19.29 59.63 -23.16
C THR C 607 -20.35 60.46 -23.87
N VAL C 608 -21.58 59.96 -23.82
CA VAL C 608 -22.70 60.62 -24.46
C VAL C 608 -23.12 61.79 -23.61
N GLY C 609 -23.65 62.83 -24.24
CA GLY C 609 -23.90 64.07 -23.53
C GLY C 609 -22.65 64.39 -22.72
N HIS C 610 -21.57 64.72 -23.44
CA HIS C 610 -20.30 65.04 -22.81
C HIS C 610 -19.98 66.50 -23.10
N ARG C 611 -20.39 67.38 -22.18
CA ARG C 611 -20.07 68.81 -22.26
C ARG C 611 -18.79 69.10 -21.48
N ARG C 612 -17.95 69.95 -22.06
CA ARG C 612 -16.73 70.36 -21.38
C ARG C 612 -16.39 71.82 -21.69
N TYR C 613 -16.26 72.63 -20.65
CA TYR C 613 -15.69 73.96 -20.79
C TYR C 613 -14.22 73.89 -20.40
N PHE C 614 -13.34 74.39 -21.26
CA PHE C 614 -11.92 74.37 -20.94
C PHE C 614 -11.30 75.77 -20.98
N THR C 615 -10.39 76.02 -20.06
CA THR C 615 -9.67 77.28 -19.99
C THR C 615 -8.70 77.41 -21.15
N PHE C 616 -8.88 78.45 -21.96
CA PHE C 616 -8.05 78.62 -23.14
C PHE C 616 -7.81 80.09 -23.40
N GLY C 617 -6.54 80.48 -23.35
CA GLY C 617 -6.19 81.88 -23.45
C GLY C 617 -6.91 82.70 -22.39
N GLY C 618 -7.37 83.88 -22.77
CA GLY C 618 -8.06 84.76 -21.84
C GLY C 618 -9.51 84.36 -21.62
N GLY C 619 -9.98 83.37 -22.36
CA GLY C 619 -11.38 82.96 -22.26
C GLY C 619 -11.61 81.47 -22.20
N TYR C 620 -12.68 81.01 -22.84
CA TYR C 620 -12.98 79.58 -22.87
C TYR C 620 -13.21 79.05 -24.28
N VAL C 621 -12.94 77.76 -24.45
CA VAL C 621 -13.32 77.03 -25.66
C VAL C 621 -14.30 75.92 -25.28
N TYR C 622 -15.49 75.98 -25.85
CA TYR C 622 -16.55 75.04 -25.51
C TYR C 622 -16.69 73.87 -26.49
N PHE C 623 -16.47 72.65 -26.00
CA PHE C 623 -16.62 71.43 -26.77
C PHE C 623 -17.97 70.77 -26.48
N GLU C 624 -18.50 70.03 -27.46
CA GLU C 624 -19.67 69.19 -27.26
C GLU C 624 -19.49 67.83 -27.93
N GLU C 625 -19.81 66.77 -27.20
CA GLU C 625 -19.63 65.41 -27.69
C GLU C 625 -18.25 65.22 -28.31
N TYR C 626 -17.21 65.59 -27.57
CA TYR C 626 -15.82 65.37 -27.98
C TYR C 626 -15.44 66.12 -29.26
N ALA C 627 -16.30 67.07 -29.65
CA ALA C 627 -16.06 67.88 -30.83
C ALA C 627 -16.37 69.36 -30.57
N TYR C 628 -15.37 70.20 -30.85
CA TYR C 628 -15.48 71.65 -30.67
C TYR C 628 -16.86 72.23 -30.96
N SER C 629 -17.19 73.32 -30.26
CA SER C 629 -18.42 74.04 -30.50
C SER C 629 -18.14 75.52 -30.77
N HIS C 630 -17.68 76.23 -29.74
CA HIS C 630 -17.28 77.64 -29.87
C HIS C 630 -16.43 78.11 -28.70
N GLN C 631 -15.93 79.34 -28.77
CA GLN C 631 -15.20 79.94 -27.67
C GLN C 631 -16.00 81.08 -27.07
N LEU C 632 -15.60 81.49 -25.87
CA LEU C 632 -16.28 82.57 -25.16
C LEU C 632 -15.35 83.24 -24.18
N SER C 633 -15.70 84.46 -23.79
CA SER C 633 -14.95 85.23 -22.80
C SER C 633 -15.33 84.76 -21.40
N ARG C 634 -14.42 84.92 -20.45
CA ARG C 634 -14.76 84.66 -19.05
C ARG C 634 -15.98 85.48 -18.64
N ALA C 635 -16.31 86.49 -19.44
CA ALA C 635 -17.32 87.48 -19.10
C ALA C 635 -18.76 87.01 -19.31
N ASP C 636 -18.94 85.85 -19.92
CA ASP C 636 -20.28 85.34 -20.18
C ASP C 636 -20.82 84.48 -19.03
N ILE C 637 -19.94 83.71 -18.40
CA ILE C 637 -20.33 82.86 -17.28
C ILE C 637 -20.36 83.62 -15.98
N THR C 638 -21.37 83.33 -15.17
CA THR C 638 -21.52 83.95 -13.87
C THR C 638 -20.41 83.51 -12.95
N THR C 639 -19.85 84.49 -12.25
CA THR C 639 -18.73 84.28 -11.35
C THR C 639 -19.23 84.14 -9.93
N VAL C 640 -18.61 83.25 -9.17
CA VAL C 640 -18.81 83.22 -7.73
C VAL C 640 -17.44 83.33 -7.07
N SER C 641 -17.40 83.80 -5.83
CA SER C 641 -16.12 84.07 -5.19
C SER C 641 -15.89 83.18 -3.99
N THR C 642 -14.66 82.72 -3.84
CA THR C 642 -14.27 81.97 -2.65
C THR C 642 -13.75 82.93 -1.60
N PHE C 643 -13.77 84.22 -1.94
CA PHE C 643 -13.18 85.27 -1.12
C PHE C 643 -14.14 85.82 -0.09
N ILE C 644 -13.69 85.86 1.16
CA ILE C 644 -14.37 86.61 2.20
C ILE C 644 -13.91 88.06 2.10
N ASP C 645 -14.86 88.97 1.94
CA ASP C 645 -14.54 90.37 1.79
C ASP C 645 -14.21 91.01 3.11
N LEU C 646 -13.18 91.83 3.11
CA LEU C 646 -12.84 92.66 4.26
C LEU C 646 -12.76 94.12 3.80
N ASN C 647 -13.60 94.96 4.39
CA ASN C 647 -13.80 96.33 3.93
C ASN C 647 -13.11 97.37 4.83
N ILE C 648 -11.78 97.41 4.80
CA ILE C 648 -11.03 98.34 5.64
C ILE C 648 -10.88 99.71 4.98
N THR C 649 -11.24 100.76 5.72
CA THR C 649 -10.98 102.13 5.29
C THR C 649 -10.13 102.87 6.32
N MET C 650 -9.44 103.91 5.86
CA MET C 650 -8.54 104.66 6.72
C MET C 650 -9.25 105.71 7.55
N LEU C 651 -8.85 105.84 8.81
CA LEU C 651 -9.24 106.99 9.60
C LEU C 651 -8.52 108.21 9.02
N GLU C 652 -9.29 109.23 8.67
CA GLU C 652 -8.69 110.30 7.87
C GLU C 652 -8.11 111.49 8.63
N ASP C 653 -7.31 112.27 7.91
CA ASP C 653 -6.68 113.47 8.42
C ASP C 653 -7.67 114.36 9.14
N HIS C 654 -7.20 114.96 10.22
CA HIS C 654 -7.97 116.01 10.86
C HIS C 654 -7.05 117.09 11.41
N GLU C 655 -7.48 118.33 11.25
CA GLU C 655 -6.74 119.47 11.76
C GLU C 655 -7.43 120.02 13.00
N PHE C 656 -6.67 120.17 14.07
CA PHE C 656 -7.16 120.82 15.29
C PHE C 656 -6.78 122.30 15.29
N VAL C 657 -7.76 123.18 15.38
CA VAL C 657 -7.44 124.60 15.34
C VAL C 657 -7.20 125.13 16.74
N PRO C 658 -6.45 126.24 16.85
CA PRO C 658 -6.31 126.94 18.13
C PRO C 658 -7.69 127.36 18.59
N LEU C 659 -8.04 127.03 19.82
CA LEU C 659 -9.34 127.37 20.31
C LEU C 659 -9.29 127.71 21.80
N GLU C 660 -9.74 128.92 22.13
CA GLU C 660 -9.84 129.39 23.51
C GLU C 660 -11.29 129.69 23.80
N VAL C 661 -11.72 129.53 25.05
CA VAL C 661 -13.03 130.04 25.46
C VAL C 661 -12.91 131.54 25.77
N TYR C 662 -11.90 131.90 26.54
CA TYR C 662 -11.62 133.30 26.88
C TYR C 662 -10.16 133.61 26.59
N THR C 663 -9.91 134.55 25.68
CA THR C 663 -8.56 135.02 25.39
C THR C 663 -8.01 135.82 26.57
N ARG C 664 -6.71 136.08 26.58
CA ARG C 664 -6.12 136.76 27.73
C ARG C 664 -6.63 138.20 27.79
N HIS C 665 -6.86 138.80 26.64
CA HIS C 665 -7.44 140.14 26.61
C HIS C 665 -8.80 140.19 27.30
N GLU C 666 -9.54 139.09 27.24
CA GLU C 666 -10.89 139.04 27.78
C GLU C 666 -10.87 138.88 29.28
N ILE C 667 -9.84 138.21 29.77
CA ILE C 667 -9.63 138.02 31.20
C ILE C 667 -9.34 139.36 31.85
N LYS C 668 -8.32 140.03 31.35
CA LYS C 668 -7.94 141.34 31.83
C LYS C 668 -9.10 142.34 31.80
N ASP C 669 -9.81 142.40 30.68
CA ASP C 669 -10.91 143.36 30.55
C ASP C 669 -12.10 143.03 31.47
N SER C 670 -12.12 141.84 32.03
CA SER C 670 -13.21 141.50 32.94
C SER C 670 -12.96 142.13 34.32
N GLY C 671 -11.85 142.85 34.45
CA GLY C 671 -11.63 143.68 35.63
C GLY C 671 -12.30 145.05 35.44
N LEU C 672 -13.16 145.43 36.39
CA LEU C 672 -13.96 146.66 36.28
C LEU C 672 -13.10 147.93 36.18
N LEU C 673 -12.19 148.09 37.13
CA LEU C 673 -11.13 149.12 37.06
C LEU C 673 -9.75 148.52 36.74
N ASP C 674 -9.04 149.15 35.83
CA ASP C 674 -7.66 148.79 35.53
C ASP C 674 -6.73 149.83 36.15
N TYR C 675 -6.12 149.48 37.28
CA TYR C 675 -5.23 150.37 38.01
C TYR C 675 -4.26 151.11 37.09
N THR C 676 -3.63 150.39 36.18
CA THR C 676 -2.72 150.99 35.22
C THR C 676 -3.42 152.06 34.39
N GLU C 677 -4.57 151.72 33.82
CA GLU C 677 -5.37 152.64 33.02
C GLU C 677 -5.67 153.91 33.81
N VAL C 678 -6.01 153.73 35.08
CA VAL C 678 -6.50 154.84 35.89
C VAL C 678 -5.38 155.80 36.27
N GLN C 679 -4.23 155.26 36.65
CA GLN C 679 -3.08 156.09 36.98
C GLN C 679 -2.51 156.82 35.74
N ARG C 680 -2.53 156.14 34.61
CA ARG C 680 -2.09 156.74 33.37
C ARG C 680 -2.94 157.97 33.02
N ARG C 681 -4.26 157.87 33.28
CA ARG C 681 -5.19 158.99 33.06
C ARG C 681 -5.09 160.04 34.16
N ASN C 682 -5.00 159.57 35.40
CA ASN C 682 -4.90 160.46 36.53
C ASN C 682 -3.70 161.38 36.40
N GLN C 683 -2.57 160.81 35.95
CA GLN C 683 -1.31 161.54 35.98
C GLN C 683 -1.07 162.39 34.74
N LEU C 684 -1.89 162.20 33.72
CA LEU C 684 -1.91 163.11 32.57
C LEU C 684 -2.69 164.41 32.85
N HIS C 685 -3.46 164.41 33.94
CA HIS C 685 -4.37 165.51 34.22
C HIS C 685 -3.74 166.87 33.94
N ASP C 686 -2.61 167.16 34.60
CA ASP C 686 -2.03 168.50 34.51
C ASP C 686 -1.51 168.77 33.12
N LEU C 687 -0.99 167.75 32.47
CA LEU C 687 -0.50 167.93 31.12
C LEU C 687 -1.64 168.33 30.20
N ARG C 688 -2.81 167.72 30.37
CA ARG C 688 -3.94 167.96 29.48
C ARG C 688 -4.69 169.25 29.79
N PHE C 689 -4.64 169.67 31.05
CA PHE C 689 -5.54 170.71 31.53
C PHE C 689 -4.88 171.92 32.19
N ALA C 690 -3.55 172.00 32.13
CA ALA C 690 -2.85 173.03 32.89
C ALA C 690 -1.54 173.45 32.26
N ASP C 691 -0.57 173.78 33.11
CA ASP C 691 0.74 174.23 32.67
C ASP C 691 1.81 173.98 33.72
N ILE C 692 2.50 172.86 33.58
CA ILE C 692 3.53 172.51 34.52
C ILE C 692 4.81 173.33 34.31
N ASP C 693 4.77 174.29 33.40
CA ASP C 693 6.00 174.97 32.96
C ASP C 693 6.06 176.49 33.16
N THR C 694 5.03 177.21 32.74
CA THR C 694 5.07 178.66 32.83
C THR C 694 5.22 179.14 34.27
N VAL C 695 6.28 179.90 34.51
CA VAL C 695 6.51 180.53 35.79
C VAL C 695 6.07 181.99 35.78
N ILE C 696 5.14 182.34 36.65
CA ILE C 696 4.67 183.70 36.79
C ILE C 696 5.46 184.42 37.89
N HIS C 697 5.51 185.75 37.81
CA HIS C 697 6.21 186.53 38.82
C HIS C 697 5.66 187.97 38.93
N ASP D 76 37.75 -71.83 26.24
CA ASP D 76 37.08 -72.74 27.16
C ASP D 76 36.04 -73.64 26.48
N ILE D 77 34.80 -73.17 26.38
CA ILE D 77 33.72 -73.97 25.77
C ILE D 77 34.00 -74.34 24.32
N LYS D 78 34.47 -75.56 24.09
CA LYS D 78 34.73 -76.01 22.74
C LYS D 78 33.68 -77.03 22.29
N ALA D 79 33.58 -77.20 20.97
CA ALA D 79 32.57 -78.03 20.35
C ALA D 79 32.68 -79.50 20.74
N GLU D 80 31.62 -80.03 21.33
CA GLU D 80 31.59 -81.43 21.73
C GLU D 80 31.56 -82.38 20.52
N ASN D 81 30.53 -82.23 19.70
CA ASN D 81 30.41 -83.03 18.47
C ASN D 81 31.47 -82.61 17.46
N THR D 82 32.70 -83.05 17.70
CA THR D 82 33.87 -82.55 17.01
C THR D 82 33.96 -82.98 15.53
N ASP D 83 32.95 -83.72 15.08
CA ASP D 83 33.04 -84.40 13.79
C ASP D 83 32.66 -83.52 12.60
N ALA D 84 32.88 -82.21 12.71
CA ALA D 84 32.48 -81.27 11.66
C ALA D 84 33.54 -80.24 11.25
N ASN D 85 33.21 -79.49 10.21
CA ASN D 85 34.07 -78.42 9.69
C ASN D 85 33.42 -77.05 9.85
N PHE D 86 34.24 -76.05 10.15
CA PHE D 86 33.74 -74.68 10.13
C PHE D 86 34.28 -73.96 8.92
N TYR D 87 33.59 -72.90 8.52
CA TYR D 87 33.95 -72.18 7.33
C TYR D 87 34.00 -70.69 7.52
N VAL D 88 35.15 -70.11 7.22
CA VAL D 88 35.26 -68.67 7.14
C VAL D 88 34.97 -68.27 5.71
N CYS D 89 33.77 -67.74 5.47
CA CYS D 89 33.37 -67.43 4.11
C CYS D 89 33.38 -65.92 3.90
N PRO D 90 34.55 -65.39 3.50
CA PRO D 90 34.85 -63.97 3.33
C PRO D 90 33.90 -63.35 2.33
N PRO D 91 33.89 -62.01 2.22
CA PRO D 91 32.97 -61.33 1.32
C PRO D 91 33.41 -61.52 -0.12
N PRO D 92 32.46 -61.83 -1.01
CA PRO D 92 32.85 -62.10 -2.39
C PRO D 92 33.57 -60.89 -2.96
N THR D 93 34.74 -61.13 -3.54
CA THR D 93 35.56 -60.08 -4.15
C THR D 93 34.81 -59.28 -5.21
N GLY D 94 33.86 -59.95 -5.89
CA GLY D 94 33.14 -59.35 -6.99
C GLY D 94 33.86 -59.61 -8.29
N ALA D 95 35.05 -60.19 -8.18
CA ALA D 95 35.85 -60.50 -9.35
C ALA D 95 35.14 -61.56 -10.16
N THR D 96 34.81 -62.67 -9.51
CA THR D 96 34.19 -63.82 -10.15
C THR D 96 32.68 -63.85 -9.98
N VAL D 97 31.98 -63.82 -11.09
CA VAL D 97 30.54 -63.85 -11.05
C VAL D 97 29.99 -64.96 -11.95
N VAL D 98 28.87 -65.55 -11.55
CA VAL D 98 28.25 -66.64 -12.32
C VAL D 98 26.78 -66.37 -12.52
N GLN D 99 26.20 -67.03 -13.51
CA GLN D 99 24.79 -66.92 -13.78
C GLN D 99 24.19 -68.32 -13.75
N PHE D 100 22.98 -68.47 -13.23
CA PHE D 100 22.28 -69.75 -13.32
C PHE D 100 21.95 -70.06 -14.77
N GLU D 101 22.09 -71.34 -15.15
CA GLU D 101 21.64 -71.81 -16.44
C GLU D 101 20.14 -71.55 -16.60
N GLN D 102 19.74 -71.07 -17.77
CA GLN D 102 18.32 -70.79 -18.02
C GLN D 102 17.56 -72.01 -18.55
N PRO D 103 16.22 -71.94 -18.58
CA PRO D 103 15.43 -73.16 -18.84
C PRO D 103 15.86 -73.86 -20.13
N ARG D 104 15.94 -75.18 -20.10
CA ARG D 104 16.36 -75.98 -21.27
C ARG D 104 15.18 -76.27 -22.18
N ARG D 105 15.48 -76.63 -23.42
CA ARG D 105 14.45 -77.08 -24.33
C ARG D 105 14.01 -78.45 -23.84
N CYS D 106 12.70 -78.66 -23.74
CA CYS D 106 12.19 -79.93 -23.27
C CYS D 106 11.63 -80.77 -24.41
N PRO D 107 11.97 -82.07 -24.41
CA PRO D 107 11.59 -83.02 -25.45
C PRO D 107 10.10 -83.02 -25.68
N THR D 108 9.67 -83.58 -26.81
CA THR D 108 8.26 -83.65 -27.12
C THR D 108 7.81 -85.10 -27.13
N ARG D 109 6.52 -85.32 -26.87
CA ARG D 109 5.98 -86.67 -26.99
C ARG D 109 6.19 -87.13 -28.41
N PRO D 110 6.73 -88.35 -28.59
CA PRO D 110 7.08 -88.85 -29.92
C PRO D 110 5.87 -88.84 -30.86
N GLU D 111 6.11 -88.48 -32.12
CA GLU D 111 5.09 -88.56 -33.16
C GLU D 111 4.57 -89.99 -33.21
N GLY D 112 3.27 -90.16 -32.99
CA GLY D 112 2.67 -91.48 -32.96
C GLY D 112 2.59 -92.16 -34.31
N GLN D 113 2.69 -93.48 -34.32
CA GLN D 113 2.57 -94.26 -35.54
C GLN D 113 1.15 -94.77 -35.70
N ASN D 114 0.56 -94.52 -36.86
CA ASN D 114 -0.82 -94.90 -37.13
C ASN D 114 -0.96 -96.38 -37.44
N TYR D 115 -1.95 -97.01 -36.82
CA TYR D 115 -2.29 -98.39 -37.12
C TYR D 115 -3.44 -98.41 -38.10
N THR D 116 -3.38 -99.30 -39.08
CA THR D 116 -4.56 -99.61 -39.85
C THR D 116 -5.20 -100.85 -39.24
N GLU D 117 -6.51 -100.80 -39.00
CA GLU D 117 -7.23 -101.98 -38.59
C GLU D 117 -7.55 -102.85 -39.79
N GLY D 118 -7.85 -104.12 -39.54
CA GLY D 118 -8.25 -105.04 -40.59
C GLY D 118 -8.48 -106.46 -40.13
N ILE D 119 -8.84 -107.31 -41.08
CA ILE D 119 -8.98 -108.73 -40.85
C ILE D 119 -7.84 -109.43 -41.57
N ALA D 120 -7.30 -110.48 -40.97
CA ALA D 120 -6.26 -111.23 -41.66
C ALA D 120 -6.59 -112.72 -41.69
N VAL D 121 -5.95 -113.44 -42.60
CA VAL D 121 -6.02 -114.91 -42.64
C VAL D 121 -4.61 -115.37 -42.97
N VAL D 122 -3.98 -116.10 -42.05
CA VAL D 122 -2.59 -116.48 -42.24
C VAL D 122 -2.47 -117.91 -42.75
N PHE D 123 -1.70 -118.09 -43.81
CA PHE D 123 -1.52 -119.38 -44.48
C PHE D 123 -0.13 -119.96 -44.30
N LYS D 124 -0.05 -121.29 -44.21
CA LYS D 124 1.22 -121.97 -44.04
C LYS D 124 1.41 -122.96 -45.19
N GLU D 125 2.65 -123.23 -45.53
CA GLU D 125 2.96 -124.33 -46.44
C GLU D 125 2.10 -125.51 -46.08
N ASN D 126 1.50 -126.14 -47.08
CA ASN D 126 0.71 -127.36 -46.88
C ASN D 126 1.61 -128.57 -46.79
N ILE D 127 1.45 -129.37 -45.74
CA ILE D 127 2.25 -130.59 -45.58
C ILE D 127 1.41 -131.87 -45.44
N ALA D 128 0.10 -131.76 -45.59
CA ALA D 128 -0.78 -132.92 -45.53
C ALA D 128 -0.97 -133.43 -46.95
N PRO D 129 -0.85 -134.76 -47.15
CA PRO D 129 -1.08 -135.28 -48.50
C PRO D 129 -2.53 -135.10 -48.92
N TYR D 130 -2.80 -135.23 -50.20
CA TYR D 130 -4.15 -135.24 -50.71
C TYR D 130 -4.76 -136.62 -50.42
N LYS D 131 -5.97 -136.62 -49.88
CA LYS D 131 -6.60 -137.85 -49.44
C LYS D 131 -7.91 -138.06 -50.19
N PHE D 132 -8.06 -139.24 -50.82
CA PHE D 132 -9.31 -139.59 -51.46
C PHE D 132 -9.62 -141.05 -51.25
N LYS D 133 -10.86 -141.44 -51.56
CA LYS D 133 -11.32 -142.81 -51.37
C LYS D 133 -11.18 -143.59 -52.67
N ALA D 134 -10.98 -144.90 -52.55
CA ALA D 134 -10.82 -145.75 -53.73
C ALA D 134 -11.19 -147.20 -53.40
N THR D 135 -11.51 -147.98 -54.43
CA THR D 135 -11.83 -149.39 -54.23
C THR D 135 -10.84 -150.27 -54.98
N MET D 136 -10.37 -151.32 -54.32
CA MET D 136 -9.44 -152.26 -54.96
C MET D 136 -10.18 -153.52 -55.34
N TYR D 137 -9.90 -154.03 -56.53
CA TYR D 137 -10.47 -155.29 -56.99
C TYR D 137 -9.35 -156.22 -57.41
N TYR D 138 -9.19 -157.32 -56.68
CA TYR D 138 -8.18 -158.30 -57.05
C TYR D 138 -8.56 -159.67 -56.55
N LYS D 139 -7.85 -160.69 -57.01
CA LYS D 139 -8.11 -162.06 -56.58
C LYS D 139 -6.84 -162.66 -56.00
N ASP D 140 -6.98 -163.20 -54.79
CA ASP D 140 -5.93 -163.98 -54.19
C ASP D 140 -5.89 -165.34 -54.86
N VAL D 141 -4.79 -165.64 -55.53
CA VAL D 141 -4.62 -166.93 -56.18
C VAL D 141 -3.61 -167.77 -55.41
N THR D 142 -3.96 -169.03 -55.13
CA THR D 142 -3.03 -169.93 -54.47
C THR D 142 -2.99 -171.26 -55.20
N VAL D 143 -1.78 -171.67 -55.58
CA VAL D 143 -1.54 -173.00 -56.10
C VAL D 143 -0.59 -173.69 -55.15
N SER D 144 -1.10 -174.70 -54.47
CA SER D 144 -0.30 -175.49 -53.55
C SER D 144 0.16 -176.78 -54.21
N GLN D 145 1.38 -177.20 -53.90
CA GLN D 145 1.88 -178.50 -54.27
C GLN D 145 1.97 -179.36 -53.01
N VAL D 146 1.25 -180.47 -52.99
CA VAL D 146 1.18 -181.31 -51.81
C VAL D 146 1.81 -182.68 -52.05
N ARG D 147 2.49 -183.19 -51.03
CA ARG D 147 3.04 -184.52 -51.08
C ARG D 147 2.51 -185.34 -49.90
N PHE D 148 2.13 -186.58 -50.17
CA PHE D 148 1.49 -187.42 -49.17
C PHE D 148 2.39 -188.54 -48.73
N GLY D 149 2.77 -188.52 -47.46
CA GLY D 149 3.53 -189.61 -46.89
C GLY D 149 2.61 -190.63 -46.26
N HIS D 150 3.21 -191.53 -45.49
CA HIS D 150 2.47 -192.59 -44.81
C HIS D 150 1.23 -192.05 -44.08
N ARG D 151 1.44 -191.53 -42.86
CA ARG D 151 0.33 -191.05 -42.06
C ARG D 151 0.29 -189.53 -41.99
N TYR D 152 1.08 -188.89 -42.85
CA TYR D 152 1.14 -187.45 -42.87
C TYR D 152 1.05 -186.85 -44.27
N SER D 153 0.97 -185.53 -44.30
CA SER D 153 0.92 -184.78 -45.54
C SER D 153 1.73 -183.48 -45.36
N GLN D 154 2.37 -182.99 -46.43
CA GLN D 154 3.26 -181.84 -46.31
C GLN D 154 3.28 -180.92 -47.52
N PHE D 155 3.34 -179.61 -47.27
CA PHE D 155 3.45 -178.64 -48.35
C PHE D 155 4.84 -178.60 -48.93
N MET D 156 4.92 -178.89 -50.22
CA MET D 156 6.16 -178.80 -50.97
C MET D 156 6.27 -177.40 -51.53
N GLY D 157 5.12 -176.79 -51.80
CA GLY D 157 5.06 -175.46 -52.35
C GLY D 157 3.71 -174.79 -52.14
N ILE D 158 3.75 -173.47 -51.99
CA ILE D 158 2.53 -172.67 -51.94
C ILE D 158 2.76 -171.41 -52.76
N PHE D 159 2.18 -171.39 -53.95
CA PHE D 159 2.33 -170.26 -54.84
C PHE D 159 1.19 -169.29 -54.60
N GLU D 160 1.55 -168.02 -54.41
CA GLU D 160 0.59 -166.99 -54.11
C GLU D 160 0.86 -165.81 -55.01
N ASP D 161 -0.20 -165.26 -55.57
CA ASP D 161 -0.09 -164.11 -56.44
C ASP D 161 -1.33 -163.26 -56.27
N ARG D 162 -1.27 -162.03 -56.76
CA ARG D 162 -2.46 -161.20 -56.82
C ARG D 162 -2.82 -160.98 -58.27
N ALA D 163 -4.07 -161.24 -58.56
CA ALA D 163 -4.61 -161.08 -59.89
C ALA D 163 -5.53 -159.88 -59.93
N PRO D 164 -5.35 -159.02 -60.93
CA PRO D 164 -6.31 -157.94 -61.17
C PRO D 164 -7.67 -158.51 -61.54
N VAL D 165 -8.74 -157.90 -61.04
CA VAL D 165 -10.07 -158.11 -61.62
C VAL D 165 -10.21 -157.33 -62.95
N PRO D 166 -10.70 -157.99 -64.01
CA PRO D 166 -10.84 -157.31 -65.31
C PRO D 166 -11.86 -156.19 -65.25
N PHE D 167 -11.62 -155.16 -66.07
CA PHE D 167 -12.57 -154.06 -66.22
C PHE D 167 -13.98 -154.56 -66.45
N GLU D 168 -14.18 -155.41 -67.47
CA GLU D 168 -15.53 -155.87 -67.79
C GLU D 168 -16.12 -156.59 -66.59
N GLU D 169 -15.27 -157.32 -65.87
CA GLU D 169 -15.75 -158.15 -64.77
C GLU D 169 -16.17 -157.32 -63.57
N VAL D 170 -15.52 -156.16 -63.39
CA VAL D 170 -15.95 -155.22 -62.36
C VAL D 170 -17.29 -154.63 -62.75
N ILE D 171 -17.35 -154.12 -63.96
CA ILE D 171 -18.58 -153.51 -64.48
C ILE D 171 -19.76 -154.49 -64.49
N ASP D 172 -19.56 -155.63 -65.16
CA ASP D 172 -20.64 -156.56 -65.40
C ASP D 172 -21.03 -157.37 -64.18
N LYS D 173 -20.05 -157.93 -63.51
CA LYS D 173 -20.34 -158.88 -62.44
C LYS D 173 -20.47 -158.24 -61.07
N ILE D 174 -19.47 -157.47 -60.70
CA ILE D 174 -19.39 -157.00 -59.33
C ILE D 174 -20.30 -155.81 -59.08
N ASN D 175 -20.20 -154.81 -59.94
CA ASN D 175 -20.99 -153.60 -59.75
C ASN D 175 -22.47 -153.88 -60.01
N ALA D 176 -22.72 -154.66 -61.06
CA ALA D 176 -24.09 -154.93 -61.48
C ALA D 176 -24.83 -155.85 -60.53
N LYS D 177 -24.19 -156.95 -60.14
CA LYS D 177 -24.91 -158.04 -59.47
C LYS D 177 -24.26 -158.52 -58.17
N GLY D 178 -23.04 -158.07 -57.91
CA GLY D 178 -22.37 -158.43 -56.69
C GLY D 178 -21.74 -159.82 -56.69
N VAL D 179 -21.33 -160.30 -57.86
CA VAL D 179 -20.62 -161.57 -57.96
C VAL D 179 -19.28 -161.40 -58.65
N CYS D 180 -18.44 -162.42 -58.53
CA CYS D 180 -17.13 -162.42 -59.14
C CYS D 180 -16.98 -163.84 -59.66
N ARG D 181 -16.16 -164.06 -60.67
CA ARG D 181 -15.95 -165.39 -61.23
C ARG D 181 -14.94 -166.21 -60.43
N SER D 182 -15.01 -167.53 -60.58
CA SER D 182 -14.16 -168.44 -59.82
C SER D 182 -12.87 -168.68 -60.57
N THR D 183 -12.72 -167.97 -61.69
CA THR D 183 -11.51 -168.05 -62.46
C THR D 183 -10.78 -166.72 -62.39
N ALA D 184 -9.49 -166.74 -62.70
CA ALA D 184 -8.72 -165.53 -62.87
C ALA D 184 -7.98 -165.62 -64.20
N LYS D 185 -7.95 -164.52 -64.95
CA LYS D 185 -7.18 -164.50 -66.18
C LYS D 185 -6.46 -163.15 -66.34
N TYR D 186 -5.14 -163.17 -66.31
CA TYR D 186 -4.38 -161.94 -66.28
C TYR D 186 -2.98 -162.21 -66.78
N VAL D 187 -2.26 -161.15 -67.13
CA VAL D 187 -0.88 -161.28 -67.57
C VAL D 187 0.10 -161.18 -66.40
N ARG D 188 0.97 -162.17 -66.30
CA ARG D 188 2.00 -162.21 -65.29
C ARG D 188 3.21 -162.81 -65.95
N ASN D 189 4.35 -162.14 -65.83
CA ASN D 189 5.59 -162.60 -66.44
C ASN D 189 5.47 -162.86 -67.94
N ASN D 190 4.67 -162.03 -68.61
CA ASN D 190 4.52 -162.05 -70.05
C ASN D 190 3.74 -163.27 -70.54
N LEU D 191 3.03 -163.91 -69.62
CA LEU D 191 2.13 -164.99 -69.97
C LEU D 191 0.71 -164.61 -69.58
N GLU D 192 -0.26 -165.04 -70.37
CA GLU D 192 -1.64 -164.93 -69.97
C GLU D 192 -2.01 -166.22 -69.22
N THR D 193 -2.24 -166.09 -67.92
CA THR D 193 -2.42 -167.24 -67.04
C THR D 193 -3.85 -167.34 -66.48
N THR D 194 -4.36 -168.55 -66.38
CA THR D 194 -5.72 -168.76 -65.86
C THR D 194 -5.69 -169.69 -64.66
N ALA D 195 -6.37 -169.29 -63.59
CA ALA D 195 -6.50 -170.14 -62.42
C ALA D 195 -7.98 -170.43 -62.19
N PHE D 196 -8.28 -171.69 -61.86
CA PHE D 196 -9.66 -172.11 -61.67
C PHE D 196 -9.82 -172.52 -60.23
N HIS D 197 -10.68 -171.83 -59.50
CA HIS D 197 -10.94 -172.21 -58.13
C HIS D 197 -11.26 -173.70 -58.06
N ARG D 198 -10.46 -174.43 -57.26
CA ARG D 198 -10.58 -175.89 -57.13
C ARG D 198 -10.28 -176.63 -58.42
N ASP D 199 -9.72 -175.94 -59.41
CA ASP D 199 -9.45 -176.53 -60.72
C ASP D 199 -10.70 -177.15 -61.33
N ASP D 200 -11.85 -176.59 -60.97
CA ASP D 200 -13.14 -177.04 -61.46
C ASP D 200 -13.63 -175.99 -62.44
N HIS D 201 -14.85 -176.16 -62.95
CA HIS D 201 -15.43 -175.22 -63.91
C HIS D 201 -15.84 -173.90 -63.28
N GLU D 202 -15.91 -172.86 -64.12
CA GLU D 202 -16.18 -171.49 -63.69
C GLU D 202 -17.64 -171.27 -63.27
N THR D 203 -17.83 -170.84 -62.03
CA THR D 203 -19.14 -170.37 -61.60
C THR D 203 -18.99 -168.93 -61.16
N ASP D 204 -20.10 -168.21 -61.08
CA ASP D 204 -20.08 -166.89 -60.51
C ASP D 204 -20.38 -167.04 -59.03
N MET D 205 -19.54 -166.44 -58.19
CA MET D 205 -19.69 -166.53 -56.75
C MET D 205 -20.02 -165.17 -56.17
N GLU D 206 -20.83 -165.16 -55.12
CA GLU D 206 -21.33 -163.94 -54.49
C GLU D 206 -20.36 -163.38 -53.45
N LEU D 207 -20.26 -162.05 -53.39
CA LEU D 207 -19.34 -161.38 -52.47
C LEU D 207 -19.98 -161.14 -51.10
N LYS D 208 -19.24 -161.45 -50.05
CA LYS D 208 -19.74 -161.27 -48.69
C LYS D 208 -18.71 -160.50 -47.85
N PRO D 209 -19.21 -159.69 -46.90
CA PRO D 209 -18.36 -158.86 -46.05
C PRO D 209 -17.19 -159.65 -45.51
N ALA D 210 -16.01 -159.03 -45.48
CA ALA D 210 -14.86 -159.65 -44.85
C ALA D 210 -15.19 -159.95 -43.40
N ASN D 211 -14.45 -160.87 -42.80
CA ASN D 211 -14.62 -161.15 -41.38
C ASN D 211 -14.34 -159.89 -40.56
N ALA D 212 -15.04 -159.77 -39.43
CA ALA D 212 -14.94 -158.58 -38.57
C ALA D 212 -13.51 -158.31 -38.14
N ALA D 213 -13.10 -157.04 -38.25
CA ALA D 213 -11.81 -156.59 -37.76
C ALA D 213 -11.88 -155.09 -37.45
N THR D 214 -11.36 -154.73 -36.29
CA THR D 214 -11.45 -153.36 -35.78
C THR D 214 -10.62 -152.37 -36.58
N ARG D 215 -11.08 -151.13 -36.59
CA ARG D 215 -10.37 -150.02 -37.20
C ARG D 215 -9.91 -150.29 -38.62
N THR D 216 -10.76 -150.93 -39.43
CA THR D 216 -10.47 -151.10 -40.85
C THR D 216 -11.67 -150.67 -41.71
N SER D 217 -11.39 -150.36 -42.98
CA SER D 217 -12.44 -150.03 -43.93
C SER D 217 -13.15 -151.31 -44.36
N ARG D 218 -14.11 -151.21 -45.27
CA ARG D 218 -14.94 -152.35 -45.65
C ARG D 218 -14.24 -153.32 -46.59
N GLY D 219 -14.51 -154.61 -46.41
CA GLY D 219 -14.03 -155.64 -47.30
C GLY D 219 -15.09 -156.66 -47.64
N TRP D 220 -14.91 -157.30 -48.80
CA TRP D 220 -15.76 -158.41 -49.24
C TRP D 220 -14.88 -159.43 -49.93
N HIS D 221 -15.25 -160.72 -49.82
CA HIS D 221 -14.55 -161.78 -50.53
C HIS D 221 -15.53 -162.88 -50.97
N THR D 222 -15.02 -163.93 -51.62
CA THR D 222 -15.86 -165.05 -52.04
C THR D 222 -15.54 -166.34 -51.27
N THR D 223 -14.29 -166.79 -51.35
CA THR D 223 -13.92 -168.09 -50.81
C THR D 223 -13.26 -167.98 -49.44
N ASP D 224 -13.63 -168.85 -48.51
CA ASP D 224 -13.02 -168.85 -47.17
C ASP D 224 -11.81 -169.76 -47.06
N LEU D 225 -11.89 -170.94 -47.68
CA LEU D 225 -10.85 -171.94 -47.56
C LEU D 225 -9.85 -171.92 -48.71
N LYS D 226 -8.69 -172.51 -48.47
CA LYS D 226 -7.74 -172.77 -49.54
C LYS D 226 -7.99 -174.20 -50.03
N TYR D 227 -8.08 -174.41 -51.35
CA TYR D 227 -8.25 -175.77 -51.87
C TYR D 227 -6.94 -176.55 -52.01
N ASN D 228 -6.87 -177.69 -51.33
CA ASN D 228 -5.75 -178.60 -51.49
C ASN D 228 -6.23 -179.96 -51.98
N PRO D 229 -5.42 -180.62 -52.81
CA PRO D 229 -5.82 -181.89 -53.44
C PRO D 229 -5.83 -183.02 -52.43
N SER D 230 -6.89 -183.81 -52.39
CA SER D 230 -6.94 -184.97 -51.52
C SER D 230 -5.93 -186.05 -51.94
N ARG D 231 -5.74 -187.03 -51.05
CA ARG D 231 -4.68 -188.03 -51.20
C ARG D 231 -4.98 -189.08 -52.27
N VAL D 232 -6.27 -189.32 -52.52
CA VAL D 232 -6.69 -190.24 -53.57
C VAL D 232 -6.57 -189.61 -54.95
N GLU D 233 -6.67 -188.28 -55.00
CA GLU D 233 -6.51 -187.54 -56.26
C GLU D 233 -5.09 -187.74 -56.78
N ALA D 234 -4.80 -188.94 -57.28
CA ALA D 234 -3.43 -189.33 -57.59
C ALA D 234 -2.85 -188.63 -58.83
N PHE D 235 -3.75 -188.10 -59.66
CA PHE D 235 -3.33 -187.43 -60.89
C PHE D 235 -3.28 -185.93 -60.68
N HIS D 236 -3.38 -185.51 -59.42
CA HIS D 236 -3.55 -184.10 -59.08
C HIS D 236 -2.86 -183.78 -57.75
N ARG D 237 -1.58 -183.41 -57.81
CA ARG D 237 -0.82 -182.99 -56.62
C ARG D 237 -0.69 -181.46 -56.53
N TYR D 238 -1.75 -180.75 -56.92
CA TYR D 238 -1.79 -179.29 -56.90
C TYR D 238 -3.21 -178.82 -56.63
N GLY D 239 -3.36 -177.66 -56.00
CA GLY D 239 -4.68 -177.15 -55.67
C GLY D 239 -4.85 -175.65 -55.82
N THR D 240 -5.68 -175.26 -56.79
CA THR D 240 -5.93 -173.85 -57.01
C THR D 240 -7.06 -173.34 -56.13
N THR D 241 -6.76 -172.27 -55.37
CA THR D 241 -7.79 -171.51 -54.69
C THR D 241 -7.92 -170.18 -55.41
N VAL D 242 -9.13 -169.64 -55.48
CA VAL D 242 -9.31 -168.31 -55.99
C VAL D 242 -10.26 -167.59 -55.06
N ASN D 243 -9.73 -166.55 -54.41
CA ASN D 243 -10.54 -165.69 -53.57
C ASN D 243 -10.56 -164.30 -54.17
N CYS D 244 -11.73 -163.91 -54.68
CA CYS D 244 -11.90 -162.58 -55.24
C CYS D 244 -12.15 -161.59 -54.10
N ILE D 245 -11.45 -160.46 -54.17
CA ILE D 245 -11.41 -159.50 -53.07
C ILE D 245 -11.70 -158.06 -53.50
N VAL D 246 -12.66 -157.44 -52.82
CA VAL D 246 -12.92 -156.01 -52.98
C VAL D 246 -12.71 -155.30 -51.67
N GLU D 247 -11.79 -154.33 -51.65
CA GLU D 247 -11.55 -153.50 -50.47
C GLU D 247 -11.79 -152.03 -50.78
N GLU D 248 -12.55 -151.36 -49.93
CA GLU D 248 -12.59 -149.89 -49.96
C GLU D 248 -11.39 -149.40 -49.18
N VAL D 249 -10.49 -148.68 -49.86
CA VAL D 249 -9.22 -148.29 -49.25
C VAL D 249 -9.06 -146.78 -49.20
N ASP D 250 -8.33 -146.29 -48.21
CA ASP D 250 -7.93 -144.88 -48.22
C ASP D 250 -6.74 -144.75 -49.17
N ALA D 251 -6.70 -143.65 -49.95
CA ALA D 251 -5.59 -143.39 -50.86
C ALA D 251 -4.95 -142.03 -50.58
N ARG D 252 -3.64 -141.94 -50.75
CA ARG D 252 -2.91 -140.74 -50.38
C ARG D 252 -1.96 -140.32 -51.49
N SER D 253 -1.87 -139.03 -51.73
CA SER D 253 -1.00 -138.52 -52.78
C SER D 253 -0.25 -137.30 -52.27
N VAL D 254 0.96 -137.08 -52.78
CA VAL D 254 1.71 -135.88 -52.43
C VAL D 254 2.09 -135.10 -53.68
N TYR D 255 2.21 -133.80 -53.51
CA TYR D 255 2.75 -132.91 -54.52
C TYR D 255 3.98 -133.55 -55.15
N PRO D 256 4.12 -133.45 -56.49
CA PRO D 256 3.23 -132.77 -57.43
C PRO D 256 2.11 -133.68 -57.94
N TYR D 257 1.69 -134.65 -57.13
CA TYR D 257 0.51 -135.47 -57.41
C TYR D 257 0.56 -136.19 -58.74
N ASP D 258 1.69 -136.84 -59.01
CA ASP D 258 1.87 -137.59 -60.25
C ASP D 258 1.72 -139.10 -60.03
N GLU D 259 1.48 -139.47 -58.78
CA GLU D 259 1.27 -140.86 -58.41
C GLU D 259 0.57 -140.93 -57.08
N PHE D 260 0.01 -142.09 -56.72
CA PHE D 260 -0.57 -142.26 -55.38
C PHE D 260 -0.34 -143.62 -54.75
N VAL D 261 -0.86 -143.80 -53.54
CA VAL D 261 -0.69 -145.05 -52.80
C VAL D 261 -1.99 -145.39 -52.10
N LEU D 262 -2.12 -146.66 -51.72
CA LEU D 262 -3.33 -147.16 -51.09
C LEU D 262 -3.02 -147.61 -49.67
N ALA D 263 -4.05 -147.85 -48.87
CA ALA D 263 -3.85 -148.25 -47.48
C ALA D 263 -3.09 -149.56 -47.38
N THR D 264 -3.09 -150.33 -48.47
CA THR D 264 -2.46 -151.64 -48.48
C THR D 264 -0.94 -151.58 -48.60
N GLY D 265 -0.43 -150.40 -48.93
CA GLY D 265 0.99 -150.20 -49.12
C GLY D 265 1.34 -150.15 -50.58
N ASP D 266 0.32 -150.27 -51.42
CA ASP D 266 0.53 -150.39 -52.85
C ASP D 266 0.60 -149.03 -53.53
N PHE D 267 1.68 -148.83 -54.28
CA PHE D 267 1.85 -147.63 -55.11
C PHE D 267 1.09 -147.74 -56.43
N VAL D 268 0.38 -146.68 -56.78
CA VAL D 268 -0.15 -146.52 -58.13
C VAL D 268 0.56 -145.35 -58.83
N TYR D 269 1.21 -145.63 -59.94
CA TYR D 269 2.03 -144.61 -60.58
C TYR D 269 1.25 -143.82 -61.61
N MET D 270 0.16 -143.23 -61.14
CA MET D 270 -0.68 -142.39 -61.97
C MET D 270 -1.22 -141.30 -61.07
N SER D 271 -1.28 -140.08 -61.61
CA SER D 271 -1.89 -138.98 -60.92
C SER D 271 -3.31 -139.33 -60.53
N PRO D 272 -3.75 -138.89 -59.34
CA PRO D 272 -5.15 -139.11 -58.96
C PRO D 272 -6.10 -138.32 -59.85
N PHE D 273 -5.53 -137.36 -60.61
CA PHE D 273 -6.33 -136.41 -61.38
C PHE D 273 -6.35 -136.76 -62.87
N TYR D 274 -5.64 -137.83 -63.21
CA TYR D 274 -5.63 -138.35 -64.56
C TYR D 274 -7.02 -138.73 -65.05
N GLY D 275 -7.20 -138.74 -66.37
CA GLY D 275 -8.50 -138.97 -66.96
C GLY D 275 -8.54 -138.31 -68.32
N TYR D 276 -9.76 -138.11 -68.84
CA TYR D 276 -9.93 -137.64 -70.20
C TYR D 276 -10.53 -136.24 -70.25
N ARG D 277 -11.40 -135.95 -69.29
CA ARG D 277 -12.11 -134.68 -69.26
C ARG D 277 -11.14 -133.52 -69.13
N GLU D 278 -11.52 -132.37 -69.68
CA GLU D 278 -10.68 -131.19 -69.63
C GLU D 278 -9.26 -131.51 -70.05
N GLY D 279 -8.28 -131.06 -69.27
CA GLY D 279 -6.89 -131.32 -69.61
C GLY D 279 -6.20 -132.40 -68.80
N SER D 280 -6.98 -133.18 -68.05
CA SER D 280 -6.41 -134.19 -67.15
C SER D 280 -5.67 -135.33 -67.85
N HIS D 281 -5.63 -135.30 -69.17
CA HIS D 281 -4.95 -136.35 -69.92
C HIS D 281 -3.45 -136.02 -70.02
N THR D 282 -3.12 -134.77 -69.70
CA THR D 282 -1.73 -134.37 -69.60
C THR D 282 -1.19 -134.69 -68.22
N GLU D 283 -2.04 -135.30 -67.39
CA GLU D 283 -1.63 -135.71 -66.06
C GLU D 283 -0.82 -136.98 -66.17
N HIS D 284 0.06 -137.21 -65.20
CA HIS D 284 1.02 -138.30 -65.31
C HIS D 284 0.43 -139.71 -65.23
N THR D 285 0.89 -140.57 -66.13
CA THR D 285 0.62 -141.99 -66.05
C THR D 285 1.84 -142.74 -66.55
N SER D 286 2.19 -143.82 -65.85
CA SER D 286 3.32 -144.64 -66.25
C SER D 286 2.84 -145.92 -66.94
N TYR D 287 1.58 -145.92 -67.37
CA TYR D 287 0.93 -147.15 -67.78
C TYR D 287 0.50 -147.16 -69.24
N ALA D 288 0.57 -148.33 -69.88
CA ALA D 288 0.02 -148.54 -71.20
C ALA D 288 -1.43 -148.06 -71.22
N ALA D 289 -1.85 -147.51 -72.35
CA ALA D 289 -3.19 -146.95 -72.46
C ALA D 289 -4.32 -147.95 -72.16
N ASP D 290 -4.11 -149.23 -72.46
CA ASP D 290 -5.14 -150.24 -72.26
C ASP D 290 -5.37 -150.60 -70.80
N ARG D 291 -4.52 -150.08 -69.91
CA ARG D 291 -4.68 -150.28 -68.47
C ARG D 291 -5.60 -149.25 -67.82
N PHE D 292 -6.00 -148.21 -68.57
CA PHE D 292 -6.88 -147.17 -68.03
C PHE D 292 -8.25 -147.05 -68.72
N LYS D 293 -9.31 -146.97 -67.92
CA LYS D 293 -10.65 -146.77 -68.46
C LYS D 293 -11.43 -145.76 -67.63
N GLN D 294 -12.32 -145.00 -68.28
CA GLN D 294 -13.08 -143.98 -67.58
C GLN D 294 -14.57 -144.02 -67.95
N VAL D 295 -15.41 -144.38 -66.98
CA VAL D 295 -16.84 -144.46 -67.21
C VAL D 295 -17.56 -143.22 -66.72
N ASP D 296 -18.20 -142.53 -67.64
CA ASP D 296 -18.98 -141.37 -67.25
C ASP D 296 -20.38 -141.80 -66.81
N GLY D 297 -20.98 -141.02 -65.93
CA GLY D 297 -22.32 -141.32 -65.45
C GLY D 297 -22.41 -142.71 -64.85
N PHE D 298 -21.31 -143.15 -64.25
CA PHE D 298 -21.22 -144.46 -63.61
C PHE D 298 -21.99 -144.51 -62.29
N TYR D 299 -22.76 -145.57 -62.09
CA TYR D 299 -23.59 -145.72 -60.89
C TYR D 299 -23.15 -146.90 -60.04
N ALA D 300 -22.51 -146.60 -58.92
CA ALA D 300 -22.03 -147.66 -58.05
C ALA D 300 -23.17 -148.31 -57.28
N ARG D 301 -23.14 -149.63 -57.22
CA ARG D 301 -24.08 -150.35 -56.39
C ARG D 301 -23.33 -150.75 -55.13
N ASP D 302 -23.93 -150.50 -53.98
CA ASP D 302 -23.31 -150.86 -52.71
C ASP D 302 -23.31 -152.36 -52.48
N LEU D 303 -22.13 -152.92 -52.21
CA LEU D 303 -22.00 -154.36 -52.06
C LEU D 303 -22.70 -154.94 -50.82
N THR D 304 -23.01 -154.09 -49.84
CA THR D 304 -23.74 -154.57 -48.67
C THR D 304 -25.24 -154.23 -48.75
N THR D 305 -25.57 -152.96 -48.98
CA THR D 305 -26.98 -152.54 -49.03
C THR D 305 -27.65 -152.89 -50.36
N LYS D 306 -26.84 -153.05 -51.42
CA LYS D 306 -27.35 -153.37 -52.75
C LYS D 306 -27.93 -152.12 -53.40
N ALA D 307 -27.97 -151.04 -52.64
CA ALA D 307 -28.45 -149.76 -53.12
C ALA D 307 -27.61 -149.28 -54.29
N ARG D 308 -28.27 -148.65 -55.26
CA ARG D 308 -27.57 -148.02 -56.37
C ARG D 308 -27.39 -146.55 -56.02
N ALA D 309 -26.36 -145.93 -56.59
CA ALA D 309 -26.07 -144.54 -56.25
C ALA D 309 -27.19 -143.62 -56.73
N THR D 310 -27.34 -142.49 -56.05
CA THR D 310 -28.36 -141.50 -56.38
C THR D 310 -27.88 -140.59 -57.51
N ALA D 311 -26.60 -140.25 -57.46
CA ALA D 311 -25.96 -139.50 -58.52
C ALA D 311 -24.90 -140.34 -59.23
N PRO D 312 -24.58 -139.97 -60.48
CA PRO D 312 -23.48 -140.61 -61.20
C PRO D 312 -22.15 -139.92 -60.89
N THR D 313 -21.06 -140.60 -61.18
CA THR D 313 -19.75 -140.00 -61.01
C THR D 313 -18.95 -140.31 -62.25
N THR D 314 -17.81 -139.64 -62.40
CA THR D 314 -16.85 -140.05 -63.39
C THR D 314 -15.95 -141.08 -62.73
N ARG D 315 -16.08 -142.34 -63.18
CA ARG D 315 -15.38 -143.44 -62.56
C ARG D 315 -14.10 -143.76 -63.35
N ASN D 316 -12.96 -143.65 -62.67
CA ASN D 316 -11.66 -144.05 -63.20
C ASN D 316 -11.37 -145.47 -62.75
N LEU D 317 -10.88 -146.31 -63.67
CA LEU D 317 -10.49 -147.67 -63.32
C LEU D 317 -9.16 -148.06 -63.94
N LEU D 318 -8.19 -148.34 -63.07
CA LEU D 318 -6.84 -148.66 -63.49
C LEU D 318 -6.48 -150.07 -63.05
N THR D 319 -6.09 -150.89 -64.03
CA THR D 319 -5.67 -152.25 -63.79
C THR D 319 -4.16 -152.31 -63.78
N THR D 320 -3.59 -152.48 -62.59
CA THR D 320 -2.16 -152.72 -62.48
C THR D 320 -1.92 -154.21 -62.69
N PRO D 321 -0.66 -154.66 -62.65
CA PRO D 321 -0.45 -156.10 -62.80
C PRO D 321 -0.92 -156.90 -61.57
N LYS D 322 -1.17 -156.24 -60.46
CA LYS D 322 -1.53 -156.93 -59.22
C LYS D 322 -2.96 -156.61 -58.75
N PHE D 323 -3.59 -155.61 -59.32
CA PHE D 323 -4.94 -155.24 -58.89
C PHE D 323 -5.54 -154.16 -59.76
N THR D 324 -6.84 -154.05 -59.69
CA THR D 324 -7.57 -152.96 -60.32
C THR D 324 -7.99 -151.96 -59.26
N VAL D 325 -7.79 -150.68 -59.54
CA VAL D 325 -8.12 -149.62 -58.60
C VAL D 325 -9.09 -148.61 -59.24
N ALA D 326 -10.27 -148.46 -58.65
CA ALA D 326 -11.28 -147.53 -59.16
C ALA D 326 -11.47 -146.33 -58.24
N TRP D 327 -11.81 -145.18 -58.82
CA TRP D 327 -12.10 -144.02 -58.00
C TRP D 327 -12.91 -142.94 -58.75
N ASP D 328 -13.64 -142.10 -58.01
CA ASP D 328 -14.37 -141.01 -58.66
C ASP D 328 -13.39 -139.92 -59.07
N TRP D 329 -13.42 -139.52 -60.33
CA TRP D 329 -12.56 -138.44 -60.81
C TRP D 329 -13.08 -137.06 -60.40
N VAL D 330 -12.17 -136.25 -59.85
CA VAL D 330 -12.41 -134.82 -59.60
C VAL D 330 -11.13 -134.06 -59.99
N PRO D 331 -11.29 -132.91 -60.66
CA PRO D 331 -10.17 -132.13 -61.22
C PRO D 331 -9.15 -131.65 -60.20
N LYS D 332 -7.91 -131.57 -60.65
CA LYS D 332 -6.79 -131.16 -59.81
C LYS D 332 -6.95 -129.82 -59.08
N ARG D 333 -7.11 -128.73 -59.83
CA ARG D 333 -6.96 -127.40 -59.24
C ARG D 333 -7.88 -127.09 -58.06
N PRO D 334 -9.14 -127.50 -58.15
CA PRO D 334 -10.12 -127.31 -57.06
C PRO D 334 -9.90 -128.27 -55.89
N SER D 335 -8.93 -129.16 -56.01
CA SER D 335 -8.79 -130.27 -55.09
C SER D 335 -7.51 -130.20 -54.28
N VAL D 336 -6.51 -129.50 -54.80
CA VAL D 336 -5.25 -129.40 -54.10
C VAL D 336 -4.74 -127.95 -53.95
N CYS D 337 -4.19 -127.64 -52.78
CA CYS D 337 -3.55 -126.36 -52.54
C CYS D 337 -2.23 -126.59 -51.85
N THR D 338 -1.21 -125.89 -52.30
CA THR D 338 0.11 -125.97 -51.70
C THR D 338 0.14 -125.23 -50.38
N MET D 339 -0.90 -124.45 -50.11
CA MET D 339 -1.01 -123.74 -48.85
C MET D 339 -2.20 -124.22 -48.06
N THR D 340 -2.15 -124.01 -46.74
CA THR D 340 -3.18 -124.43 -45.82
C THR D 340 -3.54 -123.23 -44.96
N LYS D 341 -4.82 -123.03 -44.67
CA LYS D 341 -5.20 -121.93 -43.79
C LYS D 341 -4.87 -122.31 -42.36
N TRP D 342 -4.26 -121.38 -41.62
CA TRP D 342 -3.76 -121.68 -40.28
C TRP D 342 -4.48 -120.91 -39.16
N GLN D 343 -4.70 -119.62 -39.37
CA GLN D 343 -5.37 -118.79 -38.37
C GLN D 343 -6.19 -117.72 -39.05
N GLU D 344 -7.39 -117.47 -38.53
CA GLU D 344 -8.17 -116.29 -38.87
C GLU D 344 -8.07 -115.27 -37.74
N VAL D 345 -7.84 -114.01 -38.10
CA VAL D 345 -7.63 -112.95 -37.11
C VAL D 345 -8.59 -111.79 -37.34
N ASP D 346 -9.54 -111.61 -36.43
CA ASP D 346 -10.57 -110.57 -36.54
C ASP D 346 -9.90 -109.23 -36.68
N GLU D 347 -8.84 -109.03 -35.91
CA GLU D 347 -8.23 -107.71 -35.79
C GLU D 347 -6.73 -107.83 -35.93
N MET D 348 -6.23 -107.53 -37.11
CA MET D 348 -4.81 -107.58 -37.35
C MET D 348 -4.33 -106.18 -37.67
N LEU D 349 -3.65 -105.56 -36.72
CA LEU D 349 -3.20 -104.19 -36.91
C LEU D 349 -1.98 -104.12 -37.80
N ARG D 350 -1.94 -103.09 -38.64
CA ARG D 350 -0.84 -102.94 -39.59
C ARG D 350 -0.25 -101.55 -39.43
N SER D 351 1.08 -101.47 -39.48
CA SER D 351 1.76 -100.19 -39.25
C SER D 351 3.09 -100.10 -39.99
N GLU D 352 3.14 -99.26 -41.01
CA GLU D 352 4.32 -99.12 -41.83
C GLU D 352 5.52 -98.76 -40.97
N TYR D 353 6.71 -99.23 -41.34
CA TYR D 353 7.89 -98.92 -40.56
C TYR D 353 9.20 -99.36 -41.25
N GLY D 354 9.95 -98.39 -41.74
CA GLY D 354 11.30 -98.63 -42.25
C GLY D 354 11.45 -99.71 -43.31
N GLY D 355 10.61 -99.67 -44.34
CA GLY D 355 10.76 -100.58 -45.48
C GLY D 355 9.94 -101.84 -45.35
N SER D 356 9.38 -102.05 -44.17
CA SER D 356 8.58 -103.23 -43.90
C SER D 356 7.29 -102.85 -43.21
N PHE D 357 6.24 -103.61 -43.46
CA PHE D 357 5.05 -103.52 -42.64
C PHE D 357 5.29 -104.41 -41.43
N ARG D 358 4.40 -104.31 -40.46
CA ARG D 358 4.39 -105.24 -39.34
C ARG D 358 2.93 -105.53 -39.03
N PHE D 359 2.60 -106.79 -38.89
CA PHE D 359 1.23 -107.17 -38.60
C PHE D 359 1.22 -107.82 -37.24
N SER D 360 0.29 -107.42 -36.40
CA SER D 360 0.22 -108.06 -35.11
C SER D 360 -1.18 -108.36 -34.64
N SER D 361 -1.34 -109.48 -33.97
CA SER D 361 -2.62 -109.83 -33.37
C SER D 361 -2.40 -109.99 -31.89
N ASP D 362 -3.24 -109.35 -31.11
CA ASP D 362 -3.12 -109.48 -29.68
C ASP D 362 -3.85 -110.74 -29.31
N ALA D 363 -4.71 -111.20 -30.24
CA ALA D 363 -5.46 -112.42 -30.04
C ALA D 363 -4.50 -113.58 -29.99
N ILE D 364 -3.50 -113.57 -30.88
CA ILE D 364 -2.55 -114.67 -30.94
C ILE D 364 -1.16 -114.31 -30.42
N SER D 365 -0.95 -113.03 -30.12
CA SER D 365 0.30 -112.57 -29.55
C SER D 365 1.45 -112.85 -30.51
N THR D 366 1.17 -112.67 -31.80
CA THR D 366 2.17 -112.84 -32.85
C THR D 366 2.28 -111.57 -33.71
N THR D 367 3.51 -111.21 -34.10
CA THR D 367 3.75 -110.05 -34.97
C THR D 367 4.63 -110.42 -36.18
N PHE D 368 4.09 -110.25 -37.38
CA PHE D 368 4.79 -110.70 -38.59
C PHE D 368 5.34 -109.51 -39.33
N THR D 369 6.29 -109.76 -40.22
CA THR D 369 6.99 -108.70 -40.92
C THR D 369 7.18 -108.96 -42.41
N THR D 370 6.66 -108.07 -43.24
CA THR D 370 6.68 -108.26 -44.70
C THR D 370 7.26 -107.03 -45.40
N ASN D 371 7.29 -107.06 -46.72
CA ASN D 371 7.71 -105.90 -47.49
C ASN D 371 6.55 -104.95 -47.72
N LEU D 372 6.83 -103.77 -48.24
CA LEU D 372 5.80 -102.76 -48.43
C LEU D 372 4.94 -103.04 -49.66
N THR D 373 5.32 -104.08 -50.40
CA THR D 373 4.64 -104.40 -51.64
C THR D 373 3.97 -105.74 -51.52
N GLU D 374 2.82 -105.87 -52.18
CA GLU D 374 2.05 -107.11 -52.12
C GLU D 374 2.78 -108.27 -52.79
N TYR D 375 2.43 -109.47 -52.36
CA TYR D 375 2.93 -110.70 -52.98
C TYR D 375 1.86 -111.27 -53.90
N PRO D 376 2.18 -111.38 -55.21
CA PRO D 376 1.30 -111.84 -56.29
C PRO D 376 0.83 -113.28 -56.10
N LEU D 377 -0.45 -113.44 -55.79
CA LEU D 377 -1.01 -114.75 -55.51
C LEU D 377 -0.88 -115.68 -56.72
N SER D 378 -0.63 -115.08 -57.88
CA SER D 378 -0.51 -115.82 -59.12
C SER D 378 0.78 -116.64 -59.08
N ARG D 379 1.82 -116.08 -58.48
CA ARG D 379 3.10 -116.77 -58.42
C ARG D 379 3.01 -118.09 -57.62
N VAL D 380 1.84 -118.38 -57.06
CA VAL D 380 1.67 -119.62 -56.32
C VAL D 380 1.30 -120.80 -57.22
N ASP D 381 2.09 -121.85 -57.12
CA ASP D 381 1.80 -123.11 -57.79
C ASP D 381 0.64 -123.79 -57.06
N LEU D 382 -0.43 -124.09 -57.79
CA LEU D 382 -1.60 -124.72 -57.18
C LEU D 382 -2.05 -124.01 -55.91
N GLY D 383 -2.29 -122.71 -56.01
CA GLY D 383 -2.74 -121.96 -54.85
C GLY D 383 -4.08 -121.30 -55.06
N ASP D 384 -5.08 -122.08 -55.46
CA ASP D 384 -6.39 -121.51 -55.71
C ASP D 384 -7.30 -121.63 -54.51
N CYS D 385 -6.84 -122.33 -53.47
CA CYS D 385 -7.56 -122.37 -52.21
C CYS D 385 -7.42 -121.06 -51.42
N ILE D 386 -6.39 -120.30 -51.74
CA ILE D 386 -6.05 -119.11 -50.97
C ILE D 386 -7.10 -118.01 -51.08
N GLY D 387 -7.34 -117.54 -52.29
CA GLY D 387 -8.30 -116.47 -52.49
C GLY D 387 -9.66 -116.90 -52.01
N LYS D 388 -9.99 -118.16 -52.25
CA LYS D 388 -11.27 -118.73 -51.88
C LYS D 388 -11.52 -118.68 -50.37
N ASP D 389 -10.59 -119.21 -49.59
CA ASP D 389 -10.76 -119.30 -48.14
C ASP D 389 -10.65 -117.96 -47.45
N ALA D 390 -9.78 -117.09 -47.97
CA ALA D 390 -9.67 -115.72 -47.44
C ALA D 390 -11.04 -115.05 -47.35
N ARG D 391 -11.63 -114.77 -48.50
CA ARG D 391 -12.89 -114.05 -48.56
C ARG D 391 -13.95 -114.71 -47.68
N ASP D 392 -14.11 -116.03 -47.78
CA ASP D 392 -15.12 -116.68 -46.96
C ASP D 392 -14.97 -116.26 -45.50
N ALA D 393 -13.77 -116.40 -44.96
CA ALA D 393 -13.51 -116.00 -43.59
C ALA D 393 -13.74 -114.51 -43.37
N MET D 394 -13.05 -113.70 -44.17
CA MET D 394 -13.18 -112.25 -44.11
C MET D 394 -14.62 -111.77 -44.18
N ASP D 395 -15.31 -112.16 -45.24
CA ASP D 395 -16.70 -111.85 -45.39
C ASP D 395 -17.46 -112.34 -44.16
N ARG D 396 -17.10 -113.51 -43.67
CA ARG D 396 -17.73 -114.04 -42.48
C ARG D 396 -17.42 -113.17 -41.26
N ILE D 397 -16.21 -112.62 -41.22
CA ILE D 397 -15.75 -111.85 -40.07
C ILE D 397 -16.23 -110.41 -40.16
N PHE D 398 -15.98 -109.76 -41.30
CA PHE D 398 -16.41 -108.39 -41.50
C PHE D 398 -17.89 -108.26 -41.25
N ALA D 399 -18.67 -109.13 -41.87
CA ALA D 399 -20.09 -109.18 -41.66
C ALA D 399 -20.38 -109.18 -40.16
N ARG D 400 -20.03 -110.29 -39.52
CA ARG D 400 -20.30 -110.47 -38.10
C ARG D 400 -19.85 -109.30 -37.21
N ARG D 401 -18.76 -108.65 -37.56
CA ARG D 401 -18.08 -107.80 -36.59
C ARG D 401 -17.85 -106.34 -36.99
N TYR D 402 -17.83 -106.05 -38.29
CA TYR D 402 -17.41 -104.72 -38.71
C TYR D 402 -18.40 -103.93 -39.56
N ASN D 403 -19.44 -104.58 -40.07
CA ASN D 403 -20.26 -103.98 -41.13
C ASN D 403 -20.94 -102.65 -40.78
N ALA D 404 -21.23 -102.45 -39.49
CA ALA D 404 -21.90 -101.24 -39.02
C ALA D 404 -20.91 -100.11 -38.70
N THR D 405 -19.85 -100.47 -37.98
CA THR D 405 -18.90 -99.54 -37.41
C THR D 405 -17.83 -99.21 -38.41
N HIS D 406 -17.61 -100.12 -39.36
CA HIS D 406 -16.57 -99.96 -40.35
C HIS D 406 -17.06 -100.41 -41.70
N ILE D 407 -16.23 -100.16 -42.71
CA ILE D 407 -16.40 -100.75 -44.02
C ILE D 407 -15.04 -101.20 -44.53
N LYS D 408 -15.03 -101.92 -45.65
CA LYS D 408 -13.79 -102.38 -46.25
C LYS D 408 -13.12 -101.25 -47.00
N VAL D 409 -11.81 -101.35 -47.19
CA VAL D 409 -11.11 -100.40 -48.01
C VAL D 409 -10.24 -101.17 -49.01
N GLY D 410 -10.77 -101.32 -50.22
CA GLY D 410 -10.08 -102.05 -51.26
C GLY D 410 -10.39 -103.53 -51.23
N GLN D 411 -9.73 -104.28 -52.11
CA GLN D 411 -9.87 -105.72 -52.13
C GLN D 411 -8.80 -106.34 -51.24
N PRO D 412 -8.94 -107.63 -50.94
CA PRO D 412 -7.93 -108.32 -50.13
C PRO D 412 -6.55 -108.17 -50.74
N GLN D 413 -5.53 -108.08 -49.89
CA GLN D 413 -4.15 -108.02 -50.34
C GLN D 413 -3.43 -109.21 -49.77
N TYR D 414 -2.25 -109.49 -50.32
CA TYR D 414 -1.48 -110.64 -49.89
C TYR D 414 -0.03 -110.23 -49.73
N TYR D 415 0.56 -110.62 -48.61
CA TYR D 415 1.94 -110.25 -48.31
C TYR D 415 2.70 -111.46 -47.80
N LEU D 416 3.97 -111.55 -48.16
CA LEU D 416 4.81 -112.63 -47.68
C LEU D 416 5.63 -112.21 -46.45
N ALA D 417 5.29 -112.80 -45.31
CA ALA D 417 6.01 -112.57 -44.08
C ALA D 417 7.23 -113.45 -43.96
N ASN D 418 8.23 -112.98 -43.23
CA ASN D 418 9.37 -113.80 -42.90
C ASN D 418 8.95 -114.97 -42.02
N GLY D 419 9.44 -116.16 -42.39
CA GLY D 419 9.05 -117.39 -41.73
C GLY D 419 8.25 -118.22 -42.70
N GLY D 420 7.91 -117.61 -43.84
CA GLY D 420 7.19 -118.30 -44.88
C GLY D 420 5.70 -118.25 -44.65
N PHE D 421 5.24 -117.18 -44.01
CA PHE D 421 3.80 -117.06 -43.78
C PHE D 421 3.19 -116.17 -44.84
N LEU D 422 1.94 -116.46 -45.17
CA LEU D 422 1.24 -115.69 -46.17
C LEU D 422 -0.01 -115.10 -45.58
N ILE D 423 -0.07 -113.78 -45.65
CA ILE D 423 -1.10 -113.05 -44.97
C ILE D 423 -2.09 -112.45 -45.95
N ALA D 424 -3.32 -112.94 -45.89
CA ALA D 424 -4.43 -112.27 -46.53
C ALA D 424 -4.95 -111.21 -45.56
N TYR D 425 -5.09 -109.97 -46.02
CA TYR D 425 -5.48 -108.87 -45.15
C TYR D 425 -6.57 -108.02 -45.79
N GLN D 426 -7.63 -107.77 -45.05
CA GLN D 426 -8.68 -106.87 -45.52
C GLN D 426 -8.65 -105.57 -44.72
N PRO D 427 -8.08 -104.49 -45.29
CA PRO D 427 -8.13 -103.18 -44.64
C PRO D 427 -9.56 -102.78 -44.31
N LEU D 428 -9.75 -102.31 -43.07
CA LEU D 428 -11.04 -101.83 -42.64
C LEU D 428 -10.97 -100.32 -42.48
N LEU D 429 -12.05 -99.73 -41.97
CA LEU D 429 -12.11 -98.29 -41.67
C LEU D 429 -13.41 -97.91 -40.98
N SER D 430 -13.29 -97.25 -39.82
CA SER D 430 -14.47 -96.76 -39.12
C SER D 430 -15.03 -95.61 -39.93
N ASN D 431 -16.36 -95.59 -40.08
CA ASN D 431 -17.03 -94.49 -40.75
C ASN D 431 -16.48 -93.18 -40.21
N THR D 432 -16.13 -93.21 -38.92
CA THR D 432 -15.53 -92.08 -38.22
C THR D 432 -14.50 -91.32 -39.05
N LEU D 433 -13.58 -92.05 -39.68
CA LEU D 433 -12.48 -91.44 -40.42
C LEU D 433 -12.70 -91.50 -41.92
N ALA D 434 -13.96 -91.63 -42.32
CA ALA D 434 -14.32 -91.71 -43.74
C ALA D 434 -13.63 -90.65 -44.59
N GLU D 435 -13.24 -89.55 -43.97
CA GLU D 435 -12.64 -88.42 -44.70
C GLU D 435 -11.32 -88.80 -45.36
N LEU D 436 -10.66 -89.79 -44.79
CA LEU D 436 -9.40 -90.28 -45.35
C LEU D 436 -9.67 -91.35 -46.39
N TYR D 437 -10.91 -91.84 -46.41
CA TYR D 437 -11.31 -92.90 -47.33
C TYR D 437 -10.64 -92.71 -48.68
N VAL D 438 -10.98 -91.63 -49.36
CA VAL D 438 -10.44 -91.39 -50.69
C VAL D 438 -8.91 -91.41 -50.67
N ARG D 439 -8.32 -90.82 -49.63
CA ARG D 439 -6.87 -90.84 -49.46
C ARG D 439 -6.40 -92.28 -49.26
N GLU D 440 -7.22 -93.06 -48.60
CA GLU D 440 -6.88 -94.41 -48.22
C GLU D 440 -7.12 -95.39 -49.35
N HIS D 441 -8.29 -95.26 -49.98
CA HIS D 441 -8.70 -96.19 -51.02
C HIS D 441 -7.69 -96.23 -52.16
N LEU D 442 -6.79 -95.26 -52.19
CA LEU D 442 -5.76 -95.20 -53.21
C LEU D 442 -4.41 -95.54 -52.61
N ARG D 443 -4.22 -95.22 -51.33
CA ARG D 443 -2.95 -95.44 -50.65
C ARG D 443 -2.52 -96.90 -50.70
N GLU D 444 -3.47 -97.79 -50.42
CA GLU D 444 -3.20 -99.22 -50.45
C GLU D 444 -2.94 -99.74 -51.85
N GLN D 445 -3.70 -99.22 -52.82
CA GLN D 445 -3.55 -99.68 -54.19
C GLN D 445 -2.16 -99.40 -54.77
N SER D 446 -1.26 -98.86 -53.95
CA SER D 446 0.14 -98.68 -54.35
C SER D 446 0.94 -99.95 -54.06
N ARG D 447 0.36 -100.85 -53.27
CA ARG D 447 1.00 -102.10 -52.91
C ARG D 447 0.88 -103.17 -53.99
N LYS D 448 -0.28 -103.20 -54.64
CA LYS D 448 -0.62 -104.24 -55.61
C LYS D 448 0.59 -104.79 -56.39
N PRO D 449 0.65 -106.12 -56.52
CA PRO D 449 1.77 -106.84 -57.14
C PRO D 449 2.05 -106.38 -58.58
N PRO D 450 3.26 -105.85 -58.82
CA PRO D 450 3.70 -105.43 -60.16
C PRO D 450 3.69 -106.57 -61.19
N GLU D 466 4.85 -121.34 -57.95
CA GLU D 466 5.90 -121.84 -57.08
C GLU D 466 5.38 -122.23 -55.68
N ARG D 467 6.29 -122.69 -54.81
CA ARG D 467 5.93 -123.20 -53.49
C ARG D 467 6.66 -122.52 -52.34
N ILE D 468 5.89 -122.14 -51.33
CA ILE D 468 6.41 -121.50 -50.12
C ILE D 468 6.78 -122.52 -49.06
N LYS D 469 7.96 -122.34 -48.46
CA LYS D 469 8.38 -123.14 -47.32
C LYS D 469 8.17 -122.35 -46.02
N THR D 470 7.42 -122.94 -45.10
CA THR D 470 7.10 -122.31 -43.83
C THR D 470 7.87 -122.94 -42.67
N THR D 471 8.41 -122.11 -41.79
CA THR D 471 9.14 -122.60 -40.64
C THR D 471 8.21 -123.37 -39.71
N SER D 472 8.78 -124.20 -38.85
CA SER D 472 7.99 -124.92 -37.85
C SER D 472 7.76 -124.05 -36.63
N SER D 473 8.63 -123.04 -36.43
CA SER D 473 8.58 -122.22 -35.22
C SER D 473 7.99 -120.84 -35.38
N ILE D 474 7.05 -120.51 -34.50
CA ILE D 474 6.39 -119.22 -34.55
C ILE D 474 6.95 -118.33 -33.44
N GLU D 475 7.83 -118.88 -32.61
CA GLU D 475 8.30 -118.14 -31.45
C GLU D 475 8.88 -116.79 -31.84
N PHE D 476 9.68 -116.75 -32.89
CA PHE D 476 10.29 -115.47 -33.30
C PHE D 476 9.26 -114.34 -33.39
N ALA D 477 8.12 -114.58 -34.00
CA ALA D 477 7.09 -113.55 -34.13
C ALA D 477 6.39 -113.27 -32.81
N ARG D 478 6.39 -114.25 -31.92
CA ARG D 478 5.81 -114.06 -30.60
C ARG D 478 6.78 -113.35 -29.64
N LEU D 479 8.07 -113.62 -29.78
CA LEU D 479 9.09 -112.83 -29.12
C LEU D 479 9.02 -111.41 -29.65
N GLN D 480 8.87 -111.29 -30.96
CA GLN D 480 8.70 -109.99 -31.56
C GLN D 480 7.51 -109.30 -30.91
N PHE D 481 6.39 -109.99 -30.81
CA PHE D 481 5.18 -109.34 -30.32
C PHE D 481 5.36 -108.90 -28.88
N THR D 482 6.00 -109.74 -28.10
CA THR D 482 6.17 -109.46 -26.68
C THR D 482 7.19 -108.34 -26.44
N TYR D 483 8.30 -108.37 -27.17
CA TYR D 483 9.32 -107.33 -27.03
C TYR D 483 8.78 -105.97 -27.41
N ASN D 484 8.13 -105.91 -28.56
CA ASN D 484 7.69 -104.65 -29.06
C ASN D 484 6.71 -104.00 -28.11
N HIS D 485 5.80 -104.81 -27.60
CA HIS D 485 4.76 -104.30 -26.72
C HIS D 485 5.35 -103.69 -25.47
N ILE D 486 6.31 -104.39 -24.89
CA ILE D 486 7.00 -103.90 -23.72
C ILE D 486 7.86 -102.72 -24.12
N GLN D 487 8.62 -102.87 -25.20
CA GLN D 487 9.49 -101.79 -25.66
C GLN D 487 8.76 -100.44 -25.77
N ARG D 488 7.59 -100.43 -26.39
CA ARG D 488 6.86 -99.18 -26.57
C ARG D 488 6.38 -98.65 -25.25
N HIS D 489 5.91 -99.54 -24.39
CA HIS D 489 5.33 -99.10 -23.15
C HIS D 489 6.34 -98.35 -22.29
N VAL D 490 7.53 -98.91 -22.10
CA VAL D 490 8.48 -98.23 -21.26
C VAL D 490 9.05 -97.00 -21.94
N ASN D 491 9.32 -97.09 -23.23
CA ASN D 491 9.77 -95.90 -23.95
C ASN D 491 8.78 -94.76 -23.77
N ASP D 492 7.50 -95.10 -23.79
CA ASP D 492 6.46 -94.10 -23.59
C ASP D 492 6.47 -93.49 -22.21
N MET D 493 6.36 -94.31 -21.17
CA MET D 493 6.26 -93.79 -19.80
C MET D 493 7.58 -93.15 -19.32
N LEU D 494 8.71 -93.71 -19.72
CA LEU D 494 9.98 -93.08 -19.41
C LEU D 494 10.15 -91.84 -20.28
N GLY D 495 9.50 -91.85 -21.44
CA GLY D 495 9.54 -90.68 -22.29
C GLY D 495 8.84 -89.51 -21.62
N ARG D 496 7.80 -89.83 -20.85
CA ARG D 496 6.97 -88.84 -20.20
C ARG D 496 7.60 -88.38 -18.89
N VAL D 497 8.18 -89.32 -18.19
CA VAL D 497 8.99 -89.00 -17.03
C VAL D 497 10.10 -88.02 -17.38
N ALA D 498 10.79 -88.28 -18.49
CA ALA D 498 11.83 -87.40 -18.97
C ALA D 498 11.26 -86.04 -19.27
N ILE D 499 10.02 -86.02 -19.75
CA ILE D 499 9.40 -84.77 -20.13
C ILE D 499 9.03 -83.98 -18.88
N ALA D 500 8.39 -84.64 -17.93
CA ALA D 500 8.00 -83.98 -16.68
C ALA D 500 9.22 -83.50 -15.89
N TRP D 501 10.24 -84.34 -15.79
CA TRP D 501 11.41 -83.98 -15.03
C TRP D 501 11.91 -82.64 -15.49
N CYS D 502 12.13 -82.51 -16.79
CA CYS D 502 12.65 -81.28 -17.35
C CYS D 502 11.72 -80.08 -17.10
N GLU D 503 10.42 -80.26 -17.18
CA GLU D 503 9.53 -79.16 -16.87
C GLU D 503 9.63 -78.79 -15.41
N LEU D 504 10.04 -79.74 -14.59
CA LEU D 504 10.20 -79.50 -13.18
C LEU D 504 11.46 -78.70 -12.92
N GLN D 505 12.52 -79.00 -13.67
CA GLN D 505 13.78 -78.30 -13.48
C GLN D 505 13.64 -76.87 -13.98
N ASN D 506 12.89 -76.70 -15.06
CA ASN D 506 12.62 -75.40 -15.64
C ASN D 506 11.86 -74.51 -14.66
N HIS D 507 10.89 -75.10 -13.96
CA HIS D 507 10.02 -74.34 -13.07
C HIS D 507 10.66 -74.03 -11.72
N GLU D 508 11.38 -74.99 -11.15
CA GLU D 508 11.98 -74.76 -9.85
C GLU D 508 13.02 -73.65 -9.92
N LEU D 509 13.57 -73.44 -11.11
CA LEU D 509 14.47 -72.31 -11.31
C LEU D 509 13.87 -71.05 -10.73
N THR D 510 12.61 -70.79 -11.07
CA THR D 510 11.90 -69.63 -10.57
C THR D 510 11.96 -69.56 -9.05
N LEU D 511 11.77 -70.70 -8.40
CA LEU D 511 11.94 -70.76 -6.97
C LEU D 511 13.36 -70.38 -6.59
N TRP D 512 14.34 -70.96 -7.29
CA TRP D 512 15.73 -70.69 -6.96
C TRP D 512 16.09 -69.22 -7.06
N ASN D 513 15.52 -68.54 -8.04
CA ASN D 513 15.80 -67.12 -8.22
C ASN D 513 15.45 -66.25 -7.02
N GLU D 514 14.40 -66.64 -6.30
CA GLU D 514 13.96 -65.91 -5.13
C GLU D 514 14.79 -66.29 -3.91
N ALA D 515 15.02 -67.59 -3.75
CA ALA D 515 15.77 -68.10 -2.62
C ALA D 515 17.21 -67.59 -2.58
N ARG D 516 17.82 -67.39 -3.74
CA ARG D 516 19.19 -66.89 -3.79
C ARG D 516 19.28 -65.57 -3.03
N LYS D 517 18.28 -64.73 -3.20
CA LYS D 517 18.28 -63.42 -2.59
C LYS D 517 18.25 -63.48 -1.06
N LEU D 518 17.60 -64.49 -0.51
CA LEU D 518 17.48 -64.58 0.95
C LEU D 518 18.75 -65.14 1.57
N ASN D 519 19.42 -66.01 0.84
CA ASN D 519 20.58 -66.68 1.39
C ASN D 519 21.54 -67.07 0.29
N PRO D 520 22.40 -66.13 -0.10
CA PRO D 520 23.23 -66.33 -1.28
C PRO D 520 24.29 -67.39 -1.04
N ASN D 521 24.85 -67.43 0.16
CA ASN D 521 25.92 -68.39 0.43
C ASN D 521 25.39 -69.79 0.23
N ALA D 522 24.30 -70.11 0.92
CA ALA D 522 23.69 -71.43 0.84
C ALA D 522 23.26 -71.82 -0.58
N ILE D 523 22.55 -70.94 -1.27
CA ILE D 523 22.14 -71.29 -2.63
C ILE D 523 23.36 -71.41 -3.51
N ALA D 524 24.27 -70.44 -3.41
CA ALA D 524 25.50 -70.55 -4.18
C ALA D 524 26.29 -71.80 -3.81
N SER D 525 26.34 -72.12 -2.52
CA SER D 525 27.13 -73.24 -2.05
C SER D 525 26.67 -74.54 -2.69
N VAL D 526 25.36 -74.73 -2.76
CA VAL D 526 24.82 -75.97 -3.31
C VAL D 526 24.78 -75.96 -4.83
N THR D 527 24.28 -74.88 -5.41
CA THR D 527 24.23 -74.76 -6.87
C THR D 527 25.60 -74.98 -7.47
N VAL D 528 26.62 -74.37 -6.88
CA VAL D 528 27.98 -74.46 -7.39
C VAL D 528 28.66 -75.78 -7.04
N GLY D 529 28.36 -76.31 -5.86
CA GLY D 529 28.87 -77.62 -5.50
C GLY D 529 29.70 -77.67 -4.23
N ARG D 530 30.39 -76.58 -3.91
CA ARG D 530 31.28 -76.50 -2.75
C ARG D 530 30.88 -75.31 -1.89
N ARG D 531 31.26 -75.32 -0.60
CA ARG D 531 30.95 -74.19 0.29
C ARG D 531 31.57 -72.92 -0.24
N VAL D 532 30.72 -71.97 -0.60
CA VAL D 532 31.18 -70.68 -1.07
C VAL D 532 30.52 -69.56 -0.29
N SER D 533 31.08 -68.36 -0.42
CA SER D 533 30.42 -67.17 0.07
C SER D 533 29.96 -66.43 -1.18
N ALA D 534 28.81 -65.79 -1.09
CA ALA D 534 28.30 -65.09 -2.25
C ALA D 534 27.40 -63.95 -1.83
N ARG D 535 27.02 -63.18 -2.83
CA ARG D 535 26.07 -62.09 -2.68
C ARG D 535 25.69 -61.67 -4.11
N MET D 536 24.55 -61.02 -4.27
CA MET D 536 24.15 -60.55 -5.57
C MET D 536 24.93 -59.31 -5.98
N LEU D 537 25.11 -59.15 -7.29
CA LEU D 537 25.65 -57.93 -7.87
C LEU D 537 24.74 -57.57 -9.01
N GLY D 538 23.55 -57.12 -8.67
CA GLY D 538 22.52 -56.91 -9.66
C GLY D 538 21.84 -58.22 -9.94
N ASP D 539 21.93 -58.71 -11.17
CA ASP D 539 21.27 -59.93 -11.57
C ASP D 539 22.26 -61.07 -11.78
N VAL D 540 23.37 -60.99 -11.08
CA VAL D 540 24.44 -61.96 -11.21
C VAL D 540 25.07 -62.10 -9.84
N MET D 541 25.64 -63.28 -9.57
CA MET D 541 26.08 -63.61 -8.23
C MET D 541 27.60 -63.68 -8.14
N ALA D 542 28.17 -62.97 -7.18
CA ALA D 542 29.60 -63.03 -6.95
C ALA D 542 29.89 -64.11 -5.92
N VAL D 543 30.94 -64.88 -6.16
CA VAL D 543 31.30 -65.99 -5.27
C VAL D 543 32.78 -66.03 -4.96
N SER D 544 33.11 -66.27 -3.69
CA SER D 544 34.49 -66.57 -3.33
C SER D 544 34.47 -67.82 -2.46
N THR D 545 35.57 -68.55 -2.42
CA THR D 545 35.55 -69.81 -1.68
C THR D 545 35.89 -69.63 -0.21
N CYS D 546 35.18 -70.35 0.64
CA CYS D 546 35.41 -70.29 2.07
C CYS D 546 36.75 -70.89 2.46
N VAL D 547 37.07 -70.75 3.75
CA VAL D 547 38.25 -71.36 4.33
C VAL D 547 37.79 -72.22 5.48
N PRO D 548 38.38 -73.41 5.63
CA PRO D 548 37.98 -74.26 6.75
C PRO D 548 38.72 -73.87 8.01
N VAL D 549 38.10 -74.10 9.15
CA VAL D 549 38.76 -73.91 10.42
C VAL D 549 38.46 -75.17 11.19
N ALA D 550 39.41 -75.62 12.00
CA ALA D 550 39.24 -76.86 12.77
C ALA D 550 38.11 -76.69 13.77
N ALA D 551 37.96 -77.64 14.70
CA ALA D 551 36.91 -77.52 15.71
C ALA D 551 37.52 -77.38 17.10
N ASP D 552 38.69 -77.95 17.29
CA ASP D 552 39.46 -77.73 18.50
C ASP D 552 40.01 -76.31 18.40
N ASN D 553 39.86 -75.73 17.22
CA ASN D 553 40.30 -74.38 16.95
C ASN D 553 39.15 -73.40 17.00
N VAL D 554 38.02 -73.86 17.53
CA VAL D 554 36.84 -73.02 17.61
C VAL D 554 36.22 -73.08 18.98
N ILE D 555 36.12 -71.91 19.63
CA ILE D 555 35.51 -71.78 20.95
C ILE D 555 34.27 -70.92 20.86
N VAL D 556 33.28 -71.23 21.70
CA VAL D 556 32.08 -70.39 21.81
C VAL D 556 31.99 -69.66 23.16
N GLN D 557 31.72 -68.36 23.11
CA GLN D 557 31.58 -67.53 24.30
C GLN D 557 30.30 -67.81 25.07
N ASN D 558 30.31 -67.48 26.36
CA ASN D 558 29.19 -67.83 27.23
C ASN D 558 27.96 -66.94 27.11
N SER D 559 28.15 -65.67 26.76
CA SER D 559 27.05 -64.71 26.82
C SER D 559 26.75 -64.05 25.48
N MET D 560 25.48 -63.77 25.24
CA MET D 560 25.08 -63.01 24.05
C MET D 560 24.59 -61.61 24.41
N ARG D 561 24.91 -61.19 25.63
CA ARG D 561 24.52 -59.86 26.09
C ARG D 561 25.63 -58.87 25.77
N ILE D 562 25.25 -57.66 25.38
CA ILE D 562 26.20 -56.60 25.12
C ILE D 562 26.17 -55.62 26.29
N SER D 563 27.26 -55.58 27.03
CA SER D 563 27.34 -54.75 28.23
C SER D 563 27.22 -53.25 27.88
N SER D 564 28.00 -52.81 26.91
CA SER D 564 27.98 -51.41 26.50
C SER D 564 26.72 -51.02 25.72
N ARG D 565 25.69 -51.84 25.80
CA ARG D 565 24.42 -51.52 25.15
C ARG D 565 23.27 -52.24 25.83
N PRO D 566 23.13 -52.02 27.14
CA PRO D 566 22.02 -52.62 27.87
C PRO D 566 20.74 -52.62 27.02
N GLY D 567 20.02 -53.74 27.01
CA GLY D 567 18.82 -53.85 26.19
C GLY D 567 19.11 -54.29 24.77
N ALA D 568 20.40 -54.41 24.44
CA ALA D 568 20.84 -54.88 23.13
C ALA D 568 21.61 -56.19 23.30
N CYS D 569 21.23 -57.17 22.50
CA CYS D 569 21.77 -58.53 22.60
C CYS D 569 22.04 -59.08 21.23
N TYR D 570 23.06 -59.94 21.14
CA TYR D 570 23.35 -60.68 19.92
C TYR D 570 22.23 -61.65 19.57
N SER D 571 21.89 -61.71 18.29
CA SER D 571 20.97 -62.70 17.76
C SER D 571 21.58 -64.09 17.80
N ARG D 572 22.88 -64.16 17.52
CA ARG D 572 23.58 -65.44 17.43
C ARG D 572 24.79 -65.43 18.36
N PRO D 573 25.43 -66.59 18.53
CA PRO D 573 26.57 -66.69 19.45
C PRO D 573 27.81 -65.99 18.94
N LEU D 574 28.63 -65.48 19.86
CA LEU D 574 29.91 -64.90 19.51
C LEU D 574 30.92 -66.03 19.57
N VAL D 575 31.98 -65.93 18.79
CA VAL D 575 32.98 -66.98 18.80
C VAL D 575 34.37 -66.43 18.65
N SER D 576 35.33 -67.28 18.99
CA SER D 576 36.73 -67.06 18.62
C SER D 576 37.29 -68.34 18.04
N PHE D 577 38.17 -68.18 17.05
CA PHE D 577 38.74 -69.32 16.39
C PHE D 577 40.15 -69.02 15.96
N ARG D 578 40.76 -69.98 15.27
CA ARG D 578 42.07 -69.80 14.68
C ARG D 578 42.14 -70.63 13.43
N TYR D 579 42.71 -70.07 12.37
CA TYR D 579 42.86 -70.78 11.10
C TYR D 579 43.86 -71.92 11.28
N GLU D 580 44.91 -71.62 12.04
CA GLU D 580 45.98 -72.57 12.33
C GLU D 580 45.82 -72.99 13.78
N ASP D 581 46.38 -74.14 14.14
CA ASP D 581 46.25 -74.68 15.49
C ASP D 581 47.06 -73.91 16.55
N GLN D 582 47.78 -72.88 16.13
CA GLN D 582 48.63 -72.11 17.04
C GLN D 582 48.44 -70.60 16.91
N GLY D 583 47.68 -70.19 15.90
CA GLY D 583 47.55 -68.78 15.58
C GLY D 583 46.72 -67.97 16.57
N PRO D 584 46.68 -66.66 16.33
CA PRO D 584 45.89 -65.72 17.14
C PRO D 584 44.40 -66.00 17.03
N LEU D 585 43.72 -65.92 18.17
CA LEU D 585 42.27 -66.04 18.22
C LEU D 585 41.60 -64.83 17.59
N VAL D 586 40.79 -65.11 16.58
CA VAL D 586 40.04 -64.07 15.88
C VAL D 586 38.64 -63.96 16.46
N GLU D 587 38.14 -62.73 16.53
CA GLU D 587 36.85 -62.48 17.16
C GLU D 587 35.77 -62.26 16.12
N GLY D 588 34.93 -63.26 15.90
CA GLY D 588 33.77 -63.12 15.03
C GLY D 588 32.52 -63.68 15.70
N GLN D 589 31.49 -63.96 14.92
CA GLN D 589 30.35 -64.69 15.48
C GLN D 589 29.81 -65.81 14.57
N LEU D 590 28.96 -66.64 15.15
CA LEU D 590 28.54 -67.89 14.52
C LEU D 590 27.35 -67.69 13.60
N GLY D 591 27.60 -67.78 12.30
CA GLY D 591 26.54 -67.76 11.31
C GLY D 591 25.84 -69.09 11.28
N GLU D 592 25.21 -69.40 10.15
CA GLU D 592 24.54 -70.68 10.02
C GLU D 592 25.47 -71.73 9.44
N ASN D 593 25.20 -72.98 9.81
CA ASN D 593 25.89 -74.12 9.24
C ASN D 593 27.40 -74.02 9.41
N ASN D 594 27.82 -73.70 10.64
CA ASN D 594 29.24 -73.63 10.99
C ASN D 594 30.02 -72.61 10.16
N GLU D 595 29.32 -71.60 9.66
CA GLU D 595 30.01 -70.49 9.03
C GLU D 595 30.41 -69.48 10.08
N LEU D 596 31.71 -69.33 10.27
CA LEU D 596 32.25 -68.33 11.18
C LEU D 596 32.23 -66.96 10.49
N ARG D 597 31.32 -66.09 10.93
CA ARG D 597 31.23 -64.76 10.35
C ARG D 597 32.26 -63.80 10.95
N LEU D 598 32.75 -62.88 10.13
CA LEU D 598 33.85 -61.99 10.51
C LEU D 598 33.45 -60.82 11.41
N THR D 599 32.29 -60.23 11.13
CA THR D 599 31.86 -59.08 11.93
C THR D 599 30.85 -59.53 12.99
N ARG D 600 30.93 -58.92 14.17
CA ARG D 600 29.95 -59.22 15.21
C ARG D 600 28.79 -58.24 15.15
N ASP D 601 28.13 -58.16 14.00
CA ASP D 601 27.05 -57.18 13.78
C ASP D 601 25.63 -57.70 13.92
N ALA D 602 25.44 -59.01 14.00
CA ALA D 602 24.09 -59.59 14.10
C ALA D 602 23.49 -59.35 15.48
N ILE D 603 22.73 -58.27 15.59
CA ILE D 603 22.29 -57.80 16.90
C ILE D 603 20.82 -57.37 16.94
N GLU D 604 20.19 -57.64 18.07
CA GLU D 604 18.76 -57.41 18.25
C GLU D 604 18.50 -56.74 19.60
N PRO D 605 17.35 -56.07 19.74
CA PRO D 605 16.90 -55.60 21.07
C PRO D 605 16.54 -56.81 21.94
N CYS D 606 17.04 -56.83 23.17
CA CYS D 606 16.83 -57.98 24.04
C CYS D 606 15.36 -58.20 24.41
N THR D 607 15.05 -59.42 24.82
CA THR D 607 13.72 -59.81 25.29
C THR D 607 13.87 -60.95 26.30
N VAL D 608 12.75 -61.45 26.81
CA VAL D 608 12.79 -62.60 27.72
C VAL D 608 12.26 -63.85 27.03
N GLY D 609 12.19 -64.95 27.79
CA GLY D 609 11.77 -66.23 27.24
C GLY D 609 12.72 -66.74 26.16
N HIS D 610 13.80 -66.00 25.92
CA HIS D 610 14.82 -66.39 24.96
C HIS D 610 15.29 -67.80 25.19
N ARG D 611 15.06 -68.65 24.19
CA ARG D 611 15.73 -69.92 24.06
C ARG D 611 16.11 -69.99 22.59
N ARG D 612 17.33 -70.43 22.28
CA ARG D 612 17.76 -70.63 20.91
C ARG D 612 18.55 -71.93 20.80
N TYR D 613 18.52 -72.53 19.63
CA TYR D 613 19.40 -73.65 19.30
C TYR D 613 20.21 -73.26 18.08
N PHE D 614 21.52 -73.24 18.19
CA PHE D 614 22.35 -72.88 17.04
C PHE D 614 23.24 -74.05 16.64
N THR D 615 23.24 -74.37 15.36
CA THR D 615 24.12 -75.40 14.81
C THR D 615 25.55 -75.12 15.24
N PHE D 616 26.25 -76.16 15.66
CA PHE D 616 27.58 -75.97 16.20
C PHE D 616 28.30 -77.30 16.18
N GLY D 617 29.21 -77.46 15.23
CA GLY D 617 29.87 -78.73 15.03
C GLY D 617 28.92 -79.77 14.46
N GLY D 618 28.94 -80.97 15.03
CA GLY D 618 28.07 -82.03 14.58
C GLY D 618 26.73 -82.01 15.30
N GLY D 619 26.48 -80.93 16.01
CA GLY D 619 25.25 -80.79 16.76
C GLY D 619 24.82 -79.35 16.98
N TYR D 620 24.12 -79.11 18.08
CA TYR D 620 23.68 -77.77 18.41
C TYR D 620 24.27 -77.27 19.70
N VAL D 621 24.25 -75.96 19.85
CA VAL D 621 24.53 -75.30 21.10
C VAL D 621 23.25 -74.58 21.55
N TYR D 622 22.84 -74.80 22.78
CA TYR D 622 21.59 -74.24 23.28
C TYR D 622 21.78 -73.07 24.26
N PHE D 623 21.00 -72.01 24.06
CA PHE D 623 21.09 -70.79 24.85
C PHE D 623 19.74 -70.44 25.49
N GLU D 624 19.78 -70.16 26.78
CA GLU D 624 18.62 -69.67 27.51
C GLU D 624 18.90 -68.24 27.95
N GLU D 625 17.93 -67.36 27.73
CA GLU D 625 18.07 -65.96 28.14
C GLU D 625 19.46 -65.39 27.81
N TYR D 626 19.88 -65.54 26.56
CA TYR D 626 21.15 -64.98 26.06
C TYR D 626 22.42 -65.47 26.80
N ALA D 627 22.24 -66.49 27.62
CA ALA D 627 23.36 -67.14 28.30
C ALA D 627 23.57 -68.57 27.78
N TYR D 628 24.82 -68.90 27.48
CA TYR D 628 25.16 -70.25 27.07
C TYR D 628 24.67 -71.22 28.12
N SER D 629 23.94 -72.24 27.68
CA SER D 629 23.38 -73.22 28.59
C SER D 629 24.09 -74.58 28.50
N HIS D 630 24.13 -75.16 27.31
CA HIS D 630 24.82 -76.44 27.08
C HIS D 630 24.79 -76.91 25.62
N GLN D 631 25.32 -78.10 25.37
CA GLN D 631 25.35 -78.65 24.02
C GLN D 631 24.46 -79.88 23.87
N LEU D 632 24.13 -80.21 22.62
CA LEU D 632 23.20 -81.29 22.28
C LEU D 632 23.61 -81.92 20.96
N SER D 633 23.28 -83.19 20.79
CA SER D 633 23.52 -83.87 19.52
C SER D 633 22.26 -83.85 18.68
N ARG D 634 22.40 -84.06 17.37
CA ARG D 634 21.24 -84.11 16.48
C ARG D 634 20.25 -85.18 16.94
N ALA D 635 20.79 -86.25 17.53
CA ALA D 635 19.97 -87.36 18.00
C ALA D 635 19.01 -86.88 19.07
N ASP D 636 19.45 -85.86 19.82
CA ASP D 636 18.64 -85.33 20.91
C ASP D 636 17.44 -84.53 20.42
N ILE D 637 17.42 -84.21 19.12
CA ILE D 637 16.29 -83.50 18.52
C ILE D 637 15.57 -84.43 17.56
N THR D 638 14.25 -84.44 17.66
CA THR D 638 13.43 -85.25 16.79
C THR D 638 13.58 -84.75 15.37
N THR D 639 13.47 -85.67 14.42
CA THR D 639 13.65 -85.35 13.01
C THR D 639 12.38 -85.53 12.20
N VAL D 640 12.15 -84.59 11.30
CA VAL D 640 11.10 -84.71 10.30
C VAL D 640 11.75 -84.42 8.96
N SER D 641 11.19 -84.92 7.87
CA SER D 641 11.84 -84.81 6.58
C SER D 641 11.15 -83.85 5.63
N THR D 642 11.93 -83.18 4.77
CA THR D 642 11.36 -82.47 3.64
C THR D 642 11.47 -83.36 2.39
N PHE D 643 12.06 -84.54 2.55
CA PHE D 643 12.28 -85.44 1.43
C PHE D 643 11.04 -86.25 1.10
N ILE D 644 10.76 -86.40 -0.19
CA ILE D 644 9.71 -87.30 -0.63
C ILE D 644 10.28 -88.65 -1.03
N ASP D 645 9.54 -89.70 -0.75
CA ASP D 645 10.05 -91.06 -0.87
C ASP D 645 9.90 -91.65 -2.26
N LEU D 646 10.76 -92.63 -2.53
CA LEU D 646 10.66 -93.49 -3.70
C LEU D 646 11.47 -94.79 -3.44
N ASN D 647 10.80 -95.94 -3.44
CA ASN D 647 11.51 -97.21 -3.33
C ASN D 647 11.48 -97.98 -4.64
N ILE D 648 12.43 -97.68 -5.50
CA ILE D 648 12.63 -98.46 -6.70
C ILE D 648 13.50 -99.63 -6.31
N THR D 649 13.16 -100.82 -6.77
CA THR D 649 14.07 -101.97 -6.64
C THR D 649 14.30 -102.51 -8.02
N MET D 650 15.42 -103.20 -8.19
N MET D 650 15.43 -103.17 -8.21
CA MET D 650 15.80 -103.73 -9.48
CA MET D 650 15.82 -103.65 -9.53
C MET D 650 15.00 -104.97 -9.83
C MET D 650 15.19 -105.01 -9.84
N LEU D 651 14.87 -105.23 -11.12
CA LEU D 651 14.32 -106.50 -11.57
C LEU D 651 15.37 -107.59 -11.40
N GLU D 652 14.97 -108.70 -10.80
CA GLU D 652 15.89 -109.81 -10.52
C GLU D 652 16.51 -110.39 -11.78
N ASP D 653 17.72 -110.93 -11.63
CA ASP D 653 18.31 -111.76 -12.68
C ASP D 653 17.54 -113.07 -12.72
N HIS D 654 17.31 -113.59 -13.91
CA HIS D 654 16.55 -114.83 -14.03
C HIS D 654 17.15 -115.79 -15.03
N GLU D 655 17.02 -117.08 -14.74
CA GLU D 655 17.61 -118.11 -15.57
C GLU D 655 16.51 -118.89 -16.28
N PHE D 656 16.54 -118.87 -17.62
CA PHE D 656 15.62 -119.68 -18.42
C PHE D 656 16.29 -120.99 -18.83
N VAL D 657 15.90 -122.07 -18.15
CA VAL D 657 16.48 -123.38 -18.40
C VAL D 657 15.84 -124.03 -19.61
N PRO D 658 16.63 -124.81 -20.35
CA PRO D 658 16.06 -125.49 -21.51
C PRO D 658 14.86 -126.29 -21.02
N LEU D 659 13.84 -126.41 -21.86
CA LEU D 659 12.66 -127.13 -21.45
C LEU D 659 11.89 -127.57 -22.67
N GLU D 660 11.61 -128.87 -22.74
CA GLU D 660 10.89 -129.49 -23.84
C GLU D 660 9.80 -130.36 -23.25
N VAL D 661 8.58 -130.23 -23.76
CA VAL D 661 7.50 -131.12 -23.36
C VAL D 661 7.86 -132.57 -23.71
N TYR D 662 7.86 -132.89 -25.00
CA TYR D 662 8.36 -134.18 -25.47
C TYR D 662 9.70 -133.97 -26.20
N THR D 663 10.74 -134.68 -25.76
CA THR D 663 12.06 -134.61 -26.39
C THR D 663 12.02 -135.24 -27.77
N ARG D 664 13.09 -135.05 -28.54
CA ARG D 664 13.15 -135.55 -29.91
C ARG D 664 13.09 -137.07 -29.89
N HIS D 665 13.73 -137.66 -28.89
CA HIS D 665 13.68 -139.10 -28.70
C HIS D 665 12.26 -139.61 -28.42
N GLU D 666 11.59 -139.03 -27.44
CA GLU D 666 10.24 -139.44 -27.10
C GLU D 666 9.36 -139.51 -28.34
N ILE D 667 9.38 -138.44 -29.13
CA ILE D 667 8.58 -138.38 -30.35
C ILE D 667 8.93 -139.51 -31.31
N LYS D 668 10.23 -139.74 -31.47
CA LYS D 668 10.72 -140.87 -32.27
C LYS D 668 10.20 -142.18 -31.69
N ASP D 669 10.39 -142.36 -30.39
CA ASP D 669 10.00 -143.59 -29.73
C ASP D 669 8.50 -143.68 -29.53
N SER D 670 7.74 -142.86 -30.24
CA SER D 670 6.29 -142.83 -30.04
C SER D 670 5.52 -143.52 -31.14
N GLY D 671 6.16 -143.75 -32.29
CA GLY D 671 5.57 -144.54 -33.36
C GLY D 671 5.70 -146.04 -33.08
N LEU D 672 4.60 -146.76 -33.25
CA LEU D 672 4.52 -148.16 -32.79
C LEU D 672 5.54 -149.06 -33.47
N LEU D 673 5.60 -149.03 -34.81
CA LEU D 673 6.64 -149.77 -35.51
C LEU D 673 7.67 -148.85 -36.17
N ASP D 674 8.94 -149.19 -35.99
CA ASP D 674 10.03 -148.49 -36.65
C ASP D 674 10.54 -149.35 -37.80
N TYR D 675 10.40 -148.83 -39.01
CA TYR D 675 10.74 -149.57 -40.22
C TYR D 675 12.22 -149.91 -40.30
N THR D 676 13.05 -149.02 -39.78
CA THR D 676 14.50 -149.17 -39.85
C THR D 676 14.95 -150.26 -38.91
N GLU D 677 14.39 -150.26 -37.71
CA GLU D 677 14.73 -151.25 -36.72
C GLU D 677 14.28 -152.66 -37.13
N VAL D 678 13.10 -152.76 -37.75
CA VAL D 678 12.59 -154.06 -38.17
C VAL D 678 13.38 -154.59 -39.36
N GLN D 679 13.74 -153.71 -40.27
CA GLN D 679 14.60 -154.07 -41.37
C GLN D 679 15.99 -154.52 -40.91
N ARG D 680 16.61 -153.76 -40.02
CA ARG D 680 17.93 -154.13 -39.55
C ARG D 680 17.90 -155.52 -38.93
N ARG D 681 16.88 -155.77 -38.10
CA ARG D 681 16.73 -157.04 -37.40
C ARG D 681 16.39 -158.18 -38.35
N ASN D 682 15.31 -158.00 -39.12
CA ASN D 682 14.89 -159.01 -40.08
C ASN D 682 16.03 -159.41 -40.99
N GLN D 683 16.88 -158.45 -41.34
CA GLN D 683 17.92 -158.73 -42.33
C GLN D 683 19.15 -159.41 -41.73
N LEU D 684 19.12 -159.65 -40.42
CA LEU D 684 20.19 -160.39 -39.73
C LEU D 684 19.86 -161.87 -39.49
N HIS D 685 18.69 -162.30 -39.94
CA HIS D 685 18.18 -163.60 -39.56
C HIS D 685 19.10 -164.76 -39.95
N ASP D 686 19.69 -164.70 -41.14
CA ASP D 686 20.52 -165.80 -41.61
C ASP D 686 21.94 -165.72 -41.03
N LEU D 687 22.36 -164.51 -40.71
CA LEU D 687 23.65 -164.32 -40.07
C LEU D 687 23.59 -164.87 -38.65
N ARG D 688 22.42 -164.80 -38.04
CA ARG D 688 22.29 -165.17 -36.65
C ARG D 688 21.92 -166.63 -36.49
N PHE D 689 21.08 -167.12 -37.37
CA PHE D 689 20.46 -168.43 -37.19
C PHE D 689 20.84 -169.50 -38.23
N ALA D 690 21.56 -169.10 -39.28
CA ALA D 690 21.90 -170.05 -40.34
C ALA D 690 23.38 -169.96 -40.75
N ASP D 691 23.67 -170.45 -41.95
CA ASP D 691 25.01 -170.36 -42.52
C ASP D 691 24.93 -169.93 -43.98
N ILE D 692 25.52 -168.79 -44.32
CA ILE D 692 25.37 -168.25 -45.67
C ILE D 692 26.57 -168.53 -46.57
N ASP D 693 27.53 -169.30 -46.06
CA ASP D 693 28.78 -169.52 -46.77
C ASP D 693 29.10 -170.96 -47.18
N THR D 694 28.87 -171.90 -46.27
CA THR D 694 29.27 -173.29 -46.51
C THR D 694 28.55 -173.97 -47.68
N VAL D 695 29.32 -174.41 -48.67
CA VAL D 695 28.78 -175.11 -49.82
C VAL D 695 28.90 -176.62 -49.63
N ILE D 696 27.78 -177.30 -49.78
CA ILE D 696 27.73 -178.74 -49.65
C ILE D 696 27.42 -179.36 -51.01
N HIS D 697 27.96 -180.57 -51.25
CA HIS D 697 27.64 -181.41 -52.41
C HIS D 697 28.21 -182.81 -52.23
C1 NAG E . 18.16 34.41 25.35
C2 NAG E . 18.24 32.88 25.51
C3 NAG E . 19.67 32.37 25.41
C4 NAG E . 20.36 32.92 24.19
C5 NAG E . 20.28 34.44 24.18
C6 NAG E . 20.92 35.00 22.91
C7 NAG E . 16.38 32.21 26.93
C8 NAG E . 15.91 32.01 28.33
N2 NAG E . 17.68 32.49 26.79
O3 NAG E . 19.65 30.95 25.35
O4 NAG E . 21.72 32.51 24.17
O5 NAG E . 18.93 34.88 24.25
O6 NAG E . 20.04 35.97 22.39
O7 NAG E . 15.60 32.12 25.98
OAB MRY F . 3.84 -16.94 27.50
CAA MRY F . 4.18 -16.14 26.37
CAC MRY F . 2.91 -15.67 25.65
OAD MRY F . 2.08 -14.90 26.54
CAE MRY F . 3.27 -14.81 24.44
OAF MRY F . 4.05 -15.61 23.54
CAG MRY F . 2.01 -14.33 23.72
OAH MRY F . 2.38 -13.54 22.60
OAB MRY G . -15.75 5.39 5.44
CAA MRY G . -15.11 6.67 5.17
CAC MRY G . -14.04 6.90 6.26
OAD MRY G . -13.22 5.73 6.48
CAE MRY G . -13.25 8.19 6.08
OAF MRY G . -12.23 8.21 7.07
CAG MRY G . -12.53 8.33 4.76
OAH MRY G . -11.83 9.64 4.74
C1 NAG H . 5.82 -31.10 -33.13
C2 NAG H . 5.46 -29.60 -33.21
C3 NAG H . 6.43 -28.84 -34.11
C4 NAG H . 7.89 -29.15 -33.80
C5 NAG H . 8.16 -30.65 -33.69
C6 NAG H . 9.56 -30.90 -33.12
C7 NAG H . 3.28 -28.48 -33.11
C8 NAG H . 1.92 -28.29 -33.72
N2 NAG H . 4.09 -29.39 -33.67
O3 NAG H . 6.21 -27.45 -33.94
O4 NAG H . 8.71 -28.60 -34.80
O5 NAG H . 7.21 -31.32 -32.87
O6 NAG H . 9.77 -30.20 -31.91
O7 NAG H . 3.61 -27.81 -32.14
OAB MRY I . -16.28 12.59 -18.56
CAA MRY I . -16.77 12.42 -19.89
CAC MRY I . -16.75 13.77 -20.61
OAD MRY I . -15.39 14.27 -20.63
CAE MRY I . -17.29 13.63 -22.05
OAF MRY I . -18.63 13.10 -22.03
CAG MRY I . -17.29 14.97 -22.79
OAH MRY I . -17.84 14.77 -24.10
C1 NAG J . 1.51 90.66 37.38
C2 NAG J . 2.93 91.08 36.99
C3 NAG J . 3.99 89.98 37.05
C4 NAG J . 3.72 89.02 38.19
C5 NAG J . 2.29 88.52 38.09
C6 NAG J . 2.01 87.42 39.10
C7 NAG J . 3.84 92.39 35.17
C8 NAG J . 3.59 93.06 33.86
N2 NAG J . 2.89 91.59 35.63
O3 NAG J . 5.26 90.57 37.23
O4 NAG J . 4.61 87.93 38.07
O5 NAG J . 1.43 89.61 38.34
O6 NAG J . 1.11 87.91 40.07
O7 NAG J . 4.89 92.59 35.78
OAB MRY K . -9.77 154.08 56.65
CAA MRY K . -10.17 153.98 55.29
CAC MRY K . -10.58 155.36 54.79
OAD MRY K . -9.47 156.26 54.92
CAE MRY K . -11.02 155.26 53.34
OAF MRY K . -12.16 154.40 53.29
CAG MRY K . -11.43 156.62 52.77
OAH MRY K . -11.83 156.46 51.42
C1 NAG L . 11.52 -108.14 -49.02
C2 NAG L . 11.59 -109.66 -48.74
C3 NAG L . 13.01 -110.23 -48.78
C4 NAG L . 13.87 -109.62 -49.88
C5 NAG L . 13.77 -108.10 -49.83
C6 NAG L . 14.64 -107.43 -50.90
C7 NAG L . 9.74 -110.54 -47.42
C8 NAG L . 9.53 -111.61 -46.38
N2 NAG L . 10.96 -109.96 -47.47
O3 NAG L . 12.93 -111.62 -48.97
O4 NAG L . 15.21 -110.05 -49.74
O5 NAG L . 12.43 -107.70 -50.03
O6 NAG L . 14.32 -106.05 -50.92
O7 NAG L . 8.82 -110.24 -48.19
OAB MRY M . -4.06 -156.48 -51.29
CAA MRY M . -3.25 -156.47 -50.12
CAC MRY M . -2.97 -157.92 -49.74
OAD MRY M . -2.32 -158.53 -50.84
CAE MRY M . -2.09 -157.96 -48.48
OAF MRY M . -2.77 -157.27 -47.42
CAG MRY M . -1.76 -159.40 -48.05
OAH MRY M . -0.91 -159.39 -46.88
#